data_2JXT
#
_entry.id   2JXT
#
_entity_poly.entity_id   1
_entity_poly.type   'polypeptide(L)'
_entity_poly.pdbx_seq_one_letter_code
;MKMKTKIFRVKGKFLMGDKLQPFTKELNAIREEEIYERLYSEFGSKHRVPRSKVKIEEIEEISPEEVQDPVVKALVQRLE
HHHHHH
;
_entity_poly.pdbx_strand_id   A
#
# COMPACT_ATOMS: atom_id res chain seq x y z
N MET A 1 0.09 -8.17 18.20
CA MET A 1 0.29 -6.84 18.82
C MET A 1 0.17 -5.71 17.81
N LYS A 2 -0.71 -4.74 18.07
CA LYS A 2 -0.89 -3.59 17.17
C LYS A 2 0.20 -2.52 17.40
N MET A 3 0.49 -1.74 16.37
CA MET A 3 1.53 -0.70 16.44
C MET A 3 1.23 0.45 15.48
N LYS A 4 2.13 1.43 15.43
CA LYS A 4 2.08 2.47 14.41
C LYS A 4 2.34 1.86 13.02
N THR A 5 1.36 2.00 12.12
CA THR A 5 1.39 1.32 10.82
C THR A 5 2.61 1.73 9.97
N LYS A 6 3.24 0.71 9.36
CA LYS A 6 4.38 0.91 8.47
C LYS A 6 3.92 1.06 7.02
N ILE A 7 4.35 2.12 6.35
CA ILE A 7 3.97 2.33 4.94
C ILE A 7 4.97 1.62 4.00
N PHE A 8 4.51 0.56 3.35
CA PHE A 8 5.36 -0.20 2.44
C PHE A 8 5.21 0.26 0.99
N ARG A 9 6.22 0.97 0.50
CA ARG A 9 6.29 1.38 -0.91
C ARG A 9 6.65 0.18 -1.81
N VAL A 10 5.63 -0.52 -2.27
CA VAL A 10 5.79 -1.68 -3.14
C VAL A 10 6.00 -1.28 -4.61
N LYS A 11 6.93 -1.95 -5.27
CA LYS A 11 7.22 -1.70 -6.68
C LYS A 11 7.21 -3.02 -7.48
N GLY A 12 6.17 -3.23 -8.29
CA GLY A 12 6.02 -4.51 -8.99
C GLY A 12 5.29 -4.43 -10.32
N LYS A 13 4.75 -5.57 -10.78
CA LYS A 13 4.05 -5.64 -12.07
C LYS A 13 2.69 -6.34 -11.92
N PHE A 14 1.67 -5.86 -12.63
CA PHE A 14 0.38 -6.56 -12.67
C PHE A 14 0.00 -6.92 -14.13
N LEU A 15 -0.44 -8.16 -14.32
CA LEU A 15 -0.77 -8.68 -15.64
C LEU A 15 -2.19 -8.23 -16.07
N MET A 16 -2.24 -7.35 -17.07
CA MET A 16 -3.51 -6.90 -17.66
C MET A 16 -3.44 -7.00 -19.19
N GLY A 17 -4.42 -7.68 -19.79
CA GLY A 17 -4.42 -7.88 -21.24
C GLY A 17 -3.21 -8.66 -21.73
N ASP A 18 -2.78 -9.65 -20.94
CA ASP A 18 -1.59 -10.45 -21.24
C ASP A 18 -0.31 -9.59 -21.32
N LYS A 19 -0.36 -8.41 -20.69
CA LYS A 19 0.78 -7.49 -20.64
C LYS A 19 1.10 -7.10 -19.19
N LEU A 20 2.38 -7.01 -18.86
CA LEU A 20 2.81 -6.63 -17.50
C LEU A 20 2.97 -5.12 -17.35
N GLN A 21 2.07 -4.49 -16.58
CA GLN A 21 2.17 -3.06 -16.27
C GLN A 21 2.83 -2.84 -14.89
N PRO A 22 3.88 -2.01 -14.82
CA PRO A 22 4.56 -1.70 -13.54
C PRO A 22 3.76 -0.73 -12.65
N PHE A 23 3.83 -0.92 -11.33
CA PHE A 23 3.11 -0.07 -10.38
C PHE A 23 3.98 0.28 -9.16
N THR A 24 3.72 1.45 -8.57
CA THR A 24 4.37 1.87 -7.32
C THR A 24 3.30 2.11 -6.24
N LYS A 25 3.07 1.10 -5.40
CA LYS A 25 2.01 1.14 -4.40
C LYS A 25 2.52 1.45 -2.98
N GLU A 26 2.20 2.65 -2.49
CA GLU A 26 2.50 3.00 -1.09
C GLU A 26 1.28 2.67 -0.21
N LEU A 27 1.36 1.58 0.54
CA LEU A 27 0.24 1.17 1.41
C LEU A 27 0.71 0.93 2.85
N ASN A 28 -0.10 1.36 3.82
CA ASN A 28 0.25 1.19 5.24
C ASN A 28 -0.24 -0.16 5.78
N ALA A 29 0.68 -0.93 6.34
CA ALA A 29 0.38 -2.24 6.92
C ALA A 29 1.19 -2.49 8.19
N ILE A 30 1.12 -3.71 8.71
CA ILE A 30 1.91 -4.09 9.90
C ILE A 30 3.12 -4.97 9.49
N ARG A 31 2.90 -5.88 8.54
CA ARG A 31 3.91 -6.85 8.14
C ARG A 31 3.72 -7.30 6.68
N GLU A 32 4.69 -8.05 6.15
CA GLU A 32 4.62 -8.53 4.75
C GLU A 32 3.40 -9.41 4.49
N GLU A 33 3.08 -10.31 5.41
CA GLU A 33 1.90 -11.19 5.27
C GLU A 33 0.61 -10.37 5.10
N GLU A 34 0.64 -9.12 5.53
CA GLU A 34 -0.45 -8.17 5.24
C GLU A 34 -0.36 -7.68 3.79
N ILE A 35 0.80 -7.10 3.44
CA ILE A 35 1.05 -6.49 2.12
C ILE A 35 0.47 -7.34 0.97
N TYR A 36 0.87 -8.62 0.92
CA TYR A 36 0.44 -9.52 -0.15
C TYR A 36 -1.09 -9.54 -0.27
N GLU A 37 -1.75 -9.94 0.81
CA GLU A 37 -3.22 -10.07 0.83
C GLU A 37 -3.93 -8.73 0.54
N ARG A 38 -3.38 -7.62 1.08
CA ARG A 38 -4.00 -6.30 0.92
C ARG A 38 -3.94 -5.83 -0.54
N LEU A 39 -2.81 -6.06 -1.21
CA LEU A 39 -2.68 -5.70 -2.63
C LEU A 39 -3.57 -6.57 -3.52
N TYR A 40 -3.56 -7.89 -3.29
CA TYR A 40 -4.46 -8.79 -4.03
C TYR A 40 -5.93 -8.36 -3.85
N SER A 41 -6.25 -7.81 -2.67
CA SER A 41 -7.58 -7.29 -2.39
C SER A 41 -7.84 -5.97 -3.13
N GLU A 42 -6.90 -5.04 -3.06
CA GLU A 42 -7.08 -3.71 -3.67
C GLU A 42 -7.18 -3.80 -5.21
N PHE A 43 -6.17 -4.42 -5.85
CA PHE A 43 -6.18 -4.58 -7.31
C PHE A 43 -7.46 -5.27 -7.80
N GLY A 44 -7.93 -6.26 -7.06
CA GLY A 44 -9.21 -6.90 -7.37
C GLY A 44 -10.41 -5.97 -7.18
N SER A 45 -10.30 -5.07 -6.19
CA SER A 45 -11.35 -4.09 -5.90
C SER A 45 -11.37 -2.95 -6.93
N LYS A 46 -10.35 -2.09 -6.87
CA LYS A 46 -10.29 -0.89 -7.72
C LYS A 46 -10.17 -1.23 -9.21
N HIS A 47 -9.37 -2.24 -9.53
CA HIS A 47 -8.99 -2.51 -10.93
C HIS A 47 -9.60 -3.84 -11.46
N ARG A 48 -10.11 -4.66 -10.54
CA ARG A 48 -10.71 -5.96 -10.90
C ARG A 48 -9.67 -6.91 -11.54
N VAL A 49 -8.44 -6.84 -11.06
CA VAL A 49 -7.36 -7.73 -11.54
C VAL A 49 -7.32 -9.04 -10.73
N PRO A 50 -7.28 -10.21 -11.40
CA PRO A 50 -7.20 -11.52 -10.73
C PRO A 50 -5.92 -11.69 -9.87
N ARG A 51 -6.08 -12.29 -8.69
CA ARG A 51 -4.99 -12.42 -7.71
C ARG A 51 -3.71 -13.04 -8.30
N SER A 52 -3.85 -14.17 -9.01
CA SER A 52 -2.70 -14.91 -9.54
C SER A 52 -1.95 -14.10 -10.62
N LYS A 53 -2.54 -12.99 -11.06
CA LYS A 53 -1.95 -12.15 -12.11
C LYS A 53 -1.23 -10.92 -11.53
N VAL A 54 -1.30 -10.74 -10.21
CA VAL A 54 -0.59 -9.63 -9.53
C VAL A 54 0.79 -10.08 -9.04
N LYS A 55 1.85 -9.52 -9.63
CA LYS A 55 3.23 -9.95 -9.34
C LYS A 55 4.01 -8.87 -8.57
N ILE A 56 4.22 -9.08 -7.27
CA ILE A 56 5.03 -8.18 -6.44
C ILE A 56 6.53 -8.43 -6.67
N GLU A 57 7.28 -7.36 -6.94
CA GLU A 57 8.72 -7.47 -7.23
C GLU A 57 9.59 -6.85 -6.12
N GLU A 58 9.13 -5.74 -5.56
CA GLU A 58 9.89 -4.99 -4.54
C GLU A 58 8.98 -4.49 -3.40
N ILE A 59 9.51 -4.48 -2.18
CA ILE A 59 8.78 -3.97 -1.01
C ILE A 59 9.70 -3.06 -0.15
N GLU A 60 9.50 -1.74 -0.24
CA GLU A 60 10.36 -0.78 0.48
C GLU A 60 9.59 -0.04 1.59
N GLU A 61 9.99 -0.28 2.84
CA GLU A 61 9.35 0.38 4.00
C GLU A 61 9.77 1.86 4.09
N ILE A 62 8.81 2.77 3.95
CA ILE A 62 9.09 4.21 3.98
C ILE A 62 8.48 4.90 5.22
N SER A 63 8.75 6.20 5.37
CA SER A 63 8.30 6.97 6.54
C SER A 63 6.93 7.64 6.29
N PRO A 64 6.10 7.82 7.34
CA PRO A 64 4.71 8.31 7.23
C PRO A 64 4.56 9.66 6.47
N GLU A 65 5.41 10.63 6.81
CA GLU A 65 5.29 11.98 6.22
C GLU A 65 5.93 12.06 4.83
N GLU A 66 6.70 11.04 4.45
CA GLU A 66 7.35 11.01 3.13
C GLU A 66 6.45 10.37 2.06
N VAL A 67 5.36 9.75 2.49
CA VAL A 67 4.41 9.09 1.59
C VAL A 67 3.77 10.10 0.60
N GLN A 68 3.78 9.77 -0.69
CA GLN A 68 3.22 10.66 -1.71
C GLN A 68 1.71 10.49 -1.87
N ASP A 69 1.22 9.26 -1.74
CA ASP A 69 -0.23 9.00 -1.81
C ASP A 69 -0.97 9.76 -0.69
N PRO A 70 -1.85 10.72 -1.05
CA PRO A 70 -2.55 11.57 -0.07
C PRO A 70 -3.52 10.78 0.82
N VAL A 71 -4.17 9.77 0.25
CA VAL A 71 -5.17 8.97 0.96
C VAL A 71 -4.51 8.11 2.05
N VAL A 72 -3.48 7.35 1.67
CA VAL A 72 -2.73 6.52 2.61
C VAL A 72 -2.06 7.39 3.69
N LYS A 73 -1.42 8.48 3.26
CA LYS A 73 -0.77 9.41 4.21
C LYS A 73 -1.80 10.00 5.19
N ALA A 74 -3.03 10.23 4.73
CA ALA A 74 -4.12 10.68 5.60
C ALA A 74 -4.57 9.56 6.55
N LEU A 75 -4.51 8.32 6.07
CA LEU A 75 -4.88 7.14 6.86
C LEU A 75 -3.91 6.97 8.04
N VAL A 76 -2.61 7.06 7.75
CA VAL A 76 -1.59 6.95 8.80
C VAL A 76 -1.74 8.04 9.87
N GLN A 77 -2.07 9.25 9.44
CA GLN A 77 -2.22 10.39 10.36
C GLN A 77 -3.41 10.23 11.32
N ARG A 78 -4.35 9.33 11.02
CA ARG A 78 -5.53 9.14 11.88
C ARG A 78 -5.17 8.52 13.24
N LEU A 79 -4.00 7.87 13.29
CA LEU A 79 -3.51 7.27 14.55
C LEU A 79 -2.32 8.08 15.12
N GLU A 80 -2.04 9.24 14.52
CA GLU A 80 -0.96 10.11 14.96
C GLU A 80 -1.44 11.15 16.00
N HIS A 81 -0.52 12.02 16.41
CA HIS A 81 -0.82 13.02 17.44
C HIS A 81 -1.33 14.34 16.84
N HIS A 82 -2.44 14.84 17.36
CA HIS A 82 -2.95 16.14 16.93
C HIS A 82 -2.00 17.26 17.38
N HIS A 83 -1.30 17.86 16.42
CA HIS A 83 -0.27 18.86 16.72
C HIS A 83 -0.87 20.08 17.45
N HIS A 84 -0.52 20.24 18.72
CA HIS A 84 -1.10 21.29 19.56
C HIS A 84 -0.51 22.67 19.19
N HIS A 85 -1.20 23.38 18.30
CA HIS A 85 -0.79 24.71 17.88
C HIS A 85 -1.81 25.76 18.34
N HIS A 86 -1.56 26.38 19.50
CA HIS A 86 -2.46 27.40 20.06
C HIS A 86 -2.69 28.59 19.08
N MET A 1 0.29 -2.87 18.75
CA MET A 1 0.16 -1.87 19.84
C MET A 1 1.39 -0.96 19.93
N LYS A 2 1.18 0.29 20.34
CA LYS A 2 2.26 1.28 20.51
C LYS A 2 2.95 1.64 19.17
N MET A 3 3.76 0.71 18.64
CA MET A 3 4.52 0.95 17.40
C MET A 3 3.58 1.33 16.23
N LYS A 4 3.93 2.41 15.52
CA LYS A 4 3.12 2.88 14.40
C LYS A 4 3.31 2.01 13.14
N THR A 5 2.35 2.10 12.22
CA THR A 5 2.40 1.31 10.98
C THR A 5 3.52 1.79 10.03
N LYS A 6 4.21 0.85 9.40
CA LYS A 6 5.26 1.18 8.42
C LYS A 6 4.64 1.30 7.01
N ILE A 7 5.14 2.22 6.20
CA ILE A 7 4.62 2.37 4.83
C ILE A 7 5.54 1.69 3.81
N PHE A 8 4.96 0.90 2.94
CA PHE A 8 5.72 0.14 1.95
C PHE A 8 5.42 0.61 0.52
N ARG A 9 6.48 0.85 -0.25
CA ARG A 9 6.34 1.21 -1.67
C ARG A 9 6.54 -0.04 -2.53
N VAL A 10 5.43 -0.68 -2.89
CA VAL A 10 5.45 -1.97 -3.59
C VAL A 10 5.52 -1.83 -5.11
N LYS A 11 6.59 -2.38 -5.70
CA LYS A 11 6.75 -2.45 -7.16
C LYS A 11 6.41 -3.85 -7.67
N GLY A 12 5.61 -3.95 -8.73
CA GLY A 12 5.27 -5.24 -9.30
C GLY A 12 4.59 -5.15 -10.65
N LYS A 13 4.07 -6.27 -11.15
CA LYS A 13 3.35 -6.31 -12.43
C LYS A 13 2.00 -7.04 -12.29
N PHE A 14 0.99 -6.59 -13.04
CA PHE A 14 -0.32 -7.26 -13.04
C PHE A 14 -0.78 -7.57 -14.47
N LEU A 15 -1.46 -8.71 -14.64
CA LEU A 15 -1.92 -9.16 -15.95
C LEU A 15 -3.15 -8.36 -16.42
N MET A 16 -2.94 -7.48 -17.38
CA MET A 16 -4.04 -6.72 -18.01
C MET A 16 -3.89 -6.74 -19.53
N GLY A 17 -4.95 -7.12 -20.23
CA GLY A 17 -4.90 -7.23 -21.69
C GLY A 17 -3.93 -8.31 -22.16
N ASP A 18 -3.82 -9.40 -21.39
CA ASP A 18 -2.86 -10.48 -21.66
C ASP A 18 -1.40 -9.98 -21.60
N LYS A 19 -1.21 -8.78 -21.06
CA LYS A 19 0.12 -8.16 -20.96
C LYS A 19 0.45 -7.81 -19.51
N LEU A 20 1.73 -7.79 -19.16
CA LEU A 20 2.16 -7.46 -17.80
C LEU A 20 2.53 -5.97 -17.67
N GLN A 21 1.68 -5.21 -16.98
CA GLN A 21 1.96 -3.79 -16.74
C GLN A 21 2.54 -3.58 -15.32
N PRO A 22 3.68 -2.87 -15.21
CA PRO A 22 4.34 -2.63 -13.90
C PRO A 22 3.67 -1.50 -13.09
N PHE A 23 3.19 -1.84 -11.89
CA PHE A 23 2.57 -0.85 -10.99
C PHE A 23 3.51 -0.50 -9.82
N THR A 24 3.18 0.58 -9.12
CA THR A 24 3.93 0.99 -7.92
C THR A 24 2.98 1.53 -6.84
N LYS A 25 2.65 0.68 -5.88
CA LYS A 25 1.64 1.01 -4.86
C LYS A 25 2.26 1.22 -3.47
N GLU A 26 2.08 2.43 -2.92
CA GLU A 26 2.48 2.73 -1.55
C GLU A 26 1.32 2.48 -0.58
N LEU A 27 1.54 1.64 0.43
CA LEU A 27 0.50 1.35 1.43
C LEU A 27 1.11 1.03 2.80
N ASN A 28 0.39 1.37 3.87
CA ASN A 28 0.86 1.14 5.23
C ASN A 28 0.52 -0.27 5.73
N ALA A 29 1.37 -0.83 6.59
CA ALA A 29 1.17 -2.16 7.14
C ALA A 29 1.96 -2.37 8.44
N ILE A 30 1.45 -3.22 9.33
CA ILE A 30 2.16 -3.57 10.56
C ILE A 30 3.44 -4.35 10.24
N ARG A 31 3.37 -5.16 9.19
CA ARG A 31 4.49 -5.97 8.73
C ARG A 31 4.31 -6.29 7.24
N GLU A 32 5.34 -6.84 6.60
CA GLU A 32 5.30 -7.13 5.16
C GLU A 32 4.12 -8.06 4.80
N GLU A 33 3.81 -9.01 5.69
CA GLU A 33 2.71 -9.96 5.46
C GLU A 33 1.33 -9.27 5.42
N GLU A 34 1.24 -8.05 5.97
CA GLU A 34 -0.02 -7.30 6.02
C GLU A 34 -0.25 -6.46 4.75
N ILE A 35 0.73 -6.50 3.83
CA ILE A 35 0.65 -5.75 2.58
C ILE A 35 -0.25 -6.42 1.54
N TYR A 36 0.09 -7.67 1.24
CA TYR A 36 -0.51 -8.42 0.13
C TYR A 36 -2.06 -8.37 0.14
N GLU A 37 -2.66 -8.72 1.26
CA GLU A 37 -4.12 -8.71 1.40
C GLU A 37 -4.73 -7.36 0.98
N ARG A 38 -4.13 -6.27 1.42
CA ARG A 38 -4.66 -4.92 1.16
C ARG A 38 -4.60 -4.57 -0.34
N LEU A 39 -3.53 -4.98 -1.01
CA LEU A 39 -3.42 -4.77 -2.47
C LEU A 39 -4.43 -5.62 -3.24
N TYR A 40 -4.58 -6.88 -2.85
CA TYR A 40 -5.56 -7.78 -3.47
C TYR A 40 -6.98 -7.23 -3.28
N SER A 41 -7.17 -6.46 -2.20
CA SER A 41 -8.44 -5.75 -1.97
C SER A 41 -8.61 -4.60 -2.98
N GLU A 42 -7.66 -3.67 -3.00
CA GLU A 42 -7.73 -2.51 -3.89
C GLU A 42 -7.86 -2.92 -5.36
N PHE A 43 -6.90 -3.71 -5.86
CA PHE A 43 -6.94 -4.19 -7.25
C PHE A 43 -8.24 -4.95 -7.54
N GLY A 44 -8.72 -5.72 -6.56
CA GLY A 44 -9.98 -6.43 -6.70
C GLY A 44 -11.18 -5.49 -6.79
N SER A 45 -11.01 -4.25 -6.32
CA SER A 45 -12.06 -3.24 -6.38
C SER A 45 -11.98 -2.41 -7.68
N LYS A 46 -10.88 -1.69 -7.84
CA LYS A 46 -10.72 -0.74 -8.96
C LYS A 46 -10.66 -1.42 -10.34
N HIS A 47 -10.05 -2.60 -10.43
CA HIS A 47 -9.93 -3.32 -11.72
C HIS A 47 -10.36 -4.79 -11.59
N ARG A 48 -10.88 -5.18 -10.42
CA ARG A 48 -11.36 -6.55 -10.16
C ARG A 48 -10.28 -7.61 -10.44
N VAL A 49 -9.00 -7.20 -10.36
CA VAL A 49 -7.88 -8.10 -10.63
C VAL A 49 -7.56 -8.98 -9.41
N PRO A 50 -7.56 -10.32 -9.60
CA PRO A 50 -7.24 -11.27 -8.52
C PRO A 50 -5.73 -11.50 -8.33
N ARG A 51 -5.36 -12.07 -7.18
CA ARG A 51 -3.94 -12.35 -6.87
C ARG A 51 -3.33 -13.35 -7.85
N SER A 52 -4.18 -14.11 -8.55
CA SER A 52 -3.73 -15.00 -9.64
C SER A 52 -3.06 -14.21 -10.78
N LYS A 53 -3.47 -12.95 -10.95
CA LYS A 53 -2.97 -12.10 -12.03
C LYS A 53 -1.96 -11.05 -11.52
N VAL A 54 -2.04 -10.72 -10.23
CA VAL A 54 -1.11 -9.78 -9.60
C VAL A 54 0.21 -10.48 -9.22
N LYS A 55 1.34 -9.80 -9.45
CA LYS A 55 2.66 -10.35 -9.12
C LYS A 55 3.59 -9.26 -8.57
N ILE A 56 3.87 -9.31 -7.27
CA ILE A 56 4.75 -8.32 -6.62
C ILE A 56 6.23 -8.65 -6.85
N GLU A 57 7.05 -7.61 -7.05
CA GLU A 57 8.49 -7.77 -7.28
C GLU A 57 9.31 -7.32 -6.06
N GLU A 58 9.36 -6.02 -5.83
CA GLU A 58 10.25 -5.42 -4.82
C GLU A 58 9.49 -4.44 -3.91
N ILE A 59 9.87 -4.35 -2.64
CA ILE A 59 9.11 -3.57 -1.65
C ILE A 59 10.00 -2.66 -0.78
N GLU A 60 9.96 -1.34 -1.04
CA GLU A 60 10.67 -0.36 -0.19
C GLU A 60 9.90 -0.14 1.13
N GLU A 61 10.63 0.06 2.23
CA GLU A 61 10.03 0.38 3.53
C GLU A 61 10.32 1.83 3.92
N ILE A 62 9.35 2.73 3.68
CA ILE A 62 9.55 4.17 3.87
C ILE A 62 8.79 4.73 5.08
N SER A 63 9.05 5.99 5.41
CA SER A 63 8.36 6.70 6.50
C SER A 63 7.05 7.35 5.99
N PRO A 64 6.10 7.66 6.90
CA PRO A 64 4.81 8.28 6.53
C PRO A 64 4.98 9.61 5.77
N GLU A 65 6.09 10.30 6.01
CA GLU A 65 6.35 11.59 5.36
C GLU A 65 7.02 11.44 3.99
N GLU A 66 7.41 10.20 3.65
CA GLU A 66 8.05 9.92 2.36
C GLU A 66 7.04 9.41 1.33
N VAL A 67 5.81 9.19 1.77
CA VAL A 67 4.75 8.66 0.91
C VAL A 67 4.30 9.69 -0.14
N GLN A 68 4.23 9.28 -1.40
CA GLN A 68 3.73 10.15 -2.47
C GLN A 68 2.19 10.05 -2.57
N ASP A 69 1.67 8.87 -2.30
CA ASP A 69 0.22 8.64 -2.30
C ASP A 69 -0.47 9.44 -1.17
N PRO A 70 -1.44 10.31 -1.52
CA PRO A 70 -2.12 11.17 -0.54
C PRO A 70 -3.01 10.39 0.44
N VAL A 71 -3.67 9.34 -0.04
CA VAL A 71 -4.61 8.56 0.78
C VAL A 71 -3.90 7.82 1.92
N VAL A 72 -2.88 7.06 1.56
CA VAL A 72 -2.09 6.32 2.55
C VAL A 72 -1.29 7.26 3.47
N LYS A 73 -0.68 8.28 2.88
CA LYS A 73 0.05 9.28 3.66
C LYS A 73 -0.83 9.93 4.74
N ALA A 74 -2.04 10.32 4.34
CA ALA A 74 -3.01 10.88 5.28
C ALA A 74 -3.49 9.84 6.32
N LEU A 75 -3.57 8.57 5.88
CA LEU A 75 -4.01 7.48 6.76
C LEU A 75 -3.09 7.33 7.98
N VAL A 76 -1.79 7.61 7.79
CA VAL A 76 -0.82 7.54 8.89
C VAL A 76 -0.62 8.92 9.56
N GLN A 77 -0.51 9.97 8.75
CA GLN A 77 -0.30 11.33 9.27
C GLN A 77 -1.48 11.82 10.13
N ARG A 78 -2.66 11.24 9.95
CA ARG A 78 -3.83 11.60 10.76
C ARG A 78 -3.61 11.30 12.25
N LEU A 79 -2.95 10.17 12.56
CA LEU A 79 -2.70 9.77 13.94
C LEU A 79 -1.38 10.37 14.47
N GLU A 80 -0.42 10.60 13.57
CA GLU A 80 0.81 11.32 13.94
C GLU A 80 0.48 12.77 14.31
N HIS A 81 -0.24 13.45 13.41
CA HIS A 81 -0.71 14.82 13.67
C HIS A 81 -2.01 14.79 14.48
N HIS A 82 -1.95 14.15 15.65
CA HIS A 82 -3.13 13.99 16.51
C HIS A 82 -3.52 15.30 17.21
N HIS A 83 -4.64 15.89 16.77
CA HIS A 83 -5.17 17.12 17.38
C HIS A 83 -6.57 16.90 17.99
N HIS A 84 -7.13 17.95 18.58
CA HIS A 84 -8.49 17.90 19.14
C HIS A 84 -9.39 18.97 18.51
N HIS A 85 -10.70 18.80 18.64
CA HIS A 85 -11.67 19.73 18.04
C HIS A 85 -11.86 21.00 18.88
N HIS A 86 -11.84 22.15 18.22
CA HIS A 86 -12.07 23.45 18.89
C HIS A 86 -13.46 24.02 18.55
N MET A 1 1.10 -2.30 24.37
CA MET A 1 2.16 -2.00 23.38
C MET A 1 1.64 -1.03 22.31
N LYS A 2 2.54 -0.31 21.63
CA LYS A 2 2.17 0.60 20.55
C LYS A 2 2.46 0.00 19.17
N MET A 3 1.44 -0.60 18.55
CA MET A 3 1.55 -1.08 17.17
C MET A 3 1.19 0.05 16.18
N LYS A 4 1.94 0.16 15.10
CA LYS A 4 1.74 1.23 14.11
C LYS A 4 1.86 0.70 12.67
N THR A 5 0.83 0.93 11.87
CA THR A 5 0.85 0.56 10.45
C THR A 5 1.99 1.27 9.69
N LYS A 6 2.82 0.48 9.02
CA LYS A 6 3.91 1.02 8.21
C LYS A 6 3.40 1.40 6.81
N ILE A 7 4.24 2.10 6.05
CA ILE A 7 3.91 2.39 4.64
C ILE A 7 4.87 1.65 3.71
N PHE A 8 4.33 0.75 2.89
CA PHE A 8 5.14 -0.02 1.96
C PHE A 8 4.93 0.43 0.51
N ARG A 9 6.01 0.84 -0.15
CA ARG A 9 5.98 1.18 -1.57
C ARG A 9 6.30 -0.06 -2.40
N VAL A 10 5.26 -0.83 -2.71
CA VAL A 10 5.41 -2.15 -3.35
C VAL A 10 5.51 -2.05 -4.88
N LYS A 11 6.42 -2.83 -5.45
CA LYS A 11 6.61 -2.91 -6.90
C LYS A 11 6.12 -4.26 -7.44
N GLY A 12 5.27 -4.23 -8.46
CA GLY A 12 4.74 -5.45 -9.04
C GLY A 12 4.22 -5.28 -10.46
N LYS A 13 3.40 -6.23 -10.93
CA LYS A 13 2.80 -6.17 -12.27
C LYS A 13 1.33 -6.63 -12.24
N PHE A 14 0.49 -6.02 -13.09
CA PHE A 14 -0.90 -6.44 -13.24
C PHE A 14 -1.25 -6.67 -14.71
N LEU A 15 -2.13 -7.64 -14.98
CA LEU A 15 -2.52 -8.00 -16.34
C LEU A 15 -3.58 -7.02 -16.89
N MET A 16 -3.29 -6.46 -18.07
CA MET A 16 -4.22 -5.57 -18.75
C MET A 16 -3.94 -5.58 -20.26
N GLY A 17 -4.93 -5.98 -21.05
CA GLY A 17 -4.75 -6.09 -22.50
C GLY A 17 -3.66 -7.10 -22.87
N ASP A 18 -3.73 -8.30 -22.28
CA ASP A 18 -2.77 -9.39 -22.52
C ASP A 18 -1.31 -9.00 -22.19
N LYS A 19 -1.12 -7.86 -21.54
CA LYS A 19 0.23 -7.40 -21.16
C LYS A 19 0.34 -7.17 -19.65
N LEU A 20 1.51 -7.43 -19.09
CA LEU A 20 1.76 -7.20 -17.66
C LEU A 20 2.37 -5.82 -17.42
N GLN A 21 1.54 -4.88 -16.96
CA GLN A 21 2.00 -3.52 -16.65
C GLN A 21 2.58 -3.44 -15.23
N PRO A 22 3.85 -3.02 -15.08
CA PRO A 22 4.49 -2.90 -13.77
C PRO A 22 3.94 -1.72 -12.95
N PHE A 23 3.32 -2.02 -11.81
CA PHE A 23 2.74 -0.99 -10.94
C PHE A 23 3.64 -0.72 -9.72
N THR A 24 3.61 0.51 -9.23
CA THR A 24 4.30 0.88 -7.99
C THR A 24 3.29 1.42 -6.98
N LYS A 25 2.82 0.56 -6.09
CA LYS A 25 1.70 0.88 -5.19
C LYS A 25 2.17 1.21 -3.76
N GLU A 26 1.81 2.40 -3.29
CA GLU A 26 2.03 2.77 -1.89
C GLU A 26 0.78 2.40 -1.05
N LEU A 27 0.98 1.59 -0.02
CA LEU A 27 -0.13 1.22 0.88
C LEU A 27 0.38 1.05 2.32
N ASN A 28 -0.54 1.12 3.29
CA ASN A 28 -0.18 0.97 4.70
C ASN A 28 -0.42 -0.47 5.20
N ALA A 29 0.58 -1.04 5.86
CA ALA A 29 0.50 -2.40 6.41
C ALA A 29 1.46 -2.56 7.60
N ILE A 30 1.11 -3.45 8.53
CA ILE A 30 1.94 -3.69 9.72
C ILE A 30 3.23 -4.45 9.36
N ARG A 31 3.12 -5.36 8.39
CA ARG A 31 4.25 -6.22 7.97
C ARG A 31 4.00 -6.81 6.58
N GLU A 32 5.02 -7.46 6.00
CA GLU A 32 4.92 -8.07 4.66
C GLU A 32 3.70 -9.02 4.56
N GLU A 33 3.44 -9.75 5.65
CA GLU A 33 2.34 -10.71 5.72
C GLU A 33 0.97 -10.03 5.49
N GLU A 34 0.88 -8.75 5.80
CA GLU A 34 -0.34 -7.96 5.57
C GLU A 34 -0.47 -7.54 4.09
N ILE A 35 0.66 -7.16 3.50
CA ILE A 35 0.69 -6.59 2.15
C ILE A 35 -0.06 -7.44 1.11
N TYR A 36 0.19 -8.75 1.13
CA TYR A 36 -0.44 -9.69 0.18
C TYR A 36 -1.97 -9.51 0.18
N GLU A 37 -2.57 -9.67 1.36
CA GLU A 37 -4.02 -9.51 1.54
C GLU A 37 -4.51 -8.14 1.06
N ARG A 38 -3.81 -7.09 1.47
CA ARG A 38 -4.22 -5.71 1.15
C ARG A 38 -4.23 -5.44 -0.36
N LEU A 39 -3.15 -5.80 -1.05
CA LEU A 39 -3.04 -5.57 -2.49
C LEU A 39 -4.10 -6.36 -3.28
N TYR A 40 -4.16 -7.69 -3.09
CA TYR A 40 -5.14 -8.52 -3.79
C TYR A 40 -6.57 -8.02 -3.54
N SER A 41 -6.79 -7.42 -2.36
CA SER A 41 -8.07 -6.83 -2.01
C SER A 41 -8.31 -5.51 -2.76
N GLU A 42 -7.34 -4.59 -2.65
CA GLU A 42 -7.46 -3.25 -3.25
C GLU A 42 -7.68 -3.32 -4.77
N PHE A 43 -6.87 -4.13 -5.46
CA PHE A 43 -7.05 -4.33 -6.91
C PHE A 43 -8.42 -4.94 -7.22
N GLY A 44 -8.87 -5.86 -6.37
CA GLY A 44 -10.21 -6.43 -6.50
C GLY A 44 -11.31 -5.40 -6.25
N SER A 45 -11.00 -4.37 -5.47
CA SER A 45 -11.95 -3.29 -5.18
C SER A 45 -12.00 -2.25 -6.32
N LYS A 46 -10.91 -1.50 -6.49
CA LYS A 46 -10.89 -0.35 -7.43
C LYS A 46 -10.66 -0.77 -8.90
N HIS A 47 -10.35 -2.04 -9.15
CA HIS A 47 -10.16 -2.52 -10.54
C HIS A 47 -10.84 -3.89 -10.78
N ARG A 48 -11.42 -4.47 -9.73
CA ARG A 48 -12.12 -5.76 -9.83
C ARG A 48 -11.21 -6.89 -10.38
N VAL A 49 -9.90 -6.75 -10.17
CA VAL A 49 -8.93 -7.73 -10.69
C VAL A 49 -8.62 -8.83 -9.67
N PRO A 50 -8.81 -10.11 -10.05
CA PRO A 50 -8.45 -11.27 -9.21
C PRO A 50 -6.93 -11.49 -9.13
N ARG A 51 -6.47 -12.16 -8.07
CA ARG A 51 -5.03 -12.37 -7.85
C ARG A 51 -4.37 -13.15 -9.00
N SER A 52 -5.18 -13.91 -9.75
CA SER A 52 -4.68 -14.62 -10.95
C SER A 52 -4.05 -13.66 -11.98
N LYS A 53 -4.39 -12.38 -11.88
CA LYS A 53 -3.88 -11.37 -12.82
C LYS A 53 -3.04 -10.29 -12.11
N VAL A 54 -2.62 -10.58 -10.88
CA VAL A 54 -1.78 -9.65 -10.09
C VAL A 54 -0.48 -10.36 -9.65
N LYS A 55 0.64 -9.64 -9.70
CA LYS A 55 1.94 -10.21 -9.31
C LYS A 55 2.77 -9.22 -8.47
N ILE A 56 3.29 -9.68 -7.35
CA ILE A 56 4.18 -8.86 -6.51
C ILE A 56 5.66 -9.18 -6.83
N GLU A 57 6.49 -8.14 -6.95
CA GLU A 57 7.90 -8.32 -7.33
C GLU A 57 8.87 -7.87 -6.23
N GLU A 58 8.63 -6.69 -5.66
CA GLU A 58 9.56 -6.12 -4.66
C GLU A 58 8.79 -5.32 -3.58
N ILE A 59 9.33 -5.30 -2.36
CA ILE A 59 8.69 -4.60 -1.23
C ILE A 59 9.67 -3.67 -0.50
N GLU A 60 9.23 -2.44 -0.24
CA GLU A 60 10.08 -1.45 0.46
C GLU A 60 9.28 -0.67 1.52
N GLU A 61 9.88 -0.45 2.69
CA GLU A 61 9.23 0.30 3.77
C GLU A 61 9.70 1.76 3.82
N ILE A 62 8.77 2.68 4.07
CA ILE A 62 9.07 4.11 4.19
C ILE A 62 8.33 4.74 5.39
N SER A 63 8.67 5.99 5.69
CA SER A 63 8.01 6.75 6.77
C SER A 63 6.79 7.52 6.22
N PRO A 64 5.81 7.89 7.09
CA PRO A 64 4.59 8.62 6.67
C PRO A 64 4.87 9.98 6.00
N GLU A 65 6.12 10.44 6.10
CA GLU A 65 6.53 11.70 5.49
C GLU A 65 7.27 11.48 4.17
N GLU A 66 7.54 10.21 3.84
CA GLU A 66 8.20 9.84 2.58
C GLU A 66 7.19 9.34 1.54
N VAL A 67 5.90 9.46 1.86
CA VAL A 67 4.82 8.91 1.05
C VAL A 67 4.25 9.95 0.07
N GLN A 68 4.03 9.54 -1.19
CA GLN A 68 3.42 10.44 -2.18
C GLN A 68 1.88 10.35 -2.17
N ASP A 69 1.34 9.16 -1.90
CA ASP A 69 -0.10 8.95 -1.84
C ASP A 69 -0.73 9.72 -0.64
N PRO A 70 -1.69 10.63 -0.91
CA PRO A 70 -2.30 11.46 0.15
C PRO A 70 -3.21 10.68 1.12
N VAL A 71 -3.78 9.57 0.64
CA VAL A 71 -4.69 8.76 1.46
C VAL A 71 -3.90 7.96 2.50
N VAL A 72 -2.90 7.21 2.04
CA VAL A 72 -2.04 6.43 2.93
C VAL A 72 -1.29 7.34 3.92
N LYS A 73 -0.79 8.46 3.41
CA LYS A 73 -0.08 9.45 4.25
C LYS A 73 -0.96 9.95 5.41
N ALA A 74 -2.12 10.52 5.07
CA ALA A 74 -3.04 11.06 6.08
C ALA A 74 -3.54 9.98 7.05
N LEU A 75 -3.71 8.76 6.54
CA LEU A 75 -4.17 7.63 7.35
C LEU A 75 -3.21 7.37 8.53
N VAL A 76 -1.93 7.65 8.32
CA VAL A 76 -0.93 7.48 9.38
C VAL A 76 -0.77 8.76 10.22
N GLN A 77 -0.76 9.93 9.58
CA GLN A 77 -0.58 11.20 10.30
C GLN A 77 -1.62 11.40 11.41
N ARG A 78 -2.83 10.88 11.21
CA ARG A 78 -3.90 10.97 12.21
C ARG A 78 -3.55 10.22 13.51
N LEU A 79 -2.86 9.09 13.40
CA LEU A 79 -2.47 8.33 14.61
C LEU A 79 -1.16 8.87 15.19
N GLU A 80 -0.38 9.57 14.36
CA GLU A 80 0.83 10.27 14.81
C GLU A 80 0.46 11.44 15.74
N HIS A 81 -0.56 12.21 15.36
CA HIS A 81 -1.03 13.34 16.20
C HIS A 81 -2.57 13.39 16.27
N HIS A 82 -3.12 12.95 17.40
CA HIS A 82 -4.56 13.04 17.63
C HIS A 82 -4.92 14.40 18.25
N HIS A 83 -5.03 15.43 17.41
CA HIS A 83 -5.20 16.81 17.85
C HIS A 83 -5.64 17.72 16.70
N HIS A 84 -6.83 18.31 16.82
CA HIS A 84 -7.34 19.22 15.77
C HIS A 84 -6.47 20.47 15.62
N HIS A 85 -5.75 20.54 14.51
CA HIS A 85 -4.84 21.65 14.21
C HIS A 85 -4.85 21.97 12.71
N HIS A 86 -4.67 23.25 12.36
CA HIS A 86 -4.61 23.66 10.95
C HIS A 86 -3.20 24.14 10.56
N MET A 1 -1.41 -1.00 21.90
CA MET A 1 -1.28 0.47 22.11
C MET A 1 -1.19 1.24 20.79
N LYS A 2 -0.85 2.53 20.87
CA LYS A 2 -0.76 3.39 19.69
C LYS A 2 0.39 2.96 18.75
N MET A 3 0.07 2.14 17.76
CA MET A 3 1.04 1.70 16.75
C MET A 3 0.88 2.48 15.43
N LYS A 4 1.95 2.62 14.65
CA LYS A 4 1.89 3.30 13.35
C LYS A 4 1.74 2.30 12.18
N THR A 5 1.44 2.84 11.01
CA THR A 5 1.40 2.05 9.77
C THR A 5 2.35 2.67 8.73
N LYS A 6 3.36 1.90 8.33
CA LYS A 6 4.43 2.43 7.47
C LYS A 6 4.01 2.42 5.99
N ILE A 7 4.42 3.45 5.25
CA ILE A 7 4.09 3.56 3.83
C ILE A 7 5.19 2.92 2.97
N PHE A 8 4.79 2.05 2.04
CA PHE A 8 5.73 1.34 1.18
C PHE A 8 5.56 1.70 -0.29
N ARG A 9 6.66 2.02 -0.95
CA ARG A 9 6.67 2.27 -2.39
C ARG A 9 7.04 0.97 -3.13
N VAL A 10 6.00 0.25 -3.56
CA VAL A 10 6.16 -1.09 -4.13
C VAL A 10 6.25 -1.08 -5.66
N LYS A 11 7.17 -1.87 -6.20
CA LYS A 11 7.31 -2.07 -7.64
C LYS A 11 7.09 -3.54 -8.01
N GLY A 12 6.20 -3.81 -8.97
CA GLY A 12 5.92 -5.19 -9.36
C GLY A 12 5.25 -5.33 -10.73
N LYS A 13 4.64 -6.49 -10.95
CA LYS A 13 3.94 -6.80 -12.21
C LYS A 13 2.56 -7.44 -11.93
N PHE A 14 1.62 -7.27 -12.85
CA PHE A 14 0.34 -7.99 -12.76
C PHE A 14 -0.03 -8.64 -14.10
N LEU A 15 -0.23 -9.96 -14.07
CA LEU A 15 -0.61 -10.71 -15.27
C LEU A 15 -2.06 -10.40 -15.67
N MET A 16 -2.22 -9.43 -16.55
CA MET A 16 -3.54 -9.04 -17.05
C MET A 16 -3.68 -9.40 -18.54
N GLY A 17 -4.75 -10.12 -18.88
CA GLY A 17 -4.96 -10.54 -20.26
C GLY A 17 -3.84 -11.43 -20.78
N ASP A 18 -3.34 -12.33 -19.92
CA ASP A 18 -2.22 -13.22 -20.26
C ASP A 18 -0.95 -12.44 -20.63
N LYS A 19 -0.85 -11.20 -20.13
CA LYS A 19 0.31 -10.32 -20.38
C LYS A 19 0.79 -9.65 -19.07
N LEU A 20 2.11 -9.48 -18.94
CA LEU A 20 2.69 -8.88 -17.73
C LEU A 20 2.84 -7.36 -17.84
N GLN A 21 1.93 -6.63 -17.20
CA GLN A 21 2.03 -5.16 -17.12
C GLN A 21 2.62 -4.74 -15.76
N PRO A 22 3.70 -3.93 -15.76
CA PRO A 22 4.33 -3.43 -14.52
C PRO A 22 3.46 -2.41 -13.77
N PHE A 23 3.68 -2.26 -12.46
CA PHE A 23 2.97 -1.24 -11.67
C PHE A 23 3.86 -0.66 -10.56
N THR A 24 3.65 0.61 -10.23
CA THR A 24 4.33 1.27 -9.11
C THR A 24 3.29 1.81 -8.12
N LYS A 25 3.24 1.23 -6.92
CA LYS A 25 2.16 1.53 -5.96
C LYS A 25 2.70 2.05 -4.61
N GLU A 26 1.93 2.93 -3.99
CA GLU A 26 2.17 3.35 -2.59
C GLU A 26 1.01 2.88 -1.70
N LEU A 27 1.32 2.31 -0.54
CA LEU A 27 0.29 1.85 0.40
C LEU A 27 0.82 1.84 1.83
N ASN A 28 -0.07 1.66 2.81
CA ASN A 28 0.30 1.64 4.23
C ASN A 28 0.17 0.23 4.83
N ALA A 29 1.15 -0.15 5.63
CA ALA A 29 1.18 -1.47 6.26
C ALA A 29 2.06 -1.48 7.52
N ILE A 30 1.68 -2.28 8.52
CA ILE A 30 2.46 -2.40 9.75
C ILE A 30 3.76 -3.18 9.49
N ARG A 31 3.63 -4.31 8.79
CA ARG A 31 4.80 -5.12 8.38
C ARG A 31 4.66 -5.51 6.90
N GLU A 32 5.77 -5.95 6.28
CA GLU A 32 5.76 -6.32 4.85
C GLU A 32 4.72 -7.40 4.55
N GLU A 33 4.49 -8.29 5.52
CA GLU A 33 3.50 -9.37 5.37
C GLU A 33 2.11 -8.84 4.98
N GLU A 34 1.77 -7.64 5.45
CA GLU A 34 0.47 -7.04 5.15
C GLU A 34 0.40 -6.52 3.71
N ILE A 35 1.52 -5.99 3.23
CA ILE A 35 1.61 -5.37 1.89
C ILE A 35 1.01 -6.27 0.80
N TYR A 36 1.40 -7.54 0.81
CA TYR A 36 0.95 -8.51 -0.20
C TYR A 36 -0.59 -8.53 -0.29
N GLU A 37 -1.23 -8.85 0.83
CA GLU A 37 -2.69 -8.96 0.89
C GLU A 37 -3.37 -7.60 0.62
N ARG A 38 -2.72 -6.51 1.05
CA ARG A 38 -3.25 -5.16 0.82
C ARG A 38 -3.33 -4.85 -0.69
N LEU A 39 -2.24 -5.08 -1.42
CA LEU A 39 -2.22 -4.87 -2.87
C LEU A 39 -3.20 -5.83 -3.58
N TYR A 40 -3.16 -7.10 -3.22
CA TYR A 40 -4.08 -8.11 -3.79
C TYR A 40 -5.54 -7.66 -3.63
N SER A 41 -5.86 -7.12 -2.45
CA SER A 41 -7.21 -6.60 -2.17
C SER A 41 -7.53 -5.36 -3.03
N GLU A 42 -6.61 -4.40 -3.06
CA GLU A 42 -6.81 -3.15 -3.80
C GLU A 42 -7.00 -3.41 -5.30
N PHE A 43 -6.06 -4.16 -5.89
CA PHE A 43 -6.16 -4.53 -7.32
C PHE A 43 -7.48 -5.26 -7.61
N GLY A 44 -7.96 -6.05 -6.66
CA GLY A 44 -9.26 -6.69 -6.79
C GLY A 44 -10.41 -5.68 -6.95
N SER A 45 -10.25 -4.51 -6.33
CA SER A 45 -11.27 -3.45 -6.40
C SER A 45 -11.12 -2.58 -7.67
N LYS A 46 -9.93 -2.03 -7.88
CA LYS A 46 -9.68 -1.09 -9.00
C LYS A 46 -9.08 -1.77 -10.25
N HIS A 47 -9.19 -3.09 -10.33
CA HIS A 47 -8.76 -3.86 -11.51
C HIS A 47 -9.49 -5.21 -11.61
N ARG A 48 -9.87 -5.78 -10.47
CA ARG A 48 -10.59 -7.06 -10.42
C ARG A 48 -9.74 -8.20 -11.02
N VAL A 49 -8.47 -8.23 -10.65
CA VAL A 49 -7.52 -9.25 -11.11
C VAL A 49 -7.11 -10.18 -9.96
N PRO A 50 -7.24 -11.52 -10.13
CA PRO A 50 -6.88 -12.49 -9.08
C PRO A 50 -5.41 -12.38 -8.65
N ARG A 51 -5.14 -12.63 -7.37
CA ARG A 51 -3.80 -12.43 -6.80
C ARG A 51 -2.77 -13.47 -7.30
N SER A 52 -3.27 -14.52 -7.95
CA SER A 52 -2.38 -15.49 -8.62
C SER A 52 -1.68 -14.84 -9.82
N LYS A 53 -2.26 -13.74 -10.31
CA LYS A 53 -1.73 -13.01 -11.46
C LYS A 53 -0.87 -11.81 -11.03
N VAL A 54 -1.27 -11.15 -9.94
CA VAL A 54 -0.50 -10.04 -9.39
C VAL A 54 0.75 -10.56 -8.65
N LYS A 55 1.87 -9.85 -8.79
CA LYS A 55 3.12 -10.28 -8.16
C LYS A 55 4.10 -9.11 -7.94
N ILE A 56 4.75 -9.09 -6.77
CA ILE A 56 5.66 -8.00 -6.39
C ILE A 56 7.13 -8.34 -6.76
N GLU A 57 7.86 -7.31 -7.19
CA GLU A 57 9.30 -7.45 -7.49
C GLU A 57 10.15 -6.93 -6.32
N GLU A 58 9.92 -5.68 -5.93
CA GLU A 58 10.70 -5.03 -4.85
C GLU A 58 9.83 -4.05 -4.05
N ILE A 59 10.17 -3.85 -2.77
CA ILE A 59 9.38 -2.97 -1.87
C ILE A 59 10.30 -2.01 -1.09
N GLU A 60 10.07 -0.70 -1.25
CA GLU A 60 10.79 0.33 -0.48
C GLU A 60 9.91 0.94 0.62
N GLU A 61 10.53 1.52 1.65
CA GLU A 61 9.78 2.10 2.77
C GLU A 61 9.98 3.62 2.88
N ILE A 62 8.88 4.38 2.86
CA ILE A 62 8.94 5.84 2.94
C ILE A 62 8.09 6.38 4.11
N SER A 63 8.24 7.68 4.39
CA SER A 63 7.56 8.33 5.51
C SER A 63 6.18 8.90 5.11
N PRO A 64 5.22 8.98 6.07
CA PRO A 64 3.84 9.49 5.79
C PRO A 64 3.82 10.89 5.16
N GLU A 65 4.90 11.64 5.39
CA GLU A 65 5.03 12.99 4.87
C GLU A 65 5.34 13.03 3.36
N GLU A 66 6.27 12.18 2.92
CA GLU A 66 6.76 12.20 1.52
C GLU A 66 5.89 11.36 0.57
N VAL A 67 4.73 10.92 1.04
CA VAL A 67 3.82 10.10 0.21
C VAL A 67 3.14 10.93 -0.90
N GLN A 68 3.10 10.37 -2.10
CA GLN A 68 2.45 11.05 -3.24
C GLN A 68 0.92 10.82 -3.22
N ASP A 69 0.51 9.59 -2.92
CA ASP A 69 -0.90 9.24 -2.88
C ASP A 69 -1.64 9.96 -1.73
N PRO A 70 -2.68 10.75 -2.05
CA PRO A 70 -3.41 11.55 -1.05
C PRO A 70 -4.31 10.69 -0.13
N VAL A 71 -4.70 9.51 -0.60
CA VAL A 71 -5.56 8.61 0.18
C VAL A 71 -4.75 7.92 1.28
N VAL A 72 -3.66 7.27 0.89
CA VAL A 72 -2.75 6.62 1.85
C VAL A 72 -2.16 7.63 2.84
N LYS A 73 -1.68 8.75 2.32
CA LYS A 73 -1.13 9.83 3.14
C LYS A 73 -2.10 10.25 4.26
N ALA A 74 -3.36 10.49 3.90
CA ALA A 74 -4.40 10.87 4.86
C ALA A 74 -4.79 9.70 5.78
N LEU A 75 -4.67 8.48 5.27
CA LEU A 75 -5.01 7.28 6.05
C LEU A 75 -4.01 7.11 7.21
N VAL A 76 -2.76 7.48 6.98
CA VAL A 76 -1.72 7.39 8.00
C VAL A 76 -1.67 8.66 8.87
N GLN A 77 -1.61 9.83 8.22
CA GLN A 77 -1.53 11.11 8.94
C GLN A 77 -2.72 11.34 9.87
N ARG A 78 -3.79 10.57 9.70
CA ARG A 78 -4.96 10.68 10.59
C ARG A 78 -4.55 10.45 12.06
N LEU A 79 -3.56 9.57 12.29
CA LEU A 79 -3.06 9.30 13.65
C LEU A 79 -1.79 10.11 13.96
N GLU A 80 -1.10 10.57 12.91
CA GLU A 80 0.08 11.42 13.07
C GLU A 80 -0.30 12.80 13.62
N HIS A 81 -1.35 13.40 13.05
CA HIS A 81 -1.86 14.69 13.53
C HIS A 81 -2.65 14.50 14.86
N HIS A 82 -1.92 14.09 15.90
CA HIS A 82 -2.47 13.87 17.25
C HIS A 82 -1.45 13.13 18.13
N HIS A 83 -0.15 13.24 17.80
CA HIS A 83 0.89 12.49 18.50
C HIS A 83 1.29 13.14 19.84
N HIS A 84 0.29 13.49 20.64
CA HIS A 84 0.51 14.05 21.99
C HIS A 84 -0.55 13.56 22.99
N HIS A 85 -0.16 13.46 24.25
CA HIS A 85 -1.13 13.26 25.34
C HIS A 85 -1.44 14.62 26.01
N HIS A 86 -2.35 14.63 26.97
CA HIS A 86 -2.67 15.87 27.70
C HIS A 86 -1.95 15.91 29.06
N MET A 1 2.18 -4.13 23.15
CA MET A 1 2.92 -3.38 22.09
C MET A 1 1.99 -2.44 21.33
N LYS A 2 2.43 -1.20 21.14
CA LYS A 2 1.66 -0.19 20.39
C LYS A 2 1.47 -0.60 18.92
N MET A 3 0.25 -0.99 18.55
CA MET A 3 -0.04 -1.34 17.15
C MET A 3 -0.12 -0.07 16.28
N LYS A 4 1.04 0.48 15.94
CA LYS A 4 1.12 1.69 15.11
C LYS A 4 1.57 1.31 13.69
N THR A 5 0.70 1.58 12.71
CA THR A 5 0.91 1.10 11.33
C THR A 5 2.14 1.74 10.64
N LYS A 6 2.66 1.04 9.64
CA LYS A 6 3.79 1.54 8.84
C LYS A 6 3.39 1.57 7.35
N ILE A 7 3.85 2.60 6.62
CA ILE A 7 3.48 2.73 5.21
C ILE A 7 4.51 2.04 4.31
N PHE A 8 4.03 1.12 3.49
CA PHE A 8 4.88 0.39 2.55
C PHE A 8 4.61 0.80 1.10
N ARG A 9 5.55 1.51 0.50
CA ARG A 9 5.49 1.84 -0.92
C ARG A 9 5.81 0.60 -1.78
N VAL A 10 4.77 -0.11 -2.18
CA VAL A 10 4.92 -1.37 -2.92
C VAL A 10 5.02 -1.14 -4.44
N LYS A 11 5.89 -1.90 -5.07
CA LYS A 11 6.11 -1.83 -6.52
C LYS A 11 6.04 -3.23 -7.13
N GLY A 12 5.13 -3.44 -8.07
CA GLY A 12 4.96 -4.77 -8.67
C GLY A 12 4.37 -4.75 -10.08
N LYS A 13 3.78 -5.87 -10.49
CA LYS A 13 3.20 -6.01 -11.83
C LYS A 13 1.78 -6.60 -11.76
N PHE A 14 0.84 -6.02 -12.51
CA PHE A 14 -0.52 -6.54 -12.58
C PHE A 14 -0.83 -7.08 -14.00
N LEU A 15 -1.77 -8.02 -14.08
CA LEU A 15 -2.13 -8.64 -15.37
C LEU A 15 -3.18 -7.81 -16.12
N MET A 16 -2.81 -7.36 -17.32
CA MET A 16 -3.75 -6.68 -18.22
C MET A 16 -3.60 -7.24 -19.65
N GLY A 17 -4.60 -7.97 -20.11
CA GLY A 17 -4.54 -8.60 -21.44
C GLY A 17 -3.30 -9.48 -21.61
N ASP A 18 -3.11 -10.43 -20.69
CA ASP A 18 -1.96 -11.35 -20.71
C ASP A 18 -0.61 -10.65 -20.45
N LYS A 19 -0.65 -9.34 -20.19
CA LYS A 19 0.58 -8.56 -19.97
C LYS A 19 0.78 -8.19 -18.49
N LEU A 20 1.86 -8.68 -17.89
CA LEU A 20 2.25 -8.27 -16.54
C LEU A 20 2.90 -6.88 -16.56
N GLN A 21 2.10 -5.84 -16.37
CA GLN A 21 2.58 -4.45 -16.44
C GLN A 21 2.75 -3.86 -15.04
N PRO A 22 3.85 -3.12 -14.80
CA PRO A 22 4.19 -2.63 -13.46
C PRO A 22 3.27 -1.51 -12.94
N PHE A 23 3.05 -1.50 -11.61
CA PHE A 23 2.23 -0.49 -10.94
C PHE A 23 2.95 0.03 -9.68
N THR A 24 2.60 1.24 -9.25
CA THR A 24 3.15 1.83 -8.02
C THR A 24 2.05 2.08 -6.98
N LYS A 25 2.11 1.37 -5.85
CA LYS A 25 1.07 1.44 -4.82
C LYS A 25 1.62 1.65 -3.40
N GLU A 26 1.30 2.79 -2.81
CA GLU A 26 1.64 3.06 -1.41
C GLU A 26 0.46 2.72 -0.49
N LEU A 27 0.69 1.90 0.54
CA LEU A 27 -0.37 1.55 1.49
C LEU A 27 0.20 1.27 2.89
N ASN A 28 -0.60 1.54 3.92
CA ASN A 28 -0.19 1.30 5.32
C ASN A 28 -0.52 -0.13 5.75
N ALA A 29 0.29 -0.66 6.67
CA ALA A 29 0.15 -2.03 7.13
C ALA A 29 1.02 -2.33 8.37
N ILE A 30 0.65 -3.37 9.12
CA ILE A 30 1.49 -3.85 10.22
C ILE A 30 2.70 -4.62 9.66
N ARG A 31 2.42 -5.51 8.70
CA ARG A 31 3.46 -6.25 8.00
C ARG A 31 2.98 -6.71 6.61
N GLU A 32 3.83 -7.42 5.87
CA GLU A 32 3.52 -7.87 4.50
C GLU A 32 2.16 -8.61 4.39
N GLU A 33 1.84 -9.47 5.36
CA GLU A 33 0.53 -10.17 5.38
C GLU A 33 -0.63 -9.20 5.12
N GLU A 34 -0.63 -8.08 5.83
CA GLU A 34 -1.66 -7.06 5.70
C GLU A 34 -1.65 -6.46 4.28
N ILE A 35 -0.45 -6.23 3.74
CA ILE A 35 -0.29 -5.68 2.39
C ILE A 35 -0.96 -6.57 1.33
N TYR A 36 -0.64 -7.86 1.39
CA TYR A 36 -1.12 -8.83 0.40
C TYR A 36 -2.64 -8.84 0.29
N GLU A 37 -3.32 -9.07 1.41
CA GLU A 37 -4.80 -9.15 1.43
C GLU A 37 -5.46 -7.83 0.98
N ARG A 38 -4.75 -6.71 1.12
CA ARG A 38 -5.29 -5.41 0.67
C ARG A 38 -5.11 -5.20 -0.84
N LEU A 39 -3.91 -5.47 -1.35
CA LEU A 39 -3.62 -5.28 -2.78
C LEU A 39 -4.43 -6.25 -3.66
N TYR A 40 -4.44 -7.53 -3.31
CA TYR A 40 -5.22 -8.53 -4.05
C TYR A 40 -6.71 -8.14 -4.11
N SER A 41 -7.19 -7.53 -3.02
CA SER A 41 -8.60 -7.09 -2.94
C SER A 41 -8.85 -5.84 -3.80
N GLU A 42 -7.97 -4.84 -3.70
CA GLU A 42 -8.13 -3.58 -4.45
C GLU A 42 -8.11 -3.82 -5.97
N PHE A 43 -7.05 -4.44 -6.46
CA PHE A 43 -6.93 -4.77 -7.89
C PHE A 43 -8.08 -5.69 -8.34
N GLY A 44 -8.56 -6.54 -7.41
CA GLY A 44 -9.73 -7.36 -7.69
C GLY A 44 -11.02 -6.55 -7.83
N SER A 45 -11.04 -5.35 -7.24
CA SER A 45 -12.21 -4.47 -7.32
C SER A 45 -12.13 -3.52 -8.53
N LYS A 46 -11.10 -2.68 -8.57
CA LYS A 46 -10.96 -1.67 -9.62
C LYS A 46 -10.52 -2.27 -10.97
N HIS A 47 -9.91 -3.45 -10.95
CA HIS A 47 -9.36 -4.05 -12.18
C HIS A 47 -9.78 -5.52 -12.35
N ARG A 48 -10.39 -6.08 -11.30
CA ARG A 48 -10.81 -7.49 -11.29
C ARG A 48 -9.65 -8.46 -11.58
N VAL A 49 -8.46 -8.12 -11.09
CA VAL A 49 -7.28 -8.98 -11.22
C VAL A 49 -7.13 -9.89 -9.99
N PRO A 50 -7.11 -11.22 -10.19
CA PRO A 50 -6.97 -12.19 -9.08
C PRO A 50 -5.53 -12.31 -8.54
N ARG A 51 -5.39 -12.84 -7.32
CA ARG A 51 -4.07 -12.99 -6.66
C ARG A 51 -3.06 -13.75 -7.54
N SER A 52 -3.54 -14.74 -8.29
CA SER A 52 -2.69 -15.56 -9.16
C SER A 52 -2.04 -14.72 -10.28
N LYS A 53 -2.51 -13.49 -10.46
CA LYS A 53 -2.03 -12.63 -11.54
C LYS A 53 -1.51 -11.28 -11.01
N VAL A 54 -1.23 -11.22 -9.70
CA VAL A 54 -0.64 -10.03 -9.07
C VAL A 54 0.77 -10.32 -8.55
N LYS A 55 1.77 -9.70 -9.18
CA LYS A 55 3.19 -9.93 -8.83
C LYS A 55 3.74 -8.73 -8.05
N ILE A 56 4.43 -8.98 -6.93
CA ILE A 56 5.12 -7.92 -6.19
C ILE A 56 6.64 -7.96 -6.44
N GLU A 57 7.20 -6.83 -6.86
CA GLU A 57 8.64 -6.72 -7.14
C GLU A 57 9.42 -6.28 -5.88
N GLU A 58 9.10 -5.09 -5.38
CA GLU A 58 9.81 -4.49 -4.24
C GLU A 58 8.83 -3.85 -3.24
N ILE A 59 9.24 -3.77 -1.97
CA ILE A 59 8.44 -3.14 -0.91
C ILE A 59 9.29 -2.16 -0.09
N GLU A 60 9.07 -0.85 -0.30
CA GLU A 60 9.85 0.20 0.38
C GLU A 60 9.10 0.77 1.60
N GLU A 61 9.70 0.66 2.79
CA GLU A 61 9.09 1.18 4.02
C GLU A 61 9.36 2.69 4.21
N ILE A 62 8.28 3.48 4.24
CA ILE A 62 8.39 4.95 4.35
C ILE A 62 7.57 5.51 5.53
N SER A 63 7.79 6.79 5.83
CA SER A 63 7.06 7.49 6.89
C SER A 63 5.72 8.06 6.37
N PRO A 64 4.74 8.33 7.27
CA PRO A 64 3.41 8.84 6.87
C PRO A 64 3.46 10.09 5.98
N GLU A 65 4.38 11.01 6.28
CA GLU A 65 4.47 12.27 5.53
C GLU A 65 5.36 12.15 4.28
N GLU A 66 5.93 10.97 4.05
CA GLU A 66 6.73 10.70 2.85
C GLU A 66 5.87 10.05 1.75
N VAL A 67 4.59 9.89 2.04
CA VAL A 67 3.65 9.23 1.13
C VAL A 67 3.12 10.21 0.08
N GLN A 68 3.10 9.79 -1.18
CA GLN A 68 2.57 10.61 -2.27
C GLN A 68 1.07 10.37 -2.45
N ASP A 69 0.62 9.17 -2.09
CA ASP A 69 -0.81 8.83 -2.14
C ASP A 69 -1.61 9.64 -1.09
N PRO A 70 -2.53 10.52 -1.53
CA PRO A 70 -3.29 11.40 -0.62
C PRO A 70 -4.35 10.65 0.22
N VAL A 71 -4.68 9.42 -0.16
CA VAL A 71 -5.68 8.64 0.56
C VAL A 71 -5.05 7.91 1.77
N VAL A 72 -4.00 7.14 1.49
CA VAL A 72 -3.29 6.40 2.54
C VAL A 72 -2.59 7.35 3.52
N LYS A 73 -1.94 8.39 3.01
CA LYS A 73 -1.28 9.38 3.86
C LYS A 73 -2.25 9.96 4.90
N ALA A 74 -3.48 10.25 4.47
CA ALA A 74 -4.52 10.72 5.38
C ALA A 74 -4.99 9.62 6.35
N LEU A 75 -5.12 8.40 5.81
CA LEU A 75 -5.52 7.22 6.61
C LEU A 75 -4.58 7.03 7.82
N VAL A 76 -3.29 7.29 7.61
CA VAL A 76 -2.31 7.19 8.69
C VAL A 76 -2.26 8.48 9.54
N GLN A 77 -2.19 9.64 8.89
CA GLN A 77 -2.05 10.92 9.61
C GLN A 77 -3.29 11.27 10.45
N ARG A 78 -4.37 10.50 10.33
CA ARG A 78 -5.53 10.66 11.21
C ARG A 78 -5.30 10.01 12.58
N LEU A 79 -4.40 9.01 12.64
CA LEU A 79 -4.00 8.41 13.91
C LEU A 79 -2.65 9.00 14.40
N GLU A 80 -1.88 9.55 13.47
CA GLU A 80 -0.65 10.27 13.81
C GLU A 80 -0.95 11.60 14.50
N HIS A 81 -0.99 11.58 15.83
CA HIS A 81 -1.21 12.81 16.60
C HIS A 81 0.03 13.73 16.60
N HIS A 82 0.29 14.37 15.46
CA HIS A 82 1.38 15.35 15.34
C HIS A 82 0.82 16.78 15.26
N HIS A 83 -0.31 16.93 14.56
CA HIS A 83 -1.00 18.22 14.44
C HIS A 83 -1.56 18.69 15.80
N HIS A 84 -1.68 17.75 16.74
CA HIS A 84 -2.12 18.04 18.11
C HIS A 84 -1.09 18.93 18.83
N HIS A 85 -1.57 19.98 19.50
CA HIS A 85 -0.69 20.89 20.24
C HIS A 85 -0.20 20.25 21.56
N HIS A 86 0.93 20.73 22.05
CA HIS A 86 1.55 20.18 23.27
C HIS A 86 0.79 20.62 24.55
N MET A 1 3.39 -1.37 24.76
CA MET A 1 2.77 -2.17 23.66
C MET A 1 1.91 -1.27 22.75
N LYS A 2 2.37 -1.04 21.52
CA LYS A 2 1.66 -0.14 20.59
C LYS A 2 1.63 -0.73 19.17
N MET A 3 0.43 -1.02 18.66
CA MET A 3 0.26 -1.41 17.27
C MET A 3 0.28 -0.16 16.38
N LYS A 4 1.46 0.19 15.88
CA LYS A 4 1.64 1.40 15.08
C LYS A 4 2.07 1.05 13.65
N THR A 5 1.17 1.24 12.70
CA THR A 5 1.39 0.82 11.30
C THR A 5 2.56 1.56 10.63
N LYS A 6 3.23 0.87 9.72
CA LYS A 6 4.35 1.44 8.96
C LYS A 6 4.07 1.38 7.45
N ILE A 7 4.59 2.35 6.71
CA ILE A 7 4.28 2.48 5.28
C ILE A 7 5.35 1.81 4.40
N PHE A 8 4.91 0.95 3.49
CA PHE A 8 5.81 0.26 2.56
C PHE A 8 5.44 0.62 1.11
N ARG A 9 6.43 1.07 0.33
CA ARG A 9 6.21 1.40 -1.08
C ARG A 9 6.45 0.19 -1.97
N VAL A 10 5.36 -0.39 -2.49
CA VAL A 10 5.46 -1.56 -3.35
C VAL A 10 5.55 -1.18 -4.84
N LYS A 11 6.44 -1.87 -5.56
CA LYS A 11 6.62 -1.65 -7.00
C LYS A 11 6.66 -2.99 -7.73
N GLY A 12 5.62 -3.27 -8.53
CA GLY A 12 5.51 -4.57 -9.19
C GLY A 12 4.72 -4.53 -10.49
N LYS A 13 4.13 -5.68 -10.86
CA LYS A 13 3.42 -5.84 -12.13
C LYS A 13 2.02 -6.46 -11.90
N PHE A 14 1.02 -6.03 -12.69
CA PHE A 14 -0.31 -6.66 -12.61
C PHE A 14 -0.86 -6.98 -14.01
N LEU A 15 -1.59 -8.09 -14.13
CA LEU A 15 -2.13 -8.54 -15.41
C LEU A 15 -3.44 -7.80 -15.75
N MET A 16 -3.39 -6.98 -16.79
CA MET A 16 -4.57 -6.29 -17.31
C MET A 16 -4.77 -6.60 -18.79
N GLY A 17 -5.73 -7.48 -19.09
CA GLY A 17 -6.02 -7.85 -20.48
C GLY A 17 -4.83 -8.45 -21.21
N ASP A 18 -4.36 -9.62 -20.73
CA ASP A 18 -3.26 -10.38 -21.36
C ASP A 18 -1.89 -9.65 -21.23
N LYS A 19 -1.91 -8.37 -20.85
CA LYS A 19 -0.68 -7.56 -20.78
C LYS A 19 -0.31 -7.21 -19.33
N LEU A 20 0.98 -7.27 -19.01
CA LEU A 20 1.48 -6.87 -17.70
C LEU A 20 1.83 -5.37 -17.66
N GLN A 21 1.28 -4.65 -16.68
CA GLN A 21 1.61 -3.24 -16.46
C GLN A 21 2.24 -3.04 -15.07
N PRO A 22 3.31 -2.22 -14.97
CA PRO A 22 3.96 -1.92 -13.69
C PRO A 22 3.17 -0.92 -12.82
N PHE A 23 3.28 -1.07 -11.49
CA PHE A 23 2.56 -0.19 -10.56
C PHE A 23 3.42 0.21 -9.35
N THR A 24 3.23 1.44 -8.86
CA THR A 24 3.84 1.89 -7.61
C THR A 24 2.76 2.13 -6.54
N LYS A 25 2.59 1.16 -5.65
CA LYS A 25 1.54 1.23 -4.63
C LYS A 25 2.11 1.38 -3.21
N GLU A 26 1.96 2.56 -2.64
CA GLU A 26 2.32 2.80 -1.24
C GLU A 26 1.14 2.41 -0.33
N LEU A 27 1.42 1.64 0.72
CA LEU A 27 0.36 1.25 1.68
C LEU A 27 0.93 1.09 3.10
N ASN A 28 0.09 1.29 4.09
CA ASN A 28 0.48 1.13 5.49
C ASN A 28 0.05 -0.25 6.03
N ALA A 29 1.00 -0.96 6.61
CA ALA A 29 0.75 -2.32 7.10
C ALA A 29 1.44 -2.59 8.44
N ILE A 30 0.87 -3.51 9.22
CA ILE A 30 1.47 -3.92 10.50
C ILE A 30 2.69 -4.82 10.25
N ARG A 31 2.62 -5.58 9.15
CA ARG A 31 3.69 -6.51 8.76
C ARG A 31 3.67 -6.73 7.24
N GLU A 32 4.82 -7.11 6.67
CA GLU A 32 4.91 -7.33 5.21
C GLU A 32 3.90 -8.38 4.71
N GLU A 33 3.56 -9.35 5.56
CA GLU A 33 2.54 -10.35 5.22
C GLU A 33 1.17 -9.70 4.95
N GLU A 34 0.89 -8.57 5.60
CA GLU A 34 -0.34 -7.79 5.34
C GLU A 34 -0.37 -7.28 3.89
N ILE A 35 0.77 -6.74 3.45
CA ILE A 35 0.88 -6.07 2.14
C ILE A 35 0.22 -6.86 1.00
N TYR A 36 0.51 -8.15 0.94
CA TYR A 36 -0.03 -9.02 -0.11
C TYR A 36 -1.57 -8.93 -0.18
N GLU A 37 -2.25 -9.27 0.92
CA GLU A 37 -3.71 -9.27 0.95
C GLU A 37 -4.29 -7.86 0.78
N ARG A 38 -3.65 -6.86 1.39
CA ARG A 38 -4.10 -5.48 1.30
C ARG A 38 -4.10 -4.99 -0.17
N LEU A 39 -3.03 -5.32 -0.91
CA LEU A 39 -2.94 -4.96 -2.33
C LEU A 39 -3.97 -5.73 -3.16
N TYR A 40 -4.17 -7.01 -2.86
CA TYR A 40 -5.16 -7.83 -3.58
C TYR A 40 -6.54 -7.17 -3.55
N SER A 41 -6.92 -6.65 -2.39
CA SER A 41 -8.19 -5.90 -2.25
C SER A 41 -8.19 -4.65 -3.13
N GLU A 42 -7.08 -3.91 -3.13
CA GLU A 42 -6.93 -2.71 -3.97
C GLU A 42 -7.16 -3.03 -5.46
N PHE A 43 -6.38 -3.97 -5.99
CA PHE A 43 -6.52 -4.38 -7.40
C PHE A 43 -7.89 -4.99 -7.67
N GLY A 44 -8.46 -5.64 -6.66
CA GLY A 44 -9.83 -6.14 -6.77
C GLY A 44 -10.87 -5.02 -6.83
N SER A 45 -10.58 -3.91 -6.15
CA SER A 45 -11.50 -2.75 -6.11
C SER A 45 -11.46 -1.93 -7.40
N LYS A 46 -10.33 -1.28 -7.69
CA LYS A 46 -10.24 -0.36 -8.83
C LYS A 46 -9.83 -1.05 -10.15
N HIS A 47 -9.61 -2.37 -10.13
CA HIS A 47 -9.25 -3.10 -11.36
C HIS A 47 -9.92 -4.48 -11.46
N ARG A 48 -10.47 -4.99 -10.35
CA ARG A 48 -11.14 -6.30 -10.34
C ARG A 48 -10.20 -7.44 -10.80
N VAL A 49 -8.90 -7.27 -10.56
CA VAL A 49 -7.89 -8.25 -10.96
C VAL A 49 -7.71 -9.34 -9.88
N PRO A 50 -7.75 -10.64 -10.29
CA PRO A 50 -7.52 -11.76 -9.36
C PRO A 50 -6.11 -11.73 -8.73
N ARG A 51 -6.01 -12.16 -7.47
CA ARG A 51 -4.77 -12.04 -6.70
C ARG A 51 -3.60 -12.83 -7.32
N SER A 52 -3.91 -13.90 -8.04
CA SER A 52 -2.87 -14.70 -8.72
C SER A 52 -2.23 -13.92 -9.88
N LYS A 53 -2.89 -12.86 -10.33
CA LYS A 53 -2.39 -12.03 -11.43
C LYS A 53 -1.69 -10.76 -10.92
N VAL A 54 -1.60 -10.61 -9.60
CA VAL A 54 -0.91 -9.48 -8.99
C VAL A 54 0.52 -9.89 -8.57
N LYS A 55 1.52 -9.42 -9.30
CA LYS A 55 2.92 -9.80 -9.07
C LYS A 55 3.69 -8.73 -8.28
N ILE A 56 3.92 -8.98 -6.99
CA ILE A 56 4.69 -8.07 -6.14
C ILE A 56 6.20 -8.29 -6.34
N GLU A 57 6.91 -7.25 -6.77
CA GLU A 57 8.35 -7.34 -7.08
C GLU A 57 9.22 -6.62 -6.01
N GLU A 58 8.86 -5.38 -5.68
CA GLU A 58 9.64 -4.56 -4.75
C GLU A 58 8.79 -4.07 -3.55
N ILE A 59 9.40 -4.04 -2.36
CA ILE A 59 8.74 -3.56 -1.13
C ILE A 59 9.71 -2.69 -0.31
N GLU A 60 9.63 -1.36 -0.48
CA GLU A 60 10.56 -0.44 0.18
C GLU A 60 9.94 0.20 1.44
N GLU A 61 10.48 -0.11 2.62
CA GLU A 61 10.00 0.51 3.86
C GLU A 61 10.40 2.00 3.91
N ILE A 62 9.45 2.88 4.24
CA ILE A 62 9.72 4.31 4.35
C ILE A 62 9.22 4.89 5.68
N SER A 63 9.48 6.18 5.89
CA SER A 63 9.01 6.88 7.10
C SER A 63 7.61 7.45 6.88
N PRO A 64 6.78 7.55 7.95
CA PRO A 64 5.39 8.07 7.84
C PRO A 64 5.32 9.45 7.17
N GLU A 65 6.40 10.22 7.24
CA GLU A 65 6.45 11.55 6.62
C GLU A 65 6.78 11.49 5.13
N GLU A 66 7.49 10.44 4.70
CA GLU A 66 7.95 10.31 3.31
C GLU A 66 6.82 9.88 2.35
N VAL A 67 5.69 9.45 2.91
CA VAL A 67 4.56 8.93 2.12
C VAL A 67 4.07 9.96 1.08
N GLN A 68 3.98 9.53 -0.18
CA GLN A 68 3.56 10.40 -1.28
C GLN A 68 2.04 10.33 -1.50
N ASP A 69 1.45 9.17 -1.23
CA ASP A 69 0.01 8.97 -1.41
C ASP A 69 -0.79 9.66 -0.28
N PRO A 70 -1.70 10.60 -0.61
CA PRO A 70 -2.46 11.36 0.40
C PRO A 70 -3.50 10.52 1.17
N VAL A 71 -3.98 9.45 0.54
CA VAL A 71 -5.00 8.59 1.17
C VAL A 71 -4.37 7.69 2.24
N VAL A 72 -3.29 7.01 1.86
CA VAL A 72 -2.54 6.17 2.80
C VAL A 72 -1.91 7.01 3.91
N LYS A 73 -1.31 8.15 3.54
CA LYS A 73 -0.68 9.05 4.51
C LYS A 73 -1.70 9.52 5.57
N ALA A 74 -2.89 9.91 5.12
CA ALA A 74 -3.97 10.33 6.03
C ALA A 74 -4.44 9.15 6.91
N LEU A 75 -4.41 7.95 6.35
CA LEU A 75 -4.80 6.73 7.08
C LEU A 75 -3.86 6.48 8.26
N VAL A 76 -2.58 6.83 8.08
CA VAL A 76 -1.58 6.70 9.14
C VAL A 76 -1.62 7.88 10.11
N GLN A 77 -1.55 9.10 9.57
CA GLN A 77 -1.49 10.32 10.37
C GLN A 77 -2.68 10.47 11.33
N ARG A 78 -3.74 9.70 11.11
CA ARG A 78 -4.91 9.72 12.01
C ARG A 78 -4.51 9.37 13.45
N LEU A 79 -3.51 8.50 13.61
CA LEU A 79 -3.06 8.06 14.93
C LEU A 79 -1.64 8.56 15.26
N GLU A 80 -1.01 9.25 14.31
CA GLU A 80 0.36 9.74 14.48
C GLU A 80 0.48 10.83 15.55
N HIS A 81 1.71 11.02 16.01
CA HIS A 81 2.05 11.99 17.07
C HIS A 81 1.46 13.39 16.81
N HIS A 82 0.57 13.82 17.72
CA HIS A 82 0.00 15.18 17.69
C HIS A 82 -0.83 15.44 16.43
N HIS A 83 -1.50 14.40 15.93
CA HIS A 83 -2.41 14.53 14.78
C HIS A 83 -3.47 15.62 15.00
N HIS A 84 -3.65 16.50 14.02
CA HIS A 84 -4.58 17.64 14.15
C HIS A 84 -5.39 17.87 12.87
N HIS A 85 -6.70 18.03 13.01
CA HIS A 85 -7.61 18.26 11.87
C HIS A 85 -7.76 19.76 11.56
N HIS A 86 -8.16 20.07 10.34
CA HIS A 86 -8.38 21.46 9.91
C HIS A 86 -9.89 21.79 9.85
N MET A 1 5.43 -1.82 22.65
CA MET A 1 5.55 -0.68 21.71
C MET A 1 4.18 -0.14 21.30
N LYS A 2 4.10 1.16 21.04
CA LYS A 2 2.84 1.79 20.60
C LYS A 2 2.47 1.35 19.17
N MET A 3 1.23 0.92 18.98
CA MET A 3 0.81 0.34 17.70
C MET A 3 0.74 1.37 16.57
N LYS A 4 1.46 1.08 15.49
CA LYS A 4 1.46 1.92 14.28
C LYS A 4 1.52 1.06 13.02
N THR A 5 0.70 1.38 12.02
CA THR A 5 0.74 0.67 10.74
C THR A 5 1.82 1.25 9.82
N LYS A 6 2.66 0.37 9.27
CA LYS A 6 3.76 0.78 8.39
C LYS A 6 3.29 0.97 6.95
N ILE A 7 3.83 2.00 6.28
CA ILE A 7 3.49 2.26 4.88
C ILE A 7 4.51 1.60 3.95
N PHE A 8 4.07 0.60 3.22
CA PHE A 8 4.95 -0.15 2.33
C PHE A 8 4.82 0.32 0.87
N ARG A 9 5.95 0.69 0.28
CA ARG A 9 6.00 1.07 -1.14
C ARG A 9 6.24 -0.17 -2.01
N VAL A 10 5.22 -0.60 -2.73
CA VAL A 10 5.28 -1.87 -3.48
C VAL A 10 5.43 -1.64 -5.00
N LYS A 11 6.62 -1.94 -5.51
CA LYS A 11 6.86 -1.96 -6.95
C LYS A 11 6.62 -3.38 -7.52
N GLY A 12 5.70 -3.50 -8.47
CA GLY A 12 5.41 -4.79 -9.07
C GLY A 12 4.79 -4.69 -10.47
N LYS A 13 4.14 -5.76 -10.90
CA LYS A 13 3.49 -5.82 -12.22
C LYS A 13 2.15 -6.55 -12.14
N PHE A 14 1.16 -6.08 -12.90
CA PHE A 14 -0.16 -6.74 -12.96
C PHE A 14 -0.48 -7.20 -14.39
N LEU A 15 -0.88 -8.47 -14.52
CA LEU A 15 -1.21 -9.06 -15.82
C LEU A 15 -2.54 -8.51 -16.35
N MET A 16 -2.44 -7.52 -17.23
CA MET A 16 -3.62 -6.94 -17.88
C MET A 16 -3.44 -7.00 -19.41
N GLY A 17 -4.48 -7.46 -20.12
CA GLY A 17 -4.38 -7.64 -21.56
C GLY A 17 -3.30 -8.65 -21.96
N ASP A 18 -3.13 -9.69 -21.15
CA ASP A 18 -2.08 -10.70 -21.33
C ASP A 18 -0.66 -10.09 -21.30
N LYS A 19 -0.54 -8.89 -20.71
CA LYS A 19 0.75 -8.21 -20.57
C LYS A 19 1.00 -7.77 -19.12
N LEU A 20 2.26 -7.79 -18.68
CA LEU A 20 2.61 -7.34 -17.33
C LEU A 20 2.96 -5.85 -17.30
N GLN A 21 2.01 -5.01 -16.89
CA GLN A 21 2.25 -3.57 -16.73
C GLN A 21 2.74 -3.27 -15.30
N PRO A 22 3.79 -2.44 -15.16
CA PRO A 22 4.38 -2.13 -13.86
C PRO A 22 3.56 -1.11 -13.05
N PHE A 23 3.44 -1.34 -11.75
CA PHE A 23 2.74 -0.43 -10.85
C PHE A 23 3.57 -0.12 -9.59
N THR A 24 3.33 1.03 -8.98
CA THR A 24 3.99 1.39 -7.70
C THR A 24 2.94 1.78 -6.66
N LYS A 25 2.55 0.81 -5.84
CA LYS A 25 1.45 0.99 -4.88
C LYS A 25 1.94 1.16 -3.44
N GLU A 26 1.64 2.32 -2.86
CA GLU A 26 1.87 2.54 -1.43
C GLU A 26 0.63 2.17 -0.62
N LEU A 27 0.79 1.29 0.37
CA LEU A 27 -0.33 0.90 1.24
C LEU A 27 0.16 0.71 2.68
N ASN A 28 -0.77 0.81 3.63
CA ASN A 28 -0.45 0.56 5.03
C ASN A 28 -0.63 -0.92 5.39
N ALA A 29 0.19 -1.42 6.32
CA ALA A 29 0.10 -2.81 6.75
C ALA A 29 0.93 -3.07 8.02
N ILE A 30 0.86 -4.30 8.53
CA ILE A 30 1.66 -4.71 9.69
C ILE A 30 2.97 -5.39 9.24
N ARG A 31 2.89 -6.11 8.12
CA ARG A 31 4.05 -6.84 7.57
C ARG A 31 3.87 -7.10 6.08
N GLU A 32 4.93 -7.60 5.41
CA GLU A 32 4.89 -7.88 3.98
C GLU A 32 3.79 -8.90 3.62
N GLU A 33 3.58 -9.86 4.51
CA GLU A 33 2.53 -10.88 4.31
C GLU A 33 1.13 -10.27 4.24
N GLU A 34 0.94 -9.11 4.87
CA GLU A 34 -0.34 -8.41 4.81
C GLU A 34 -0.52 -7.70 3.47
N ILE A 35 0.60 -7.18 2.94
CA ILE A 35 0.60 -6.44 1.67
C ILE A 35 -0.11 -7.23 0.55
N TYR A 36 0.27 -8.50 0.40
CA TYR A 36 -0.26 -9.36 -0.65
C TYR A 36 -1.80 -9.29 -0.72
N GLU A 37 -2.45 -9.82 0.30
CA GLU A 37 -3.92 -9.89 0.33
C GLU A 37 -4.58 -8.50 0.28
N ARG A 38 -3.97 -7.51 0.93
CA ARG A 38 -4.53 -6.15 0.95
C ARG A 38 -4.52 -5.52 -0.46
N LEU A 39 -3.43 -5.69 -1.21
CA LEU A 39 -3.37 -5.23 -2.60
C LEU A 39 -4.34 -6.02 -3.48
N TYR A 40 -4.30 -7.34 -3.35
CA TYR A 40 -5.20 -8.22 -4.12
C TYR A 40 -6.67 -7.86 -3.87
N SER A 41 -6.97 -7.45 -2.63
CA SER A 41 -8.31 -6.97 -2.27
C SER A 41 -8.65 -5.65 -2.99
N GLU A 42 -7.66 -4.75 -3.06
CA GLU A 42 -7.85 -3.46 -3.74
C GLU A 42 -8.04 -3.64 -5.25
N PHE A 43 -7.05 -4.25 -5.91
CA PHE A 43 -7.12 -4.49 -7.37
C PHE A 43 -8.41 -5.22 -7.76
N GLY A 44 -8.83 -6.18 -6.94
CA GLY A 44 -10.08 -6.90 -7.19
C GLY A 44 -11.31 -6.00 -7.09
N SER A 45 -11.23 -4.96 -6.26
CA SER A 45 -12.37 -4.06 -6.03
C SER A 45 -12.44 -2.93 -7.07
N LYS A 46 -11.31 -2.25 -7.32
CA LYS A 46 -11.29 -1.06 -8.21
C LYS A 46 -10.78 -1.38 -9.62
N HIS A 47 -10.36 -2.62 -9.88
CA HIS A 47 -9.94 -3.03 -11.23
C HIS A 47 -10.50 -4.40 -11.63
N ARG A 48 -10.91 -5.19 -10.62
CA ARG A 48 -11.40 -6.56 -10.83
C ARG A 48 -10.32 -7.48 -11.42
N VAL A 49 -9.06 -7.20 -11.08
CA VAL A 49 -7.93 -8.04 -11.51
C VAL A 49 -7.68 -9.15 -10.48
N PRO A 50 -7.81 -10.44 -10.89
CA PRO A 50 -7.62 -11.59 -9.99
C PRO A 50 -6.20 -11.68 -9.39
N ARG A 51 -6.10 -12.11 -8.14
CA ARG A 51 -4.82 -12.16 -7.43
C ARG A 51 -3.83 -13.18 -8.05
N SER A 52 -4.35 -14.07 -8.88
CA SER A 52 -3.50 -15.01 -9.64
C SER A 52 -2.72 -14.27 -10.74
N LYS A 53 -3.18 -13.06 -11.08
CA LYS A 53 -2.60 -12.29 -12.18
C LYS A 53 -1.74 -11.10 -11.69
N VAL A 54 -1.74 -10.85 -10.38
CA VAL A 54 -0.92 -9.76 -9.80
C VAL A 54 0.38 -10.32 -9.19
N LYS A 55 1.51 -9.63 -9.41
CA LYS A 55 2.80 -10.11 -8.90
C LYS A 55 3.69 -8.94 -8.41
N ILE A 56 4.29 -9.10 -7.24
CA ILE A 56 5.16 -8.07 -6.66
C ILE A 56 6.65 -8.30 -7.00
N GLU A 57 7.41 -7.21 -7.15
CA GLU A 57 8.84 -7.30 -7.49
C GLU A 57 9.74 -6.81 -6.34
N GLU A 58 9.46 -5.61 -5.84
CA GLU A 58 10.33 -4.94 -4.86
C GLU A 58 9.49 -4.09 -3.88
N ILE A 59 9.82 -4.15 -2.58
CA ILE A 59 9.04 -3.45 -1.55
C ILE A 59 9.92 -2.64 -0.56
N GLU A 60 9.56 -1.37 -0.35
CA GLU A 60 10.20 -0.54 0.68
C GLU A 60 9.26 -0.32 1.88
N GLU A 61 9.81 0.06 3.03
CA GLU A 61 9.02 0.36 4.23
C GLU A 61 9.34 1.78 4.75
N ILE A 62 8.34 2.66 4.75
CA ILE A 62 8.55 4.08 5.09
C ILE A 62 7.55 4.58 6.18
N SER A 63 7.83 5.78 6.69
CA SER A 63 6.96 6.44 7.68
C SER A 63 5.85 7.26 7.00
N PRO A 64 4.74 7.57 7.71
CA PRO A 64 3.58 8.28 7.13
C PRO A 64 3.89 9.73 6.68
N GLU A 65 5.16 10.14 6.76
CA GLU A 65 5.57 11.47 6.32
C GLU A 65 6.22 11.44 4.92
N GLU A 66 6.58 10.24 4.45
CA GLU A 66 7.21 10.08 3.13
C GLU A 66 6.24 9.45 2.10
N VAL A 67 4.95 9.44 2.43
CA VAL A 67 3.94 8.82 1.58
C VAL A 67 3.50 9.76 0.44
N GLN A 68 3.54 9.26 -0.80
CA GLN A 68 3.12 10.06 -1.96
C GLN A 68 1.59 10.04 -2.13
N ASP A 69 0.94 9.00 -1.62
CA ASP A 69 -0.51 8.88 -1.66
C ASP A 69 -1.17 9.61 -0.45
N PRO A 70 -2.02 10.62 -0.72
CA PRO A 70 -2.68 11.40 0.36
C PRO A 70 -3.68 10.57 1.17
N VAL A 71 -4.34 9.60 0.52
CA VAL A 71 -5.33 8.76 1.20
C VAL A 71 -4.65 7.81 2.19
N VAL A 72 -3.60 7.12 1.72
CA VAL A 72 -2.81 6.24 2.59
C VAL A 72 -2.20 7.02 3.76
N LYS A 73 -1.65 8.20 3.46
CA LYS A 73 -1.08 9.08 4.49
C LYS A 73 -2.09 9.37 5.61
N ALA A 74 -3.28 9.85 5.21
CA ALA A 74 -4.35 10.15 6.18
C ALA A 74 -4.81 8.89 6.93
N LEU A 75 -4.92 7.78 6.21
CA LEU A 75 -5.36 6.50 6.78
C LEU A 75 -4.48 6.11 7.99
N VAL A 76 -3.18 6.40 7.88
CA VAL A 76 -2.23 6.13 8.97
C VAL A 76 -2.22 7.25 10.02
N GLN A 77 -1.97 8.48 9.57
CA GLN A 77 -1.83 9.63 10.48
C GLN A 77 -3.13 10.00 11.20
N ARG A 78 -4.23 9.29 10.92
CA ARG A 78 -5.49 9.52 11.63
C ARG A 78 -5.54 8.75 12.97
N LEU A 79 -4.81 7.63 13.06
CA LEU A 79 -4.75 6.84 14.29
C LEU A 79 -3.63 7.34 15.22
N GLU A 80 -2.75 8.17 14.69
CA GLU A 80 -1.66 8.76 15.45
C GLU A 80 -2.09 10.08 16.12
N HIS A 81 -1.38 10.47 17.17
CA HIS A 81 -1.59 11.77 17.81
C HIS A 81 -0.37 12.68 17.59
N HIS A 82 -0.60 13.90 17.13
CA HIS A 82 0.50 14.78 16.70
C HIS A 82 0.54 16.10 17.50
N HIS A 83 1.49 16.96 17.14
CA HIS A 83 1.72 18.25 17.82
C HIS A 83 0.49 19.19 17.73
N HIS A 84 0.16 19.83 18.86
CA HIS A 84 -0.93 20.81 18.90
C HIS A 84 -0.51 22.12 18.21
N HIS A 85 -1.34 22.63 17.31
CA HIS A 85 -0.98 23.83 16.55
C HIS A 85 -0.98 25.10 17.43
N HIS A 86 -1.90 25.14 18.40
CA HIS A 86 -1.93 26.26 19.38
C HIS A 86 -1.26 25.88 20.72
N MET A 1 0.77 -7.52 17.56
CA MET A 1 -0.71 -7.27 17.51
C MET A 1 -1.02 -5.81 17.86
N LYS A 2 -2.08 -5.26 17.24
CA LYS A 2 -2.54 -3.89 17.50
C LYS A 2 -1.43 -2.85 17.27
N MET A 3 -0.47 -3.18 16.40
CA MET A 3 0.67 -2.31 16.12
C MET A 3 0.26 -1.11 15.24
N LYS A 4 0.79 0.08 15.55
CA LYS A 4 0.49 1.28 14.77
C LYS A 4 1.01 1.13 13.33
N THR A 5 0.10 1.28 12.35
CA THR A 5 0.39 0.96 10.95
C THR A 5 1.48 1.86 10.33
N LYS A 6 2.13 1.33 9.29
CA LYS A 6 3.16 2.04 8.54
C LYS A 6 2.77 2.11 7.05
N ILE A 7 3.27 3.10 6.32
CA ILE A 7 2.93 3.25 4.91
C ILE A 7 3.98 2.61 4.00
N PHE A 8 3.55 1.65 3.18
CA PHE A 8 4.47 0.93 2.28
C PHE A 8 4.20 1.27 0.81
N ARG A 9 5.23 1.77 0.14
CA ARG A 9 5.18 2.02 -1.31
C ARG A 9 5.68 0.79 -2.07
N VAL A 10 4.74 -0.02 -2.55
CA VAL A 10 5.08 -1.29 -3.20
C VAL A 10 5.31 -1.13 -4.72
N LYS A 11 6.50 -1.54 -5.15
CA LYS A 11 6.85 -1.58 -6.57
C LYS A 11 6.72 -3.02 -7.11
N GLY A 12 5.93 -3.21 -8.17
CA GLY A 12 5.73 -4.54 -8.72
C GLY A 12 5.16 -4.53 -10.13
N LYS A 13 4.72 -5.69 -10.60
CA LYS A 13 4.20 -5.85 -11.98
C LYS A 13 2.82 -6.54 -11.96
N PHE A 14 1.90 -6.07 -12.81
CA PHE A 14 0.58 -6.71 -12.94
C PHE A 14 0.30 -7.08 -14.40
N LEU A 15 -0.28 -8.25 -14.60
CA LEU A 15 -0.54 -8.80 -15.94
C LEU A 15 -1.84 -8.21 -16.53
N MET A 16 -1.69 -7.11 -17.29
CA MET A 16 -2.82 -6.44 -17.93
C MET A 16 -2.72 -6.58 -19.46
N GLY A 17 -3.83 -6.93 -20.11
CA GLY A 17 -3.83 -7.12 -21.56
C GLY A 17 -2.87 -8.22 -22.00
N ASP A 18 -2.75 -9.25 -21.16
CA ASP A 18 -1.81 -10.37 -21.39
C ASP A 18 -0.33 -9.91 -21.36
N LYS A 19 -0.10 -8.67 -20.93
CA LYS A 19 1.25 -8.09 -20.88
C LYS A 19 1.62 -7.64 -19.45
N LEU A 20 2.92 -7.48 -19.19
CA LEU A 20 3.40 -7.11 -17.85
C LEU A 20 3.66 -5.60 -17.72
N GLN A 21 2.85 -4.92 -16.91
CA GLN A 21 3.05 -3.49 -16.64
C GLN A 21 3.49 -3.27 -15.17
N PRO A 22 4.60 -2.52 -14.95
CA PRO A 22 5.10 -2.26 -13.59
C PRO A 22 4.32 -1.14 -12.86
N PHE A 23 3.67 -1.52 -11.76
CA PHE A 23 2.87 -0.56 -10.96
C PHE A 23 3.64 -0.09 -9.71
N THR A 24 3.08 0.89 -9.01
CA THR A 24 3.63 1.37 -7.73
C THR A 24 2.49 1.81 -6.81
N LYS A 25 2.11 0.95 -5.86
CA LYS A 25 0.95 1.22 -5.00
C LYS A 25 1.36 1.43 -3.53
N GLU A 26 0.95 2.56 -2.97
CA GLU A 26 1.16 2.87 -1.55
C GLU A 26 -0.05 2.42 -0.72
N LEU A 27 0.21 1.66 0.35
CA LEU A 27 -0.86 1.22 1.26
C LEU A 27 -0.32 1.07 2.70
N ASN A 28 -1.21 1.22 3.68
CA ASN A 28 -0.81 1.13 5.09
C ASN A 28 -0.89 -0.30 5.63
N ALA A 29 0.17 -0.75 6.29
CA ALA A 29 0.23 -2.11 6.83
C ALA A 29 1.23 -2.20 8.01
N ILE A 30 1.13 -3.27 8.79
CA ILE A 30 2.07 -3.51 9.89
C ILE A 30 3.37 -4.16 9.36
N ARG A 31 3.21 -5.11 8.44
CA ARG A 31 4.36 -5.79 7.80
C ARG A 31 3.96 -6.37 6.44
N GLU A 32 4.89 -7.06 5.76
CA GLU A 32 4.66 -7.54 4.40
C GLU A 32 3.47 -8.53 4.30
N GLU A 33 3.30 -9.39 5.31
CA GLU A 33 2.17 -10.35 5.32
C GLU A 33 0.83 -9.64 5.06
N GLU A 34 0.65 -8.49 5.71
CA GLU A 34 -0.57 -7.69 5.53
C GLU A 34 -0.65 -7.14 4.09
N ILE A 35 0.50 -6.69 3.60
CA ILE A 35 0.60 -6.10 2.26
C ILE A 35 0.18 -7.10 1.17
N TYR A 36 0.73 -8.32 1.22
CA TYR A 36 0.40 -9.36 0.24
C TYR A 36 -1.11 -9.54 0.10
N GLU A 37 -1.77 -9.79 1.23
CA GLU A 37 -3.22 -10.03 1.26
C GLU A 37 -4.01 -8.83 0.70
N ARG A 38 -3.66 -7.62 1.15
CA ARG A 38 -4.44 -6.43 0.79
C ARG A 38 -4.17 -5.96 -0.66
N LEU A 39 -2.98 -6.21 -1.18
CA LEU A 39 -2.70 -5.95 -2.61
C LEU A 39 -3.53 -6.88 -3.50
N TYR A 40 -3.44 -8.18 -3.24
CA TYR A 40 -4.24 -9.16 -3.98
C TYR A 40 -5.74 -8.84 -3.91
N SER A 41 -6.17 -8.39 -2.73
CA SER A 41 -7.57 -7.97 -2.54
C SER A 41 -7.88 -6.65 -3.27
N GLU A 42 -6.94 -5.72 -3.27
CA GLU A 42 -7.13 -4.43 -3.93
C GLU A 42 -7.35 -4.61 -5.44
N PHE A 43 -6.38 -5.23 -6.11
CA PHE A 43 -6.49 -5.50 -7.55
C PHE A 43 -7.79 -6.26 -7.89
N GLY A 44 -8.13 -7.24 -7.07
CA GLY A 44 -9.37 -7.99 -7.26
C GLY A 44 -10.63 -7.15 -7.06
N SER A 45 -10.60 -6.27 -6.06
CA SER A 45 -11.78 -5.45 -5.73
C SER A 45 -11.98 -4.28 -6.70
N LYS A 46 -11.04 -3.34 -6.72
CA LYS A 46 -11.20 -2.10 -7.50
C LYS A 46 -10.81 -2.28 -8.99
N HIS A 47 -9.92 -3.23 -9.28
CA HIS A 47 -9.39 -3.39 -10.65
C HIS A 47 -9.93 -4.69 -11.33
N ARG A 48 -10.58 -5.55 -10.55
CA ARG A 48 -11.12 -6.83 -11.05
C ARG A 48 -10.03 -7.76 -11.62
N VAL A 49 -8.78 -7.57 -11.16
CA VAL A 49 -7.65 -8.39 -11.60
C VAL A 49 -7.38 -9.55 -10.64
N PRO A 50 -7.30 -10.80 -11.15
CA PRO A 50 -6.99 -11.98 -10.31
C PRO A 50 -5.60 -11.89 -9.67
N ARG A 51 -5.49 -12.30 -8.40
CA ARG A 51 -4.24 -12.21 -7.65
C ARG A 51 -3.09 -13.00 -8.31
N SER A 52 -3.44 -14.07 -9.04
CA SER A 52 -2.45 -14.86 -9.78
C SER A 52 -1.69 -14.01 -10.80
N LYS A 53 -2.29 -12.87 -11.18
CA LYS A 53 -1.70 -11.98 -12.18
C LYS A 53 -1.01 -10.75 -11.54
N VAL A 54 -0.74 -10.83 -10.23
CA VAL A 54 -0.07 -9.74 -9.51
C VAL A 54 1.23 -10.25 -8.83
N LYS A 55 2.35 -9.61 -9.12
CA LYS A 55 3.65 -9.99 -8.55
C LYS A 55 4.43 -8.76 -8.06
N ILE A 56 5.07 -8.89 -6.89
CA ILE A 56 5.82 -7.77 -6.29
C ILE A 56 7.32 -7.83 -6.64
N GLU A 57 7.93 -6.66 -6.83
CA GLU A 57 9.38 -6.55 -7.06
C GLU A 57 10.12 -6.15 -5.77
N GLU A 58 9.70 -5.03 -5.19
CA GLU A 58 10.34 -4.48 -3.99
C GLU A 58 9.37 -3.59 -3.20
N ILE A 59 9.40 -3.70 -1.87
CA ILE A 59 8.50 -2.92 -1.00
C ILE A 59 9.25 -1.83 -0.20
N GLU A 60 8.82 -0.58 -0.36
CA GLU A 60 9.43 0.56 0.32
C GLU A 60 8.63 0.96 1.59
N GLU A 61 9.32 1.22 2.69
CA GLU A 61 8.68 1.67 3.93
C GLU A 61 8.93 3.18 4.16
N ILE A 62 7.85 3.97 4.24
CA ILE A 62 7.97 5.42 4.41
C ILE A 62 7.10 5.95 5.57
N SER A 63 7.52 7.07 6.14
CA SER A 63 6.80 7.70 7.26
C SER A 63 5.52 8.43 6.78
N PRO A 64 4.52 8.58 7.67
CA PRO A 64 3.21 9.20 7.31
C PRO A 64 3.33 10.56 6.60
N GLU A 65 4.19 11.45 7.11
CA GLU A 65 4.35 12.79 6.52
C GLU A 65 5.22 12.76 5.24
N GLU A 66 5.71 11.57 4.89
CA GLU A 66 6.53 11.39 3.67
C GLU A 66 5.73 10.68 2.56
N VAL A 67 4.49 10.30 2.86
CA VAL A 67 3.66 9.57 1.90
C VAL A 67 3.30 10.42 0.67
N GLN A 68 3.38 9.81 -0.51
CA GLN A 68 3.05 10.52 -1.75
C GLN A 68 1.55 10.50 -2.02
N ASP A 69 0.88 9.41 -1.65
CA ASP A 69 -0.57 9.28 -1.83
C ASP A 69 -1.35 10.02 -0.71
N PRO A 70 -2.31 10.89 -1.08
CA PRO A 70 -3.10 11.68 -0.10
C PRO A 70 -4.01 10.81 0.78
N VAL A 71 -4.69 9.83 0.18
CA VAL A 71 -5.67 9.01 0.91
C VAL A 71 -4.99 8.10 1.95
N VAL A 72 -3.94 7.39 1.53
CA VAL A 72 -3.19 6.51 2.44
C VAL A 72 -2.57 7.33 3.59
N LYS A 73 -2.05 8.52 3.27
CA LYS A 73 -1.50 9.42 4.28
C LYS A 73 -2.56 9.83 5.31
N ALA A 74 -3.70 10.31 4.83
CA ALA A 74 -4.81 10.73 5.70
C ALA A 74 -5.33 9.57 6.56
N LEU A 75 -5.36 8.37 5.97
CA LEU A 75 -5.84 7.16 6.67
C LEU A 75 -5.04 6.93 7.96
N VAL A 76 -3.76 7.28 7.95
CA VAL A 76 -2.91 7.13 9.13
C VAL A 76 -2.92 8.38 10.03
N GLN A 77 -2.78 9.57 9.42
CA GLN A 77 -2.72 10.82 10.17
C GLN A 77 -3.98 11.08 11.02
N ARG A 78 -5.12 10.53 10.59
CA ARG A 78 -6.39 10.72 11.32
C ARG A 78 -6.29 10.30 12.79
N LEU A 79 -5.55 9.23 13.06
CA LEU A 79 -5.41 8.72 14.44
C LEU A 79 -4.15 9.26 15.14
N GLU A 80 -3.14 9.63 14.36
CA GLU A 80 -1.88 10.14 14.93
C GLU A 80 -2.02 11.60 15.40
N HIS A 81 -1.92 11.82 16.71
CA HIS A 81 -1.87 13.17 17.26
C HIS A 81 -0.48 13.79 17.02
N HIS A 82 -0.28 14.37 15.84
CA HIS A 82 1.00 14.97 15.49
C HIS A 82 1.24 16.30 16.22
N HIS A 83 2.49 16.75 16.24
CA HIS A 83 2.84 18.05 16.83
C HIS A 83 2.54 19.18 15.84
N HIS A 84 1.55 20.02 16.15
CA HIS A 84 1.11 21.08 15.23
C HIS A 84 0.90 22.42 15.95
N HIS A 85 1.73 23.40 15.58
CA HIS A 85 1.61 24.77 16.10
C HIS A 85 2.72 25.68 15.52
N HIS A 86 2.30 26.78 14.90
CA HIS A 86 3.26 27.76 14.35
C HIS A 86 3.20 29.09 15.15
N MET A 1 -2.06 -4.09 20.43
CA MET A 1 -0.79 -3.42 20.02
C MET A 1 -1.09 -2.18 19.14
N LYS A 2 -0.86 -0.99 19.68
CA LYS A 2 -0.95 0.25 18.89
C LYS A 2 0.43 0.61 18.32
N MET A 3 0.52 0.72 16.99
CA MET A 3 1.81 1.01 16.33
C MET A 3 1.65 2.01 15.17
N LYS A 4 2.49 3.05 15.19
CA LYS A 4 2.52 4.04 14.10
C LYS A 4 2.92 3.35 12.78
N THR A 5 1.95 3.21 11.88
CA THR A 5 2.14 2.47 10.61
C THR A 5 3.31 3.02 9.77
N LYS A 6 3.94 2.13 9.01
CA LYS A 6 4.96 2.50 8.02
C LYS A 6 4.31 2.76 6.66
N ILE A 7 5.06 3.34 5.72
CA ILE A 7 4.59 3.46 4.34
C ILE A 7 5.53 2.71 3.39
N PHE A 8 4.97 1.78 2.62
CA PHE A 8 5.77 0.99 1.69
C PHE A 8 5.43 1.33 0.23
N ARG A 9 6.44 1.75 -0.52
CA ARG A 9 6.29 2.00 -1.95
C ARG A 9 6.59 0.71 -2.73
N VAL A 10 5.54 -0.02 -3.07
CA VAL A 10 5.66 -1.35 -3.67
C VAL A 10 5.75 -1.32 -5.20
N LYS A 11 6.67 -2.12 -5.74
CA LYS A 11 6.83 -2.28 -7.19
C LYS A 11 6.53 -3.73 -7.60
N GLY A 12 5.67 -3.93 -8.59
CA GLY A 12 5.33 -5.27 -9.04
C GLY A 12 4.61 -5.32 -10.38
N LYS A 13 3.91 -6.42 -10.65
CA LYS A 13 3.15 -6.58 -11.91
C LYS A 13 1.79 -7.23 -11.66
N PHE A 14 0.81 -6.91 -12.50
CA PHE A 14 -0.51 -7.57 -12.43
C PHE A 14 -0.93 -8.11 -13.81
N LEU A 15 -1.36 -9.37 -13.83
CA LEU A 15 -1.80 -10.02 -15.06
C LEU A 15 -3.18 -9.51 -15.47
N MET A 16 -3.21 -8.60 -16.42
CA MET A 16 -4.46 -8.04 -16.96
C MET A 16 -4.58 -8.34 -18.46
N GLY A 17 -5.57 -9.16 -18.83
CA GLY A 17 -5.78 -9.51 -20.24
C GLY A 17 -4.63 -10.33 -20.82
N ASP A 18 -4.24 -11.39 -20.12
CA ASP A 18 -3.17 -12.30 -20.54
C ASP A 18 -1.80 -11.58 -20.68
N LYS A 19 -1.70 -10.38 -20.11
CA LYS A 19 -0.46 -9.59 -20.15
C LYS A 19 -0.07 -9.09 -18.76
N LEU A 20 1.23 -9.07 -18.47
CA LEU A 20 1.74 -8.56 -17.19
C LEU A 20 2.05 -7.05 -17.27
N GLN A 21 1.22 -6.24 -16.61
CA GLN A 21 1.46 -4.79 -16.53
C GLN A 21 2.12 -4.41 -15.19
N PRO A 22 3.36 -3.85 -15.23
CA PRO A 22 4.04 -3.36 -14.02
C PRO A 22 3.32 -2.16 -13.37
N PHE A 23 3.36 -2.09 -12.04
CA PHE A 23 2.72 -0.99 -11.30
C PHE A 23 3.62 -0.50 -10.14
N THR A 24 3.39 0.74 -9.72
CA THR A 24 4.06 1.30 -8.54
C THR A 24 3.02 1.83 -7.53
N LYS A 25 2.76 1.06 -6.47
CA LYS A 25 1.72 1.40 -5.50
C LYS A 25 2.29 1.87 -4.16
N GLU A 26 1.74 2.98 -3.66
CA GLU A 26 2.11 3.50 -2.34
C GLU A 26 1.01 3.21 -1.32
N LEU A 27 1.36 2.51 -0.24
CA LEU A 27 0.39 2.16 0.80
C LEU A 27 1.04 2.14 2.19
N ASN A 28 0.24 2.28 3.24
CA ASN A 28 0.74 2.19 4.61
C ASN A 28 0.47 0.80 5.21
N ALA A 29 1.43 0.30 5.98
CA ALA A 29 1.30 -1.02 6.61
C ALA A 29 2.19 -1.13 7.87
N ILE A 30 1.77 -1.97 8.81
CA ILE A 30 2.56 -2.22 10.03
C ILE A 30 3.76 -3.15 9.74
N ARG A 31 3.57 -4.05 8.77
CA ARG A 31 4.58 -5.05 8.43
C ARG A 31 4.38 -5.53 6.98
N GLU A 32 5.41 -6.14 6.39
CA GLU A 32 5.32 -6.65 5.01
C GLU A 32 4.17 -7.65 4.85
N GLU A 33 3.96 -8.47 5.87
CA GLU A 33 2.87 -9.45 5.89
C GLU A 33 1.51 -8.81 5.57
N GLU A 34 1.32 -7.54 5.99
CA GLU A 34 0.06 -6.83 5.75
C GLU A 34 -0.03 -6.31 4.31
N ILE A 35 1.11 -5.84 3.78
CA ILE A 35 1.16 -5.23 2.43
C ILE A 35 0.41 -6.07 1.39
N TYR A 36 0.69 -7.38 1.38
CA TYR A 36 0.07 -8.30 0.43
C TYR A 36 -1.46 -8.14 0.42
N GLU A 37 -2.07 -8.35 1.59
CA GLU A 37 -3.53 -8.27 1.72
C GLU A 37 -4.07 -6.87 1.41
N ARG A 38 -3.34 -5.83 1.85
CA ARG A 38 -3.76 -4.44 1.61
C ARG A 38 -3.93 -4.16 0.11
N LEU A 39 -2.91 -4.53 -0.68
CA LEU A 39 -2.96 -4.34 -2.14
C LEU A 39 -3.99 -5.27 -2.79
N TYR A 40 -3.93 -6.56 -2.45
CA TYR A 40 -4.85 -7.56 -3.00
C TYR A 40 -6.32 -7.12 -2.84
N SER A 41 -6.64 -6.53 -1.70
CA SER A 41 -7.99 -5.98 -1.46
C SER A 41 -8.29 -4.81 -2.40
N GLU A 42 -7.32 -3.91 -2.56
CA GLU A 42 -7.51 -2.70 -3.37
C GLU A 42 -7.69 -3.03 -4.86
N PHE A 43 -6.79 -3.84 -5.42
CA PHE A 43 -6.87 -4.23 -6.83
C PHE A 43 -8.24 -4.84 -7.17
N GLY A 44 -8.73 -5.73 -6.32
CA GLY A 44 -10.05 -6.31 -6.51
C GLY A 44 -11.18 -5.27 -6.34
N SER A 45 -10.98 -4.34 -5.40
CA SER A 45 -11.99 -3.32 -5.08
C SER A 45 -12.16 -2.28 -6.20
N LYS A 46 -11.07 -1.56 -6.54
CA LYS A 46 -11.14 -0.47 -7.53
C LYS A 46 -10.78 -0.92 -8.95
N HIS A 47 -9.90 -1.90 -9.07
CA HIS A 47 -9.35 -2.28 -10.38
C HIS A 47 -9.92 -3.60 -10.90
N ARG A 48 -10.78 -4.24 -10.09
CA ARG A 48 -11.46 -5.49 -10.48
C ARG A 48 -10.45 -6.63 -10.76
N VAL A 49 -9.22 -6.50 -10.27
CA VAL A 49 -8.18 -7.50 -10.53
C VAL A 49 -8.13 -8.58 -9.42
N PRO A 50 -8.23 -9.88 -9.79
CA PRO A 50 -8.12 -10.98 -8.82
C PRO A 50 -6.71 -11.09 -8.22
N ARG A 51 -6.62 -11.27 -6.90
CA ARG A 51 -5.34 -11.23 -6.18
C ARG A 51 -4.37 -12.35 -6.63
N SER A 52 -4.89 -13.38 -7.29
CA SER A 52 -4.06 -14.45 -7.84
C SER A 52 -3.17 -13.93 -8.98
N LYS A 53 -3.67 -12.93 -9.70
CA LYS A 53 -2.96 -12.37 -10.86
C LYS A 53 -1.99 -11.24 -10.47
N VAL A 54 -1.94 -10.90 -9.18
CA VAL A 54 -1.06 -9.82 -8.69
C VAL A 54 0.22 -10.37 -8.06
N LYS A 55 1.37 -9.84 -8.48
CA LYS A 55 2.67 -10.30 -7.96
C LYS A 55 3.58 -9.10 -7.60
N ILE A 56 4.20 -9.18 -6.41
CA ILE A 56 5.05 -8.09 -5.90
C ILE A 56 6.54 -8.38 -6.11
N GLU A 57 7.26 -7.41 -6.68
CA GLU A 57 8.71 -7.54 -6.93
C GLU A 57 9.55 -6.87 -5.84
N GLU A 58 9.42 -5.55 -5.69
CA GLU A 58 10.21 -4.78 -4.72
C GLU A 58 9.33 -4.09 -3.66
N ILE A 59 9.86 -3.93 -2.45
CA ILE A 59 9.14 -3.24 -1.37
C ILE A 59 10.02 -2.15 -0.73
N GLU A 60 9.76 -0.89 -1.09
CA GLU A 60 10.51 0.26 -0.56
C GLU A 60 9.82 0.85 0.69
N GLU A 61 10.59 1.28 1.68
CA GLU A 61 10.00 1.86 2.91
C GLU A 61 10.28 3.37 2.98
N ILE A 62 9.24 4.18 2.78
CA ILE A 62 9.40 5.64 2.70
C ILE A 62 8.72 6.38 3.86
N SER A 63 9.09 7.66 4.03
CA SER A 63 8.49 8.53 5.06
C SER A 63 7.13 9.07 4.60
N PRO A 64 6.17 9.29 5.53
CA PRO A 64 4.82 9.79 5.18
C PRO A 64 4.84 11.11 4.38
N GLU A 65 5.81 11.96 4.67
CA GLU A 65 5.97 13.24 3.96
C GLU A 65 6.44 13.03 2.50
N GLU A 66 7.19 11.96 2.26
CA GLU A 66 7.71 11.66 0.92
C GLU A 66 6.67 10.97 0.03
N VAL A 67 5.64 10.40 0.66
CA VAL A 67 4.57 9.69 -0.05
C VAL A 67 3.90 10.59 -1.09
N GLN A 68 4.12 10.28 -2.36
CA GLN A 68 3.50 11.03 -3.46
C GLN A 68 1.98 10.84 -3.46
N ASP A 69 1.55 9.62 -3.12
CA ASP A 69 0.12 9.30 -2.99
C ASP A 69 -0.56 10.21 -1.95
N PRO A 70 -1.64 10.92 -2.33
CA PRO A 70 -2.35 11.84 -1.41
C PRO A 70 -3.10 11.11 -0.29
N VAL A 71 -3.74 9.99 -0.63
CA VAL A 71 -4.58 9.24 0.31
C VAL A 71 -3.75 8.70 1.48
N VAL A 72 -2.70 7.92 1.17
CA VAL A 72 -1.84 7.34 2.19
C VAL A 72 -1.13 8.42 3.02
N LYS A 73 -0.56 9.41 2.33
CA LYS A 73 0.12 10.53 3.00
C LYS A 73 -0.78 11.22 4.04
N ALA A 74 -2.09 11.29 3.76
CA ALA A 74 -3.06 11.87 4.70
C ALA A 74 -3.54 10.84 5.73
N LEU A 75 -3.64 9.58 5.30
CA LEU A 75 -4.10 8.48 6.16
C LEU A 75 -3.13 8.26 7.33
N VAL A 76 -1.84 8.45 7.08
CA VAL A 76 -0.82 8.31 8.12
C VAL A 76 -0.75 9.55 9.04
N GLN A 77 -0.77 10.73 8.44
CA GLN A 77 -0.67 11.99 9.19
C GLN A 77 -1.86 12.23 10.14
N ARG A 78 -2.98 11.54 9.91
CA ARG A 78 -4.18 11.73 10.75
C ARG A 78 -4.03 11.06 12.13
N LEU A 79 -3.33 9.92 12.18
CA LEU A 79 -3.08 9.24 13.46
C LEU A 79 -1.97 9.97 14.23
N GLU A 80 -1.24 10.85 13.54
CA GLU A 80 -0.23 11.70 14.18
C GLU A 80 -0.85 13.02 14.66
N HIS A 81 -1.51 13.74 13.75
CA HIS A 81 -2.06 15.07 14.03
C HIS A 81 -3.43 14.98 14.74
N HIS A 82 -3.48 14.28 15.88
CA HIS A 82 -4.69 14.20 16.69
C HIS A 82 -4.65 15.25 17.82
N HIS A 83 -5.47 16.29 17.68
CA HIS A 83 -5.45 17.42 18.61
C HIS A 83 -6.15 17.12 19.95
N HIS A 84 -7.15 16.23 19.92
CA HIS A 84 -7.96 15.96 21.12
C HIS A 84 -7.41 14.76 21.93
N HIS A 85 -6.98 15.03 23.16
CA HIS A 85 -6.42 14.00 24.05
C HIS A 85 -7.49 13.45 25.01
N HIS A 86 -7.38 12.16 25.36
CA HIS A 86 -8.26 11.55 26.37
C HIS A 86 -7.53 10.47 27.19
N MET A 1 8.57 -2.50 22.88
CA MET A 1 8.06 -2.71 21.50
C MET A 1 7.14 -1.56 21.07
N LYS A 2 7.04 -1.34 19.76
CA LYS A 2 6.17 -0.30 19.22
C LYS A 2 5.19 -0.89 18.19
N MET A 3 4.05 -0.23 18.01
CA MET A 3 3.06 -0.64 17.00
C MET A 3 2.47 0.58 16.30
N LYS A 4 2.99 0.88 15.12
CA LYS A 4 2.54 2.02 14.33
C LYS A 4 2.78 1.76 12.85
N THR A 5 1.69 1.72 12.07
CA THR A 5 1.76 1.38 10.64
C THR A 5 2.85 2.16 9.88
N LYS A 6 3.62 1.43 9.08
CA LYS A 6 4.68 2.01 8.25
C LYS A 6 4.28 1.94 6.76
N ILE A 7 4.67 2.94 5.97
CA ILE A 7 4.26 2.99 4.57
C ILE A 7 5.21 2.18 3.68
N PHE A 8 4.69 1.14 3.05
CA PHE A 8 5.49 0.32 2.14
C PHE A 8 5.18 0.67 0.69
N ARG A 9 6.21 1.05 -0.06
CA ARG A 9 6.06 1.36 -1.49
C ARG A 9 6.20 0.07 -2.32
N VAL A 10 5.07 -0.52 -2.67
CA VAL A 10 5.04 -1.82 -3.35
C VAL A 10 5.35 -1.70 -4.85
N LYS A 11 6.06 -2.71 -5.37
CA LYS A 11 6.53 -2.72 -6.75
C LYS A 11 6.22 -4.09 -7.41
N GLY A 12 5.49 -4.07 -8.52
CA GLY A 12 5.13 -5.33 -9.20
C GLY A 12 4.42 -5.14 -10.53
N LYS A 13 3.72 -6.18 -10.97
CA LYS A 13 2.97 -6.15 -12.24
C LYS A 13 1.57 -6.77 -12.07
N PHE A 14 0.54 -6.13 -12.65
CA PHE A 14 -0.82 -6.66 -12.60
C PHE A 14 -1.28 -7.17 -13.98
N LEU A 15 -2.06 -8.25 -13.97
CA LEU A 15 -2.55 -8.87 -15.22
C LEU A 15 -3.69 -8.04 -15.86
N MET A 16 -3.36 -7.27 -16.89
CA MET A 16 -4.34 -6.50 -17.65
C MET A 16 -4.33 -6.94 -19.13
N GLY A 17 -5.42 -7.56 -19.58
CA GLY A 17 -5.52 -8.03 -20.96
C GLY A 17 -4.47 -9.07 -21.30
N ASP A 18 -4.27 -10.03 -20.40
CA ASP A 18 -3.29 -11.13 -20.57
C ASP A 18 -1.83 -10.62 -20.60
N LYS A 19 -1.63 -9.33 -20.31
CA LYS A 19 -0.28 -8.77 -20.19
C LYS A 19 -0.03 -8.25 -18.76
N LEU A 20 1.21 -8.34 -18.30
CA LEU A 20 1.58 -7.83 -16.98
C LEU A 20 2.10 -6.38 -17.05
N GLN A 21 1.30 -5.44 -16.57
CA GLN A 21 1.70 -4.02 -16.52
C GLN A 21 2.27 -3.65 -15.13
N PRO A 22 3.36 -2.87 -15.08
CA PRO A 22 4.02 -2.50 -13.81
C PRO A 22 3.21 -1.49 -12.98
N PHE A 23 3.19 -1.69 -11.67
CA PHE A 23 2.53 -0.77 -10.74
C PHE A 23 3.44 -0.42 -9.55
N THR A 24 3.14 0.69 -8.90
CA THR A 24 3.88 1.12 -7.70
C THR A 24 2.90 1.70 -6.66
N LYS A 25 2.51 0.89 -5.69
CA LYS A 25 1.45 1.27 -4.72
C LYS A 25 2.02 1.60 -3.35
N GLU A 26 1.93 2.87 -2.96
CA GLU A 26 2.37 3.30 -1.63
C GLU A 26 1.20 3.18 -0.62
N LEU A 27 1.28 2.20 0.29
CA LEU A 27 0.23 2.02 1.29
C LEU A 27 0.83 1.75 2.68
N ASN A 28 0.05 1.99 3.73
CA ASN A 28 0.50 1.79 5.10
C ASN A 28 0.17 0.36 5.59
N ALA A 29 1.12 -0.25 6.29
CA ALA A 29 0.96 -1.63 6.76
C ALA A 29 1.91 -1.95 7.93
N ILE A 30 1.68 -3.08 8.59
CA ILE A 30 2.58 -3.56 9.65
C ILE A 30 3.73 -4.38 9.05
N ARG A 31 3.40 -5.27 8.11
CA ARG A 31 4.41 -6.06 7.39
C ARG A 31 3.86 -6.56 6.05
N GLU A 32 4.65 -7.38 5.33
CA GLU A 32 4.30 -7.81 3.97
C GLU A 32 2.96 -8.57 3.91
N GLU A 33 2.64 -9.36 4.95
CA GLU A 33 1.32 -10.04 5.03
C GLU A 33 0.17 -9.05 4.80
N GLU A 34 0.14 -8.00 5.61
CA GLU A 34 -0.87 -6.93 5.51
C GLU A 34 -0.97 -6.39 4.08
N ILE A 35 0.19 -6.12 3.49
CA ILE A 35 0.28 -5.58 2.13
C ILE A 35 -0.47 -6.47 1.12
N TYR A 36 -0.15 -7.76 1.12
CA TYR A 36 -0.74 -8.71 0.17
C TYR A 36 -2.27 -8.74 0.27
N GLU A 37 -2.80 -9.04 1.46
CA GLU A 37 -4.25 -9.17 1.65
C GLU A 37 -5.01 -7.88 1.30
N ARG A 38 -4.41 -6.71 1.57
CA ARG A 38 -5.04 -5.44 1.24
C ARG A 38 -5.01 -5.14 -0.27
N LEU A 39 -3.80 -5.15 -0.85
CA LEU A 39 -3.64 -4.86 -2.30
C LEU A 39 -4.47 -5.81 -3.17
N TYR A 40 -4.40 -7.12 -2.89
CA TYR A 40 -5.17 -8.10 -3.65
C TYR A 40 -6.66 -7.76 -3.67
N SER A 41 -7.18 -7.29 -2.54
CA SER A 41 -8.61 -6.92 -2.45
C SER A 41 -8.84 -5.53 -3.05
N GLU A 42 -7.83 -4.65 -2.98
CA GLU A 42 -7.92 -3.32 -3.60
C GLU A 42 -8.07 -3.46 -5.12
N PHE A 43 -7.14 -4.19 -5.74
CA PHE A 43 -7.24 -4.52 -7.17
C PHE A 43 -8.51 -5.33 -7.44
N GLY A 44 -8.86 -6.19 -6.50
CA GLY A 44 -10.11 -6.95 -6.59
C GLY A 44 -11.36 -6.05 -6.48
N SER A 45 -11.16 -4.81 -6.04
CA SER A 45 -12.25 -3.83 -5.95
C SER A 45 -12.29 -2.89 -7.17
N LYS A 46 -11.25 -2.05 -7.30
CA LYS A 46 -11.21 -1.03 -8.34
C LYS A 46 -11.00 -1.61 -9.76
N HIS A 47 -10.42 -2.81 -9.84
CA HIS A 47 -10.23 -3.50 -11.14
C HIS A 47 -10.86 -4.91 -11.15
N ARG A 48 -11.29 -5.38 -9.98
CA ARG A 48 -11.86 -6.73 -9.84
C ARG A 48 -10.91 -7.82 -10.35
N VAL A 49 -9.63 -7.67 -10.05
CA VAL A 49 -8.60 -8.63 -10.47
C VAL A 49 -8.36 -9.72 -9.40
N PRO A 50 -8.43 -11.01 -9.80
CA PRO A 50 -8.12 -12.14 -8.89
C PRO A 50 -6.72 -12.02 -8.26
N ARG A 51 -6.62 -12.34 -6.96
CA ARG A 51 -5.40 -12.12 -6.18
C ARG A 51 -4.15 -12.81 -6.77
N SER A 52 -4.35 -13.89 -7.54
CA SER A 52 -3.21 -14.62 -8.12
C SER A 52 -2.69 -13.97 -9.41
N LYS A 53 -3.43 -12.98 -9.92
CA LYS A 53 -3.06 -12.26 -11.14
C LYS A 53 -2.35 -10.93 -10.80
N VAL A 54 -2.18 -10.65 -9.52
CA VAL A 54 -1.40 -9.49 -9.07
C VAL A 54 0.00 -9.95 -8.60
N LYS A 55 0.99 -9.81 -9.47
CA LYS A 55 2.34 -10.31 -9.19
C LYS A 55 3.24 -9.23 -8.58
N ILE A 56 3.39 -9.26 -7.25
CA ILE A 56 4.26 -8.31 -6.56
C ILE A 56 5.73 -8.78 -6.61
N GLU A 57 6.58 -7.99 -7.26
CA GLU A 57 7.99 -8.36 -7.46
C GLU A 57 8.87 -7.95 -6.27
N GLU A 58 8.56 -6.79 -5.69
CA GLU A 58 9.43 -6.18 -4.69
C GLU A 58 8.65 -5.19 -3.80
N ILE A 59 9.09 -5.00 -2.56
CA ILE A 59 8.41 -4.08 -1.63
C ILE A 59 9.41 -3.15 -0.91
N GLU A 60 9.23 -1.83 -1.09
CA GLU A 60 10.09 -0.83 -0.43
C GLU A 60 9.44 -0.32 0.87
N GLU A 61 10.16 0.51 1.61
CA GLU A 61 9.68 1.01 2.93
C GLU A 61 10.07 2.49 3.14
N ILE A 62 9.06 3.33 3.37
CA ILE A 62 9.27 4.79 3.51
C ILE A 62 8.45 5.38 4.68
N SER A 63 8.84 6.57 5.13
CA SER A 63 8.12 7.28 6.21
C SER A 63 6.95 8.11 5.65
N PRO A 64 5.97 8.51 6.49
CA PRO A 64 4.79 9.27 6.06
C PRO A 64 5.12 10.49 5.18
N GLU A 65 6.17 11.23 5.53
CA GLU A 65 6.57 12.42 4.78
C GLU A 65 7.15 12.08 3.39
N GLU A 66 7.61 10.84 3.24
CA GLU A 66 8.22 10.38 1.97
C GLU A 66 7.15 9.93 0.96
N VAL A 67 5.93 9.69 1.45
CA VAL A 67 4.83 9.22 0.61
C VAL A 67 4.37 10.29 -0.39
N GLN A 68 4.17 9.87 -1.64
CA GLN A 68 3.69 10.79 -2.68
C GLN A 68 2.16 10.86 -2.68
N ASP A 69 1.52 9.73 -2.36
CA ASP A 69 0.06 9.66 -2.26
C ASP A 69 -0.45 10.41 -1.00
N PRO A 70 -1.29 11.45 -1.18
CA PRO A 70 -1.79 12.28 -0.06
C PRO A 70 -2.75 11.54 0.88
N VAL A 71 -3.48 10.55 0.34
CA VAL A 71 -4.46 9.79 1.14
C VAL A 71 -3.76 8.92 2.18
N VAL A 72 -2.86 8.04 1.71
CA VAL A 72 -2.08 7.19 2.62
C VAL A 72 -1.21 8.03 3.56
N LYS A 73 -0.64 9.10 3.02
CA LYS A 73 0.17 10.04 3.80
C LYS A 73 -0.59 10.56 5.04
N ALA A 74 -1.87 10.87 4.87
CA ALA A 74 -2.72 11.32 5.98
C ALA A 74 -3.29 10.13 6.79
N LEU A 75 -3.45 9.00 6.11
CA LEU A 75 -4.02 7.78 6.74
C LEU A 75 -3.16 7.33 7.94
N VAL A 76 -1.86 7.61 7.88
CA VAL A 76 -0.94 7.29 8.98
C VAL A 76 -0.94 8.40 10.05
N GLN A 77 -0.73 9.64 9.61
CA GLN A 77 -0.66 10.79 10.53
C GLN A 77 -1.86 10.88 11.49
N ARG A 78 -3.04 10.46 11.03
CA ARG A 78 -4.26 10.53 11.85
C ARG A 78 -4.13 9.73 13.15
N LEU A 79 -3.45 8.58 13.10
CA LEU A 79 -3.25 7.76 14.31
C LEU A 79 -1.98 8.18 15.07
N GLU A 80 -1.14 9.01 14.44
CA GLU A 80 0.05 9.56 15.11
C GLU A 80 -0.31 10.79 15.97
N HIS A 81 -1.28 11.59 15.50
CA HIS A 81 -1.75 12.75 16.26
C HIS A 81 -2.86 12.35 17.26
N HIS A 82 -2.51 12.26 18.54
CA HIS A 82 -3.45 11.79 19.57
C HIS A 82 -4.07 12.93 20.39
N HIS A 83 -3.97 14.16 19.90
CA HIS A 83 -4.53 15.32 20.62
C HIS A 83 -5.37 16.21 19.69
N HIS A 84 -5.97 17.25 20.26
CA HIS A 84 -6.80 18.20 19.51
C HIS A 84 -5.97 19.29 18.83
N HIS A 85 -6.63 20.12 18.03
CA HIS A 85 -5.98 21.25 17.36
C HIS A 85 -6.31 22.57 18.06
N HIS A 86 -5.34 23.47 18.15
CA HIS A 86 -5.51 24.77 18.85
C HIS A 86 -5.79 25.93 17.87
N MET A 1 -3.29 -2.73 22.95
CA MET A 1 -2.80 -1.36 22.64
C MET A 1 -2.83 -1.09 21.13
N LYS A 2 -2.92 0.19 20.76
CA LYS A 2 -3.03 0.58 19.34
C LYS A 2 -1.64 0.82 18.69
N MET A 3 -1.24 -0.10 17.81
CA MET A 3 -0.02 0.07 17.02
C MET A 3 -0.29 0.98 15.81
N LYS A 4 0.57 1.96 15.59
CA LYS A 4 0.41 2.88 14.46
C LYS A 4 0.73 2.18 13.13
N THR A 5 -0.30 2.03 12.29
CA THR A 5 -0.14 1.40 10.96
C THR A 5 0.81 2.21 10.06
N LYS A 6 1.89 1.56 9.63
CA LYS A 6 2.96 2.24 8.87
C LYS A 6 2.81 2.02 7.36
N ILE A 7 3.19 3.02 6.58
CA ILE A 7 2.95 3.01 5.12
C ILE A 7 4.13 2.42 4.35
N PHE A 8 3.88 1.34 3.63
CA PHE A 8 4.87 0.71 2.77
C PHE A 8 4.55 0.97 1.29
N ARG A 9 5.54 1.41 0.52
CA ARG A 9 5.34 1.69 -0.91
C ARG A 9 5.82 0.51 -1.76
N VAL A 10 4.89 -0.36 -2.12
CA VAL A 10 5.19 -1.58 -2.87
C VAL A 10 5.26 -1.34 -4.38
N LYS A 11 6.14 -2.08 -5.05
CA LYS A 11 6.30 -2.02 -6.50
C LYS A 11 6.18 -3.42 -7.13
N GLY A 12 5.48 -3.51 -8.25
CA GLY A 12 5.35 -4.78 -8.95
C GLY A 12 4.73 -4.63 -10.33
N LYS A 13 4.33 -5.75 -10.93
CA LYS A 13 3.70 -5.75 -12.26
C LYS A 13 2.50 -6.70 -12.30
N PHE A 14 1.36 -6.21 -12.79
CA PHE A 14 0.15 -7.03 -12.90
C PHE A 14 -0.11 -7.45 -14.37
N LEU A 15 -0.50 -8.70 -14.56
CA LEU A 15 -0.77 -9.24 -15.90
C LEU A 15 -2.14 -8.77 -16.39
N MET A 16 -2.14 -7.81 -17.32
CA MET A 16 -3.37 -7.28 -17.90
C MET A 16 -3.28 -7.29 -19.43
N GLY A 17 -4.18 -8.04 -20.08
CA GLY A 17 -4.13 -8.20 -21.52
C GLY A 17 -2.82 -8.83 -22.00
N ASP A 18 -2.34 -9.81 -21.22
CA ASP A 18 -1.05 -10.48 -21.49
C ASP A 18 0.15 -9.52 -21.37
N LYS A 19 -0.08 -8.35 -20.77
CA LYS A 19 0.99 -7.36 -20.58
C LYS A 19 1.28 -7.15 -19.08
N LEU A 20 2.50 -7.49 -18.64
CA LEU A 20 2.92 -7.23 -17.26
C LEU A 20 3.17 -5.73 -17.05
N GLN A 21 2.12 -5.02 -16.66
CA GLN A 21 2.18 -3.57 -16.48
C GLN A 21 2.51 -3.19 -15.03
N PRO A 22 3.55 -2.34 -14.83
CA PRO A 22 4.02 -1.97 -13.48
C PRO A 22 3.02 -1.13 -12.66
N PHE A 23 3.12 -1.25 -11.34
CA PHE A 23 2.29 -0.45 -10.42
C PHE A 23 3.10 -0.04 -9.17
N THR A 24 2.86 1.17 -8.69
CA THR A 24 3.48 1.67 -7.45
C THR A 24 2.40 1.99 -6.42
N LYS A 25 2.35 1.18 -5.35
CA LYS A 25 1.28 1.29 -4.35
C LYS A 25 1.78 1.75 -2.98
N GLU A 26 1.24 2.88 -2.51
CA GLU A 26 1.46 3.33 -1.12
C GLU A 26 0.29 2.86 -0.23
N LEU A 27 0.56 1.90 0.66
CA LEU A 27 -0.48 1.37 1.56
C LEU A 27 0.03 1.18 2.99
N ASN A 28 -0.84 1.43 3.97
CA ASN A 28 -0.47 1.32 5.39
C ASN A 28 -0.85 -0.05 5.97
N ALA A 29 0.11 -0.70 6.62
CA ALA A 29 -0.11 -2.02 7.22
C ALA A 29 0.75 -2.24 8.47
N ILE A 30 0.40 -3.27 9.24
CA ILE A 30 1.17 -3.64 10.43
C ILE A 30 2.50 -4.32 10.04
N ARG A 31 2.43 -5.20 9.03
CA ARG A 31 3.59 -5.97 8.57
C ARG A 31 3.35 -6.49 7.14
N GLU A 32 4.40 -6.98 6.49
CA GLU A 32 4.31 -7.46 5.10
C GLU A 32 3.27 -8.58 4.93
N GLU A 33 3.07 -9.38 5.99
CA GLU A 33 2.05 -10.44 6.00
C GLU A 33 0.66 -9.88 5.64
N GLU A 34 0.44 -8.61 5.99
CA GLU A 34 -0.81 -7.91 5.67
C GLU A 34 -0.77 -7.32 4.26
N ILE A 35 0.38 -6.73 3.91
CA ILE A 35 0.57 -6.05 2.62
C ILE A 35 0.16 -6.94 1.44
N TYR A 36 0.72 -8.13 1.36
CA TYR A 36 0.44 -9.06 0.26
C TYR A 36 -1.07 -9.24 0.07
N GLU A 37 -1.76 -9.57 1.17
CA GLU A 37 -3.21 -9.78 1.16
C GLU A 37 -3.97 -8.52 0.72
N ARG A 38 -3.60 -7.37 1.27
CA ARG A 38 -4.27 -6.10 0.96
C ARG A 38 -4.20 -5.76 -0.54
N LEU A 39 -3.04 -5.96 -1.14
CA LEU A 39 -2.88 -5.73 -2.59
C LEU A 39 -3.70 -6.73 -3.42
N TYR A 40 -3.56 -8.02 -3.11
CA TYR A 40 -4.33 -9.06 -3.81
C TYR A 40 -5.85 -8.85 -3.62
N SER A 41 -6.22 -8.15 -2.55
CA SER A 41 -7.62 -7.78 -2.30
C SER A 41 -8.03 -6.54 -3.10
N GLU A 42 -7.19 -5.49 -3.05
CA GLU A 42 -7.49 -4.23 -3.71
C GLU A 42 -7.60 -4.40 -5.24
N PHE A 43 -6.56 -4.96 -5.86
CA PHE A 43 -6.55 -5.20 -7.30
C PHE A 43 -7.70 -6.11 -7.72
N GLY A 44 -7.93 -7.16 -6.93
CA GLY A 44 -9.08 -8.05 -7.15
C GLY A 44 -10.42 -7.33 -7.00
N SER A 45 -10.43 -6.27 -6.18
CA SER A 45 -11.65 -5.48 -5.97
C SER A 45 -11.91 -4.50 -7.12
N LYS A 46 -11.05 -3.49 -7.27
CA LYS A 46 -11.26 -2.39 -8.23
C LYS A 46 -11.07 -2.83 -9.69
N HIS A 47 -10.11 -3.71 -9.97
CA HIS A 47 -9.84 -4.16 -11.34
C HIS A 47 -10.00 -5.68 -11.53
N ARG A 48 -10.50 -6.36 -10.49
CA ARG A 48 -10.80 -7.80 -10.56
C ARG A 48 -9.55 -8.66 -10.86
N VAL A 49 -8.36 -8.09 -10.66
CA VAL A 49 -7.09 -8.79 -10.93
C VAL A 49 -6.67 -9.64 -9.72
N PRO A 50 -6.64 -10.98 -9.88
CA PRO A 50 -6.33 -11.91 -8.77
C PRO A 50 -4.83 -12.02 -8.44
N ARG A 51 -4.53 -12.63 -7.29
CA ARG A 51 -3.15 -12.87 -6.85
C ARG A 51 -2.31 -13.58 -7.93
N SER A 52 -2.98 -14.41 -8.72
CA SER A 52 -2.32 -15.15 -9.81
C SER A 52 -1.66 -14.22 -10.84
N LYS A 53 -2.21 -13.02 -10.99
CA LYS A 53 -1.73 -12.08 -12.02
C LYS A 53 -1.00 -10.87 -11.42
N VAL A 54 -1.10 -10.68 -10.10
CA VAL A 54 -0.40 -9.59 -9.42
C VAL A 54 0.96 -10.06 -8.88
N LYS A 55 2.05 -9.64 -9.52
CA LYS A 55 3.40 -10.05 -9.11
C LYS A 55 4.14 -8.90 -8.39
N ILE A 56 4.47 -9.10 -7.12
CA ILE A 56 5.20 -8.09 -6.33
C ILE A 56 6.71 -8.22 -6.53
N GLU A 57 7.39 -7.11 -6.83
CA GLU A 57 8.83 -7.11 -7.08
C GLU A 57 9.65 -6.62 -5.88
N GLU A 58 9.19 -5.53 -5.24
CA GLU A 58 9.93 -4.92 -4.12
C GLU A 58 8.98 -4.12 -3.20
N ILE A 59 9.38 -3.93 -1.94
CA ILE A 59 8.55 -3.21 -0.95
C ILE A 59 9.34 -2.12 -0.21
N GLU A 60 9.01 -0.86 -0.45
CA GLU A 60 9.63 0.28 0.25
C GLU A 60 8.90 0.63 1.56
N GLU A 61 9.54 1.43 2.40
CA GLU A 61 8.93 1.91 3.65
C GLU A 61 9.08 3.43 3.75
N ILE A 62 7.96 4.16 3.78
CA ILE A 62 7.99 5.64 3.70
C ILE A 62 7.33 6.31 4.92
N SER A 63 7.79 7.53 5.22
CA SER A 63 7.25 8.31 6.35
C SER A 63 5.78 8.71 6.13
N PRO A 64 4.92 8.55 7.16
CA PRO A 64 3.47 8.85 7.07
C PRO A 64 3.15 10.23 6.47
N GLU A 65 3.90 11.25 6.87
CA GLU A 65 3.67 12.63 6.40
C GLU A 65 4.07 12.80 4.91
N GLU A 66 4.91 11.90 4.41
CA GLU A 66 5.45 12.00 3.04
C GLU A 66 4.68 11.13 2.04
N VAL A 67 3.58 10.53 2.48
CA VAL A 67 2.75 9.69 1.61
C VAL A 67 1.96 10.54 0.60
N GLN A 68 2.11 10.23 -0.69
CA GLN A 68 1.44 11.00 -1.74
C GLN A 68 -0.05 10.62 -1.84
N ASP A 69 -0.38 9.41 -1.41
CA ASP A 69 -1.77 8.96 -1.35
C ASP A 69 -2.51 9.67 -0.18
N PRO A 70 -3.53 10.49 -0.48
CA PRO A 70 -4.26 11.25 0.55
C PRO A 70 -5.11 10.35 1.47
N VAL A 71 -5.68 9.29 0.89
CA VAL A 71 -6.55 8.38 1.64
C VAL A 71 -5.78 7.60 2.72
N VAL A 72 -4.73 6.89 2.28
CA VAL A 72 -3.87 6.12 3.19
C VAL A 72 -3.22 7.03 4.25
N LYS A 73 -2.70 8.18 3.81
CA LYS A 73 -2.05 9.13 4.71
C LYS A 73 -3.04 9.68 5.75
N ALA A 74 -4.22 10.13 5.30
CA ALA A 74 -5.25 10.67 6.21
C ALA A 74 -5.71 9.63 7.24
N LEU A 75 -5.71 8.36 6.84
CA LEU A 75 -6.08 7.25 7.73
C LEU A 75 -5.10 7.20 8.92
N VAL A 76 -3.84 7.49 8.67
CA VAL A 76 -2.81 7.46 9.72
C VAL A 76 -2.74 8.79 10.49
N GLN A 77 -2.76 9.92 9.78
CA GLN A 77 -2.66 11.25 10.41
C GLN A 77 -3.81 11.52 11.40
N ARG A 78 -4.93 10.81 11.23
CA ARG A 78 -6.07 10.97 12.15
C ARG A 78 -5.84 10.24 13.49
N LEU A 79 -5.07 9.15 13.45
CA LEU A 79 -4.77 8.38 14.66
C LEU A 79 -3.39 8.76 15.24
N GLU A 80 -2.60 9.49 14.45
CA GLU A 80 -1.27 9.93 14.89
C GLU A 80 -1.39 11.03 15.95
N HIS A 81 -0.98 10.72 17.16
CA HIS A 81 -0.96 11.67 18.29
C HIS A 81 -0.44 13.05 17.85
N HIS A 82 -1.36 14.02 17.75
CA HIS A 82 -1.01 15.38 17.29
C HIS A 82 -0.06 16.09 18.27
N HIS A 83 0.40 17.28 17.87
CA HIS A 83 1.43 18.03 18.61
C HIS A 83 2.82 17.39 18.45
N HIS A 84 2.94 16.46 17.50
CA HIS A 84 4.21 15.78 17.24
C HIS A 84 5.17 16.68 16.44
N HIS A 85 6.31 17.02 17.03
CA HIS A 85 7.31 17.87 16.37
C HIS A 85 8.62 17.87 17.15
N HIS A 86 8.55 18.18 18.45
CA HIS A 86 9.74 18.17 19.32
C HIS A 86 9.85 16.84 20.11
N MET A 1 -0.79 -1.73 23.39
CA MET A 1 -1.29 -0.64 22.52
C MET A 1 -1.06 -0.98 21.03
N LYS A 2 -1.90 -0.41 20.16
CA LYS A 2 -1.75 -0.61 18.70
C LYS A 2 -0.41 -0.06 18.20
N MET A 3 0.14 -0.69 17.18
CA MET A 3 1.41 -0.25 16.58
C MET A 3 1.15 0.81 15.49
N LYS A 4 1.92 1.89 15.52
CA LYS A 4 1.78 2.97 14.54
C LYS A 4 2.16 2.47 13.14
N THR A 5 1.19 2.50 12.22
CA THR A 5 1.36 1.96 10.86
C THR A 5 2.48 2.67 10.08
N LYS A 6 3.25 1.88 9.34
CA LYS A 6 4.29 2.40 8.43
C LYS A 6 3.72 2.56 7.01
N ILE A 7 4.54 3.08 6.09
CA ILE A 7 4.15 3.15 4.68
C ILE A 7 5.20 2.48 3.78
N PHE A 8 4.74 1.68 2.81
CA PHE A 8 5.65 0.92 1.95
C PHE A 8 5.40 1.23 0.46
N ARG A 9 6.49 1.46 -0.28
CA ARG A 9 6.43 1.63 -1.73
C ARG A 9 6.61 0.26 -2.42
N VAL A 10 5.53 -0.28 -2.97
CA VAL A 10 5.55 -1.60 -3.59
C VAL A 10 5.61 -1.53 -5.12
N LYS A 11 6.67 -2.11 -5.69
CA LYS A 11 6.80 -2.26 -7.14
C LYS A 11 6.54 -3.72 -7.56
N GLY A 12 5.71 -3.90 -8.58
CA GLY A 12 5.43 -5.24 -9.09
C GLY A 12 4.71 -5.22 -10.43
N LYS A 13 4.16 -6.35 -10.85
CA LYS A 13 3.43 -6.46 -12.12
C LYS A 13 2.08 -7.16 -11.93
N PHE A 14 1.04 -6.68 -12.61
CA PHE A 14 -0.27 -7.32 -12.59
C PHE A 14 -0.64 -7.84 -13.99
N LEU A 15 -1.35 -8.97 -14.03
CA LEU A 15 -1.67 -9.65 -15.29
C LEU A 15 -2.98 -9.11 -15.90
N MET A 16 -2.83 -8.29 -16.93
CA MET A 16 -3.97 -7.77 -17.70
C MET A 16 -4.07 -8.47 -19.06
N GLY A 17 -4.98 -9.43 -19.19
CA GLY A 17 -5.17 -10.14 -20.45
C GLY A 17 -3.88 -10.74 -21.01
N ASP A 18 -3.22 -11.58 -20.21
CA ASP A 18 -1.95 -12.23 -20.60
C ASP A 18 -0.78 -11.23 -20.71
N LYS A 19 -1.06 -9.95 -20.50
CA LYS A 19 -0.02 -8.90 -20.56
C LYS A 19 0.35 -8.40 -19.15
N LEU A 20 1.64 -8.47 -18.80
CA LEU A 20 2.12 -8.01 -17.50
C LEU A 20 2.49 -6.51 -17.52
N GLN A 21 1.71 -5.70 -16.81
CA GLN A 21 2.01 -4.26 -16.64
C GLN A 21 2.48 -3.96 -15.22
N PRO A 22 3.55 -3.16 -15.05
CA PRO A 22 4.10 -2.82 -13.73
C PRO A 22 3.26 -1.76 -12.98
N PHE A 23 3.37 -1.76 -11.65
CA PHE A 23 2.66 -0.80 -10.80
C PHE A 23 3.50 -0.36 -9.59
N THR A 24 3.26 0.86 -9.11
CA THR A 24 3.90 1.37 -7.89
C THR A 24 2.85 1.75 -6.85
N LYS A 25 2.64 0.89 -5.86
CA LYS A 25 1.64 1.11 -4.81
C LYS A 25 2.24 1.70 -3.53
N GLU A 26 1.85 2.93 -3.21
CA GLU A 26 2.19 3.55 -1.92
C GLU A 26 1.04 3.35 -0.92
N LEU A 27 1.23 2.46 0.05
CA LEU A 27 0.16 2.14 1.01
C LEU A 27 0.70 1.98 2.43
N ASN A 28 -0.19 2.04 3.42
CA ASN A 28 0.19 1.91 4.82
C ASN A 28 0.00 0.46 5.31
N ALA A 29 0.85 0.06 6.26
CA ALA A 29 0.80 -1.31 6.80
C ALA A 29 1.60 -1.42 8.11
N ILE A 30 1.22 -2.37 8.96
CA ILE A 30 1.97 -2.65 10.20
C ILE A 30 3.28 -3.39 9.86
N ARG A 31 3.17 -4.42 9.03
CA ARG A 31 4.32 -5.18 8.54
C ARG A 31 4.05 -5.74 7.14
N GLU A 32 5.04 -6.41 6.56
CA GLU A 32 4.95 -6.89 5.17
C GLU A 32 3.82 -7.91 4.97
N GLU A 33 3.48 -8.68 6.01
CA GLU A 33 2.31 -9.59 5.94
C GLU A 33 1.05 -8.85 5.48
N GLU A 34 0.85 -7.65 6.04
CA GLU A 34 -0.29 -6.80 5.69
C GLU A 34 -0.29 -6.45 4.19
N ILE A 35 0.88 -6.03 3.69
CA ILE A 35 1.03 -5.57 2.29
C ILE A 35 0.37 -6.53 1.29
N TYR A 36 0.72 -7.81 1.38
CA TYR A 36 0.19 -8.83 0.47
C TYR A 36 -1.34 -8.84 0.47
N GLU A 37 -1.93 -9.04 1.65
CA GLU A 37 -3.39 -9.13 1.79
C GLU A 37 -4.09 -7.83 1.36
N ARG A 38 -3.51 -6.68 1.73
CA ARG A 38 -4.08 -5.38 1.38
C ARG A 38 -4.14 -5.20 -0.15
N LEU A 39 -3.03 -5.45 -0.83
CA LEU A 39 -2.97 -5.30 -2.29
C LEU A 39 -3.92 -6.27 -3.01
N TYR A 40 -3.89 -7.54 -2.62
CA TYR A 40 -4.79 -8.54 -3.22
C TYR A 40 -6.26 -8.11 -3.06
N SER A 41 -6.59 -7.55 -1.89
CA SER A 41 -7.92 -7.01 -1.64
C SER A 41 -8.21 -5.80 -2.54
N GLU A 42 -7.28 -4.85 -2.59
CA GLU A 42 -7.46 -3.63 -3.37
C GLU A 42 -7.63 -3.94 -4.86
N PHE A 43 -6.67 -4.66 -5.44
CA PHE A 43 -6.75 -5.09 -6.84
C PHE A 43 -8.02 -5.92 -7.07
N GLY A 44 -8.34 -6.80 -6.13
CA GLY A 44 -9.57 -7.60 -6.23
C GLY A 44 -10.84 -6.75 -6.15
N SER A 45 -10.74 -5.57 -5.54
CA SER A 45 -11.89 -4.66 -5.40
C SER A 45 -11.97 -3.66 -6.58
N LYS A 46 -11.05 -2.70 -6.62
CA LYS A 46 -11.10 -1.60 -7.61
C LYS A 46 -10.61 -2.04 -9.00
N HIS A 47 -9.80 -3.10 -9.08
CA HIS A 47 -9.32 -3.61 -10.38
C HIS A 47 -10.07 -4.89 -10.82
N ARG A 48 -10.70 -5.57 -9.86
CA ARG A 48 -11.37 -6.86 -10.11
C ARG A 48 -10.35 -7.95 -10.50
N VAL A 49 -9.08 -7.73 -10.17
CA VAL A 49 -8.00 -8.65 -10.52
C VAL A 49 -7.65 -9.58 -9.34
N PRO A 50 -7.79 -10.92 -9.52
CA PRO A 50 -7.49 -11.90 -8.46
C PRO A 50 -5.99 -11.95 -8.08
N ARG A 51 -5.71 -12.42 -6.86
CA ARG A 51 -4.35 -12.39 -6.29
C ARG A 51 -3.33 -13.16 -7.15
N SER A 52 -3.76 -14.28 -7.75
CA SER A 52 -2.85 -15.10 -8.58
C SER A 52 -2.35 -14.35 -9.82
N LYS A 53 -2.99 -13.21 -10.13
CA LYS A 53 -2.61 -12.39 -11.30
C LYS A 53 -1.71 -11.22 -10.88
N VAL A 54 -1.44 -11.10 -9.58
CA VAL A 54 -0.58 -10.02 -9.06
C VAL A 54 0.76 -10.59 -8.54
N LYS A 55 1.87 -9.97 -8.93
CA LYS A 55 3.20 -10.43 -8.50
C LYS A 55 4.08 -9.26 -8.03
N ILE A 56 4.46 -9.27 -6.75
CA ILE A 56 5.32 -8.22 -6.19
C ILE A 56 6.80 -8.49 -6.48
N GLU A 57 7.55 -7.43 -6.81
CA GLU A 57 8.98 -7.56 -7.14
C GLU A 57 9.88 -6.82 -6.13
N GLU A 58 9.41 -5.69 -5.61
CA GLU A 58 10.25 -4.83 -4.75
C GLU A 58 9.43 -4.13 -3.66
N ILE A 59 9.81 -4.32 -2.39
CA ILE A 59 9.14 -3.67 -1.25
C ILE A 59 10.11 -2.77 -0.48
N GLU A 60 9.82 -1.46 -0.45
CA GLU A 60 10.66 -0.49 0.27
C GLU A 60 9.84 0.28 1.32
N GLU A 61 10.46 0.62 2.45
CA GLU A 61 9.79 1.38 3.51
C GLU A 61 10.10 2.87 3.42
N ILE A 62 9.07 3.71 3.52
CA ILE A 62 9.23 5.17 3.39
C ILE A 62 8.53 5.92 4.55
N SER A 63 8.70 7.24 4.59
CA SER A 63 8.13 8.09 5.64
C SER A 63 6.76 8.67 5.22
N PRO A 64 5.86 8.94 6.20
CA PRO A 64 4.53 9.51 5.91
C PRO A 64 4.59 10.82 5.10
N GLU A 65 5.62 11.64 5.36
CA GLU A 65 5.80 12.91 4.63
C GLU A 65 6.09 12.68 3.14
N GLU A 66 6.71 11.54 2.81
CA GLU A 66 7.11 11.23 1.43
C GLU A 66 5.94 10.70 0.60
N VAL A 67 4.94 10.13 1.28
CA VAL A 67 3.80 9.50 0.60
C VAL A 67 3.14 10.43 -0.42
N GLN A 68 3.23 10.06 -1.70
CA GLN A 68 2.66 10.85 -2.80
C GLN A 68 1.15 10.59 -2.95
N ASP A 69 0.63 9.66 -2.16
CA ASP A 69 -0.80 9.39 -2.12
C ASP A 69 -1.48 10.21 -1.00
N PRO A 70 -2.33 11.20 -1.37
CA PRO A 70 -2.96 12.11 -0.40
C PRO A 70 -3.97 11.40 0.53
N VAL A 71 -4.49 10.26 0.11
CA VAL A 71 -5.45 9.49 0.91
C VAL A 71 -4.72 8.70 2.00
N VAL A 72 -3.76 7.88 1.59
CA VAL A 72 -2.95 7.08 2.53
C VAL A 72 -2.23 7.98 3.54
N LYS A 73 -1.59 9.05 3.07
CA LYS A 73 -0.88 9.99 3.95
C LYS A 73 -1.82 10.57 5.01
N ALA A 74 -3.02 10.98 4.60
CA ALA A 74 -4.03 11.52 5.53
C ALA A 74 -4.52 10.45 6.51
N LEU A 75 -4.58 9.20 6.04
CA LEU A 75 -5.01 8.08 6.90
C LEU A 75 -3.96 7.83 8.00
N VAL A 76 -2.69 8.00 7.67
CA VAL A 76 -1.60 7.80 8.63
C VAL A 76 -1.44 9.00 9.58
N GLN A 77 -1.24 10.20 9.02
CA GLN A 77 -0.99 11.39 9.83
C GLN A 77 -2.21 11.81 10.68
N ARG A 78 -3.37 11.21 10.44
CA ARG A 78 -4.56 11.49 11.27
C ARG A 78 -4.36 10.94 12.69
N LEU A 79 -3.70 9.79 12.80
CA LEU A 79 -3.38 9.21 14.11
C LEU A 79 -2.04 9.76 14.63
N GLU A 80 -1.17 10.20 13.72
CA GLU A 80 0.07 10.89 14.10
C GLU A 80 -0.17 12.39 14.32
N HIS A 81 -1.37 12.76 14.76
CA HIS A 81 -1.71 14.15 15.05
C HIS A 81 -0.70 14.77 16.03
N HIS A 82 -0.11 13.91 16.89
CA HIS A 82 1.03 14.28 17.75
C HIS A 82 0.63 15.16 18.94
N HIS A 83 -0.13 16.23 18.69
CA HIS A 83 -0.62 17.09 19.77
C HIS A 83 -1.62 16.34 20.66
N HIS A 84 -1.13 15.68 21.69
CA HIS A 84 -1.99 14.92 22.61
C HIS A 84 -2.38 15.74 23.85
N HIS A 85 -1.99 17.02 23.86
CA HIS A 85 -2.43 17.97 24.89
C HIS A 85 -3.72 18.68 24.43
N HIS A 86 -4.17 19.66 25.21
CA HIS A 86 -5.34 20.48 24.82
C HIS A 86 -4.94 21.93 24.48
N MET A 1 -2.25 -6.14 19.20
CA MET A 1 -1.40 -5.04 19.73
C MET A 1 -1.65 -3.73 18.96
N LYS A 2 -1.72 -2.61 19.68
CA LYS A 2 -1.87 -1.30 19.05
C LYS A 2 -0.52 -0.74 18.63
N MET A 3 -0.39 -0.32 17.38
CA MET A 3 0.89 0.17 16.85
C MET A 3 0.70 1.12 15.65
N LYS A 4 1.61 2.08 15.52
CA LYS A 4 1.61 3.02 14.41
C LYS A 4 1.77 2.30 13.05
N THR A 5 0.82 2.51 12.14
CA THR A 5 0.90 1.93 10.79
C THR A 5 1.94 2.66 9.93
N LYS A 6 2.78 1.90 9.22
CA LYS A 6 3.79 2.49 8.34
C LYS A 6 3.34 2.44 6.88
N ILE A 7 3.83 3.37 6.07
CA ILE A 7 3.49 3.38 4.64
C ILE A 7 4.61 2.71 3.83
N PHE A 8 4.23 1.81 2.93
CA PHE A 8 5.21 1.06 2.15
C PHE A 8 5.13 1.38 0.65
N ARG A 9 6.27 1.71 0.05
CA ARG A 9 6.35 1.91 -1.39
C ARG A 9 6.50 0.57 -2.11
N VAL A 10 5.39 0.06 -2.64
CA VAL A 10 5.37 -1.27 -3.25
C VAL A 10 5.52 -1.21 -4.78
N LYS A 11 6.65 -1.70 -5.27
CA LYS A 11 6.88 -1.83 -6.71
C LYS A 11 6.58 -3.26 -7.17
N GLY A 12 5.76 -3.41 -8.20
CA GLY A 12 5.42 -4.74 -8.69
C GLY A 12 4.78 -4.74 -10.08
N LYS A 13 4.25 -5.89 -10.48
CA LYS A 13 3.62 -6.04 -11.80
C LYS A 13 2.25 -6.72 -11.67
N PHE A 14 1.22 -6.18 -12.34
CA PHE A 14 -0.09 -6.84 -12.36
C PHE A 14 -0.46 -7.34 -13.76
N LEU A 15 -0.90 -8.59 -13.84
CA LEU A 15 -1.26 -9.21 -15.12
C LEU A 15 -2.61 -8.68 -15.61
N MET A 16 -2.56 -7.84 -16.65
CA MET A 16 -3.76 -7.30 -17.28
C MET A 16 -3.61 -7.35 -18.80
N GLY A 17 -4.57 -7.98 -19.49
CA GLY A 17 -4.49 -8.12 -20.94
C GLY A 17 -3.29 -8.95 -21.38
N ASP A 18 -3.03 -10.03 -20.66
CA ASP A 18 -1.89 -10.93 -20.96
C ASP A 18 -0.53 -10.23 -20.82
N LYS A 19 -0.52 -9.05 -20.19
CA LYS A 19 0.72 -8.28 -19.98
C LYS A 19 0.94 -7.93 -18.50
N LEU A 20 2.19 -7.95 -18.06
CA LEU A 20 2.54 -7.56 -16.69
C LEU A 20 2.88 -6.07 -16.60
N GLN A 21 1.89 -5.27 -16.21
CA GLN A 21 2.08 -3.82 -16.04
C GLN A 21 2.79 -3.50 -14.72
N PRO A 22 4.00 -2.91 -14.78
CA PRO A 22 4.76 -2.53 -13.57
C PRO A 22 4.18 -1.28 -12.88
N PHE A 23 3.57 -1.47 -11.72
CA PHE A 23 2.95 -0.38 -10.96
C PHE A 23 3.84 0.06 -9.78
N THR A 24 3.73 1.33 -9.41
CA THR A 24 4.41 1.85 -8.21
C THR A 24 3.37 2.31 -7.18
N LYS A 25 3.04 1.42 -6.26
CA LYS A 25 1.90 1.63 -5.35
C LYS A 25 2.33 2.21 -3.99
N GLU A 26 1.63 3.26 -3.56
CA GLU A 26 1.84 3.85 -2.22
C GLU A 26 0.65 3.51 -1.30
N LEU A 27 0.87 2.66 -0.29
CA LEU A 27 -0.19 2.29 0.65
C LEU A 27 0.36 2.02 2.05
N ASN A 28 -0.51 2.04 3.05
CA ASN A 28 -0.11 1.83 4.45
C ASN A 28 -0.48 0.43 4.95
N ALA A 29 0.30 -0.07 5.92
CA ALA A 29 0.06 -1.39 6.52
C ALA A 29 0.91 -1.58 7.78
N ILE A 30 0.81 -2.77 8.38
CA ILE A 30 1.68 -3.13 9.51
C ILE A 30 3.01 -3.71 9.00
N ARG A 31 2.90 -4.68 8.09
CA ARG A 31 4.07 -5.26 7.42
C ARG A 31 3.69 -5.89 6.08
N GLU A 32 4.65 -6.55 5.41
CA GLU A 32 4.45 -7.11 4.06
C GLU A 32 3.16 -7.95 3.94
N GLU A 33 2.98 -8.92 4.83
CA GLU A 33 1.78 -9.79 4.78
C GLU A 33 0.47 -8.99 4.69
N GLU A 34 0.42 -7.84 5.38
CA GLU A 34 -0.75 -6.97 5.32
C GLU A 34 -0.87 -6.27 3.96
N ILE A 35 0.28 -5.91 3.40
CA ILE A 35 0.35 -5.22 2.10
C ILE A 35 -0.32 -6.03 0.99
N TYR A 36 0.06 -7.30 0.87
CA TYR A 36 -0.51 -8.20 -0.14
C TYR A 36 -2.04 -8.18 -0.13
N GLU A 37 -2.62 -8.36 1.06
CA GLU A 37 -4.07 -8.35 1.22
C GLU A 37 -4.68 -6.97 0.90
N ARG A 38 -3.97 -5.90 1.29
CA ARG A 38 -4.38 -4.54 0.95
C ARG A 38 -4.47 -4.33 -0.57
N LEU A 39 -3.50 -4.88 -1.30
CA LEU A 39 -3.49 -4.79 -2.77
C LEU A 39 -4.55 -5.69 -3.40
N TYR A 40 -4.63 -6.94 -2.93
CA TYR A 40 -5.63 -7.89 -3.43
C TYR A 40 -7.06 -7.34 -3.24
N SER A 41 -7.30 -6.71 -2.08
CA SER A 41 -8.60 -6.10 -1.77
C SER A 41 -8.95 -4.99 -2.78
N GLU A 42 -7.94 -4.27 -3.23
CA GLU A 42 -8.13 -3.16 -4.18
C GLU A 42 -8.22 -3.65 -5.63
N PHE A 43 -7.13 -4.24 -6.14
CA PHE A 43 -7.09 -4.72 -7.53
C PHE A 43 -8.24 -5.69 -7.83
N GLY A 44 -8.50 -6.62 -6.92
CA GLY A 44 -9.58 -7.59 -7.10
C GLY A 44 -10.96 -6.95 -7.15
N SER A 45 -11.10 -5.76 -6.56
CA SER A 45 -12.39 -5.07 -6.50
C SER A 45 -12.56 -4.05 -7.63
N LYS A 46 -11.78 -2.97 -7.60
CA LYS A 46 -11.92 -1.86 -8.57
C LYS A 46 -11.37 -2.23 -9.96
N HIS A 47 -10.33 -3.06 -10.02
CA HIS A 47 -9.74 -3.47 -11.31
C HIS A 47 -10.17 -4.90 -11.70
N ARG A 48 -10.84 -5.59 -10.78
CA ARG A 48 -11.33 -6.96 -11.02
C ARG A 48 -10.19 -7.98 -11.24
N VAL A 49 -8.96 -7.58 -10.91
CA VAL A 49 -7.78 -8.43 -11.09
C VAL A 49 -7.61 -9.40 -9.91
N PRO A 50 -7.69 -10.73 -10.17
CA PRO A 50 -7.53 -11.76 -9.13
C PRO A 50 -6.13 -11.71 -8.46
N ARG A 51 -6.08 -12.09 -7.18
CA ARG A 51 -4.85 -12.02 -6.38
C ARG A 51 -3.62 -12.63 -7.07
N SER A 52 -3.83 -13.75 -7.76
CA SER A 52 -2.73 -14.50 -8.39
C SER A 52 -2.02 -13.68 -9.49
N LYS A 53 -2.69 -12.65 -9.99
CA LYS A 53 -2.14 -11.82 -11.07
C LYS A 53 -1.31 -10.64 -10.53
N VAL A 54 -1.24 -10.52 -9.21
CA VAL A 54 -0.48 -9.43 -8.57
C VAL A 54 0.89 -9.92 -8.08
N LYS A 55 1.95 -9.52 -8.80
CA LYS A 55 3.32 -9.93 -8.50
C LYS A 55 4.12 -8.79 -7.85
N ILE A 56 4.36 -8.87 -6.55
CA ILE A 56 5.12 -7.83 -5.83
C ILE A 56 6.63 -8.06 -5.94
N GLU A 57 7.37 -7.01 -6.29
CA GLU A 57 8.82 -7.09 -6.49
C GLU A 57 9.61 -6.54 -5.29
N GLU A 58 9.49 -5.24 -5.05
CA GLU A 58 10.32 -4.57 -4.02
C GLU A 58 9.47 -3.62 -3.14
N ILE A 59 9.80 -3.54 -1.84
CA ILE A 59 9.02 -2.74 -0.88
C ILE A 59 9.89 -1.96 0.11
N GLU A 60 9.80 -0.62 0.08
CA GLU A 60 10.48 0.24 1.08
C GLU A 60 9.47 0.83 2.08
N GLU A 61 9.96 1.22 3.26
CA GLU A 61 9.11 1.84 4.29
C GLU A 61 9.34 3.37 4.36
N ILE A 62 8.25 4.14 4.39
CA ILE A 62 8.34 5.60 4.40
C ILE A 62 7.38 6.24 5.42
N SER A 63 7.51 7.55 5.63
CA SER A 63 6.69 8.29 6.59
C SER A 63 5.46 8.93 5.90
N PRO A 64 4.38 9.24 6.67
CA PRO A 64 3.12 9.80 6.12
C PRO A 64 3.32 11.10 5.30
N GLU A 65 4.33 11.90 5.63
CA GLU A 65 4.60 13.13 4.87
C GLU A 65 5.35 12.83 3.55
N GLU A 66 5.88 11.62 3.41
CA GLU A 66 6.52 11.20 2.16
C GLU A 66 5.49 10.63 1.17
N VAL A 67 4.25 10.44 1.64
CA VAL A 67 3.18 9.87 0.82
C VAL A 67 2.52 10.93 -0.08
N GLN A 68 2.38 10.61 -1.36
CA GLN A 68 1.70 11.50 -2.32
C GLN A 68 0.21 11.14 -2.45
N ASP A 69 -0.12 9.87 -2.18
CA ASP A 69 -1.51 9.39 -2.25
C ASP A 69 -2.36 10.01 -1.11
N PRO A 70 -3.37 10.84 -1.44
CA PRO A 70 -4.18 11.55 -0.44
C PRO A 70 -5.00 10.60 0.47
N VAL A 71 -5.47 9.49 -0.09
CA VAL A 71 -6.27 8.52 0.65
C VAL A 71 -5.43 7.83 1.75
N VAL A 72 -4.30 7.25 1.35
CA VAL A 72 -3.38 6.60 2.29
C VAL A 72 -2.80 7.61 3.28
N LYS A 73 -2.39 8.76 2.78
CA LYS A 73 -1.80 9.82 3.60
C LYS A 73 -2.76 10.22 4.75
N ALA A 74 -4.02 10.50 4.41
CA ALA A 74 -5.03 10.84 5.42
C ALA A 74 -5.33 9.66 6.35
N LEU A 75 -5.43 8.47 5.78
CA LEU A 75 -5.71 7.24 6.55
C LEU A 75 -4.73 7.11 7.73
N VAL A 76 -3.45 7.38 7.48
CA VAL A 76 -2.44 7.35 8.54
C VAL A 76 -2.52 8.61 9.42
N GLN A 77 -2.57 9.79 8.79
CA GLN A 77 -2.57 11.07 9.53
C GLN A 77 -3.86 11.28 10.35
N ARG A 78 -4.76 10.30 10.33
CA ARG A 78 -5.96 10.34 11.18
C ARG A 78 -5.62 9.86 12.61
N LEU A 79 -4.59 9.03 12.73
CA LEU A 79 -4.14 8.53 14.04
C LEU A 79 -2.83 9.20 14.49
N GLU A 80 -2.14 9.84 13.55
CA GLU A 80 -0.87 10.52 13.82
C GLU A 80 -0.98 11.56 14.95
N HIS A 81 0.11 11.72 15.69
CA HIS A 81 0.19 12.71 16.78
C HIS A 81 0.73 14.05 16.24
N HIS A 82 0.50 14.27 14.94
CA HIS A 82 1.05 15.43 14.21
C HIS A 82 0.66 16.76 14.90
N HIS A 83 1.56 17.27 15.74
CA HIS A 83 1.30 18.47 16.56
C HIS A 83 0.13 18.24 17.54
N HIS A 84 0.44 17.66 18.68
CA HIS A 84 -0.57 17.32 19.70
C HIS A 84 -0.61 18.35 20.83
N HIS A 85 -0.02 19.52 20.59
CA HIS A 85 0.05 20.58 21.62
C HIS A 85 -0.69 21.84 21.17
N HIS A 86 -1.61 22.33 22.01
CA HIS A 86 -2.32 23.58 21.74
C HIS A 86 -1.67 24.77 22.49
N MET A 1 0.52 -0.54 24.09
CA MET A 1 1.35 -0.43 22.86
C MET A 1 0.55 0.15 21.68
N LYS A 2 0.46 1.48 21.61
CA LYS A 2 -0.15 2.14 20.45
C LYS A 2 0.84 2.14 19.27
N MET A 3 1.02 0.97 18.67
CA MET A 3 1.98 0.79 17.58
C MET A 3 1.42 1.26 16.24
N LYS A 4 2.26 1.87 15.41
CA LYS A 4 1.83 2.38 14.11
C LYS A 4 2.10 1.36 12.98
N THR A 5 1.63 1.71 11.78
CA THR A 5 1.77 0.82 10.61
C THR A 5 3.06 1.10 9.83
N LYS A 6 3.60 0.05 9.20
CA LYS A 6 4.78 0.17 8.34
C LYS A 6 4.37 0.42 6.88
N ILE A 7 4.98 1.40 6.22
CA ILE A 7 4.67 1.67 4.81
C ILE A 7 5.70 1.01 3.90
N PHE A 8 5.24 0.17 2.99
CA PHE A 8 6.11 -0.55 2.06
C PHE A 8 5.93 -0.05 0.61
N ARG A 9 6.99 0.53 0.05
CA ARG A 9 7.01 0.88 -1.37
C ARG A 9 7.17 -0.38 -2.23
N VAL A 10 6.04 -0.99 -2.58
CA VAL A 10 6.02 -2.23 -3.36
C VAL A 10 5.98 -1.95 -4.87
N LYS A 11 7.03 -2.35 -5.56
CA LYS A 11 7.09 -2.27 -7.03
C LYS A 11 6.70 -3.64 -7.63
N GLY A 12 5.80 -3.63 -8.60
CA GLY A 12 5.37 -4.89 -9.21
C GLY A 12 4.70 -4.70 -10.57
N LYS A 13 4.11 -5.77 -11.09
CA LYS A 13 3.43 -5.75 -12.40
C LYS A 13 2.06 -6.45 -12.31
N PHE A 14 1.01 -5.79 -12.78
CA PHE A 14 -0.32 -6.42 -12.81
C PHE A 14 -0.74 -6.80 -14.24
N LEU A 15 -1.18 -8.04 -14.42
CA LEU A 15 -1.62 -8.54 -15.73
C LEU A 15 -3.00 -7.96 -16.07
N MET A 16 -3.02 -6.98 -16.96
CA MET A 16 -4.26 -6.37 -17.42
C MET A 16 -4.31 -6.41 -18.97
N GLY A 17 -5.29 -7.13 -19.51
CA GLY A 17 -5.42 -7.23 -20.96
C GLY A 17 -4.24 -7.94 -21.62
N ASP A 18 -3.85 -9.10 -21.05
CA ASP A 18 -2.75 -9.91 -21.58
C ASP A 18 -1.39 -9.17 -21.53
N LYS A 19 -1.33 -8.09 -20.77
CA LYS A 19 -0.11 -7.27 -20.66
C LYS A 19 0.22 -6.92 -19.20
N LEU A 20 1.51 -6.98 -18.86
CA LEU A 20 1.97 -6.65 -17.49
C LEU A 20 2.34 -5.16 -17.36
N GLN A 21 1.56 -4.41 -16.57
CA GLN A 21 1.87 -3.01 -16.29
C GLN A 21 2.61 -2.86 -14.94
N PRO A 22 3.85 -2.33 -14.96
CA PRO A 22 4.63 -2.12 -13.72
C PRO A 22 4.11 -0.93 -12.87
N PHE A 23 3.61 -1.23 -11.68
CA PHE A 23 3.05 -0.21 -10.79
C PHE A 23 3.94 0.00 -9.55
N THR A 24 3.93 1.22 -9.01
CA THR A 24 4.60 1.53 -7.75
C THR A 24 3.59 1.88 -6.66
N LYS A 25 3.37 0.96 -5.72
CA LYS A 25 2.40 1.16 -4.63
C LYS A 25 3.09 1.26 -3.26
N GLU A 26 3.02 2.45 -2.68
CA GLU A 26 3.48 2.68 -1.30
C GLU A 26 2.30 2.51 -0.33
N LEU A 27 2.17 1.33 0.26
CA LEU A 27 0.99 1.00 1.07
C LEU A 27 1.35 0.69 2.53
N ASN A 28 0.39 0.92 3.43
CA ASN A 28 0.58 0.68 4.86
C ASN A 28 0.18 -0.76 5.24
N ALA A 29 0.98 -1.38 6.12
CA ALA A 29 0.74 -2.75 6.57
C ALA A 29 1.49 -3.04 7.88
N ILE A 30 1.25 -4.23 8.44
CA ILE A 30 1.97 -4.66 9.65
C ILE A 30 3.27 -5.39 9.26
N ARG A 31 3.17 -6.26 8.25
CA ARG A 31 4.33 -6.95 7.68
C ARG A 31 4.02 -7.44 6.25
N GLU A 32 4.98 -8.10 5.61
CA GLU A 32 4.81 -8.58 4.21
C GLU A 32 3.52 -9.38 4.04
N GLU A 33 3.21 -10.25 5.02
CA GLU A 33 1.96 -11.03 5.04
C GLU A 33 0.73 -10.16 4.71
N GLU A 34 0.71 -8.96 5.28
CA GLU A 34 -0.43 -8.04 5.14
C GLU A 34 -0.47 -7.41 3.74
N ILE A 35 0.71 -7.09 3.19
CA ILE A 35 0.81 -6.44 1.88
C ILE A 35 -0.05 -7.14 0.81
N TYR A 36 -0.05 -8.48 0.85
CA TYR A 36 -0.82 -9.28 -0.10
C TYR A 36 -2.33 -8.96 -0.01
N GLU A 37 -2.88 -9.08 1.20
CA GLU A 37 -4.30 -8.76 1.46
C GLU A 37 -4.62 -7.30 1.06
N ARG A 38 -3.72 -6.39 1.40
CA ARG A 38 -3.89 -4.96 1.10
C ARG A 38 -4.04 -4.72 -0.41
N LEU A 39 -3.05 -5.14 -1.19
CA LEU A 39 -3.07 -4.95 -2.66
C LEU A 39 -4.23 -5.70 -3.31
N TYR A 40 -4.46 -6.96 -2.91
CA TYR A 40 -5.58 -7.75 -3.45
C TYR A 40 -6.94 -7.08 -3.15
N SER A 41 -6.99 -6.28 -2.09
CA SER A 41 -8.22 -5.53 -1.73
C SER A 41 -8.36 -4.27 -2.58
N GLU A 42 -7.31 -3.46 -2.65
CA GLU A 42 -7.34 -2.21 -3.42
C GLU A 42 -7.57 -2.49 -4.91
N PHE A 43 -6.67 -3.27 -5.53
CA PHE A 43 -6.79 -3.64 -6.94
C PHE A 43 -8.08 -4.43 -7.20
N GLY A 44 -8.50 -5.23 -6.24
CA GLY A 44 -9.76 -5.96 -6.37
C GLY A 44 -10.98 -5.03 -6.37
N SER A 45 -10.86 -3.90 -5.68
CA SER A 45 -11.96 -2.93 -5.58
C SER A 45 -11.95 -1.91 -6.72
N LYS A 46 -10.93 -1.05 -6.75
CA LYS A 46 -10.88 0.07 -7.70
C LYS A 46 -10.28 -0.33 -9.07
N HIS A 47 -10.05 -1.62 -9.28
CA HIS A 47 -9.58 -2.12 -10.59
C HIS A 47 -10.28 -3.44 -10.98
N ARG A 48 -10.65 -4.24 -9.97
CA ARG A 48 -11.25 -5.56 -10.18
C ARG A 48 -10.26 -6.51 -10.87
N VAL A 49 -9.12 -6.74 -10.23
CA VAL A 49 -8.08 -7.63 -10.76
C VAL A 49 -7.98 -8.92 -9.92
N PRO A 50 -7.90 -10.10 -10.55
CA PRO A 50 -7.70 -11.37 -9.83
C PRO A 50 -6.31 -11.44 -9.17
N ARG A 51 -6.26 -12.01 -7.97
CA ARG A 51 -5.00 -12.12 -7.23
C ARG A 51 -3.93 -12.88 -8.06
N SER A 52 -4.38 -13.78 -8.93
CA SER A 52 -3.46 -14.58 -9.75
C SER A 52 -2.77 -13.72 -10.82
N LYS A 53 -3.40 -12.61 -11.20
CA LYS A 53 -2.84 -11.70 -12.21
C LYS A 53 -1.84 -10.70 -11.60
N VAL A 54 -1.80 -10.63 -10.27
CA VAL A 54 -0.92 -9.68 -9.57
C VAL A 54 0.49 -10.26 -9.33
N LYS A 55 1.50 -9.55 -9.80
CA LYS A 55 2.90 -9.96 -9.61
C LYS A 55 3.68 -8.92 -8.79
N ILE A 56 4.21 -9.34 -7.64
CA ILE A 56 5.03 -8.46 -6.80
C ILE A 56 6.52 -8.66 -7.09
N GLU A 57 7.23 -7.57 -7.42
CA GLU A 57 8.66 -7.64 -7.75
C GLU A 57 9.54 -7.26 -6.54
N GLU A 58 9.46 -6.01 -6.11
CA GLU A 58 10.33 -5.51 -5.03
C GLU A 58 9.52 -4.89 -3.87
N ILE A 59 9.88 -5.24 -2.64
CA ILE A 59 9.25 -4.67 -1.44
C ILE A 59 10.29 -3.87 -0.61
N GLU A 60 9.91 -2.66 -0.18
CA GLU A 60 10.83 -1.79 0.57
C GLU A 60 10.09 -0.97 1.63
N GLU A 61 10.65 -0.89 2.84
CA GLU A 61 10.04 -0.14 3.94
C GLU A 61 10.54 1.30 4.01
N ILE A 62 9.62 2.26 4.06
CA ILE A 62 9.96 3.70 4.12
C ILE A 62 9.20 4.43 5.25
N SER A 63 9.37 5.75 5.33
CA SER A 63 8.69 6.55 6.37
C SER A 63 7.33 7.10 5.88
N PRO A 64 6.32 7.14 6.78
CA PRO A 64 4.94 7.54 6.43
C PRO A 64 4.84 8.96 5.81
N GLU A 65 5.72 9.86 6.22
CA GLU A 65 5.70 11.23 5.71
C GLU A 65 6.30 11.34 4.30
N GLU A 66 6.97 10.29 3.85
CA GLU A 66 7.60 10.27 2.52
C GLU A 66 6.65 9.73 1.44
N VAL A 67 5.57 9.09 1.88
CA VAL A 67 4.66 8.38 0.97
C VAL A 67 4.11 9.27 -0.15
N GLN A 68 4.35 8.87 -1.40
CA GLN A 68 3.81 9.58 -2.56
C GLN A 68 2.31 9.31 -2.75
N ASP A 69 1.86 8.14 -2.28
CA ASP A 69 0.44 7.79 -2.30
C ASP A 69 -0.35 8.64 -1.28
N PRO A 70 -1.25 9.53 -1.76
CA PRO A 70 -1.97 10.46 -0.89
C PRO A 70 -3.02 9.79 0.03
N VAL A 71 -3.42 8.56 -0.32
CA VAL A 71 -4.42 7.83 0.48
C VAL A 71 -3.75 7.14 1.67
N VAL A 72 -2.72 6.36 1.40
CA VAL A 72 -1.95 5.67 2.45
C VAL A 72 -1.32 6.66 3.43
N LYS A 73 -0.64 7.66 2.89
CA LYS A 73 0.00 8.71 3.70
C LYS A 73 -0.98 9.35 4.68
N ALA A 74 -2.16 9.73 4.18
CA ALA A 74 -3.21 10.32 5.03
C ALA A 74 -3.75 9.30 6.04
N LEU A 75 -3.86 8.04 5.61
CA LEU A 75 -4.33 6.94 6.46
C LEU A 75 -3.46 6.81 7.72
N VAL A 76 -2.16 7.12 7.58
CA VAL A 76 -1.24 7.08 8.71
C VAL A 76 -1.27 8.40 9.51
N GLN A 77 -1.14 9.53 8.80
CA GLN A 77 -1.10 10.86 9.44
C GLN A 77 -2.35 11.15 10.29
N ARG A 78 -3.50 10.63 9.87
CA ARG A 78 -4.77 10.89 10.57
C ARG A 78 -4.72 10.48 12.06
N LEU A 79 -3.98 9.42 12.38
CA LEU A 79 -3.92 8.91 13.76
C LEU A 79 -2.66 9.39 14.51
N GLU A 80 -1.82 10.17 13.82
CA GLU A 80 -0.55 10.63 14.39
C GLU A 80 -0.77 11.85 15.32
N HIS A 81 0.04 11.93 16.39
CA HIS A 81 -0.12 12.98 17.40
C HIS A 81 0.52 14.32 16.96
N HIS A 82 1.33 14.29 15.90
CA HIS A 82 1.92 15.51 15.34
C HIS A 82 0.82 16.48 14.85
N HIS A 83 -0.38 15.93 14.63
CA HIS A 83 -1.57 16.73 14.34
C HIS A 83 -2.42 16.88 15.61
N HIS A 84 -2.19 17.95 16.35
CA HIS A 84 -2.92 18.19 17.61
C HIS A 84 -4.08 19.17 17.38
N HIS A 85 -5.11 19.06 18.19
CA HIS A 85 -6.26 19.97 18.10
C HIS A 85 -5.92 21.31 18.78
N HIS A 86 -5.60 21.22 20.07
CA HIS A 86 -5.08 22.36 20.84
C HIS A 86 -4.22 21.87 22.02
N MET A 1 3.11 2.76 24.24
CA MET A 1 2.71 3.04 22.84
C MET A 1 2.50 1.74 22.06
N LYS A 2 1.25 1.47 21.65
CA LYS A 2 0.93 0.26 20.89
C LYS A 2 1.32 0.41 19.41
N MET A 3 1.47 -0.73 18.73
CA MET A 3 1.94 -0.75 17.34
C MET A 3 1.08 0.15 16.43
N LYS A 4 1.74 1.07 15.72
CA LYS A 4 1.06 1.94 14.75
C LYS A 4 1.23 1.42 13.32
N THR A 5 0.44 1.94 12.39
CA THR A 5 0.50 1.51 10.99
C THR A 5 1.74 2.07 10.28
N LYS A 6 2.50 1.19 9.63
CA LYS A 6 3.70 1.58 8.89
C LYS A 6 3.41 1.61 7.38
N ILE A 7 4.00 2.54 6.66
CA ILE A 7 3.69 2.72 5.24
C ILE A 7 4.65 1.92 4.34
N PHE A 8 4.09 1.19 3.38
CA PHE A 8 4.88 0.40 2.43
C PHE A 8 4.63 0.86 0.99
N ARG A 9 5.69 1.25 0.30
CA ARG A 9 5.60 1.61 -1.12
C ARG A 9 5.95 0.40 -1.99
N VAL A 10 4.93 -0.27 -2.49
CA VAL A 10 5.08 -1.54 -3.22
C VAL A 10 5.19 -1.34 -4.74
N LYS A 11 6.23 -1.92 -5.31
CA LYS A 11 6.44 -1.93 -6.77
C LYS A 11 6.21 -3.34 -7.33
N GLY A 12 5.47 -3.46 -8.43
CA GLY A 12 5.22 -4.76 -9.03
C GLY A 12 4.68 -4.67 -10.45
N LYS A 13 4.08 -5.76 -10.94
CA LYS A 13 3.50 -5.80 -12.30
C LYS A 13 2.09 -6.40 -12.28
N PHE A 14 1.17 -5.82 -13.05
CA PHE A 14 -0.18 -6.38 -13.19
C PHE A 14 -0.44 -6.82 -14.64
N LEU A 15 -1.03 -8.00 -14.78
CA LEU A 15 -1.32 -8.57 -16.11
C LEU A 15 -2.58 -7.92 -16.71
N MET A 16 -2.39 -7.07 -17.71
CA MET A 16 -3.50 -6.42 -18.42
C MET A 16 -3.44 -6.78 -19.92
N GLY A 17 -4.41 -7.56 -20.38
CA GLY A 17 -4.44 -8.00 -21.78
C GLY A 17 -3.23 -8.83 -22.17
N ASP A 18 -2.90 -9.83 -21.34
CA ASP A 18 -1.73 -10.70 -21.56
C ASP A 18 -0.42 -9.91 -21.67
N LYS A 19 -0.41 -8.69 -21.15
CA LYS A 19 0.79 -7.85 -21.11
C LYS A 19 1.07 -7.37 -19.68
N LEU A 20 2.34 -7.33 -19.30
CA LEU A 20 2.73 -6.95 -17.94
C LEU A 20 3.07 -5.45 -17.83
N GLN A 21 2.25 -4.71 -17.10
CA GLN A 21 2.51 -3.29 -16.82
C GLN A 21 2.90 -3.09 -15.35
N PRO A 22 4.02 -2.36 -15.09
CA PRO A 22 4.51 -2.14 -13.72
C PRO A 22 3.70 -1.09 -12.94
N PHE A 23 3.23 -1.46 -11.74
CA PHE A 23 2.45 -0.55 -10.89
C PHE A 23 3.25 -0.10 -9.65
N THR A 24 2.89 1.07 -9.11
CA THR A 24 3.48 1.57 -7.87
C THR A 24 2.38 1.81 -6.81
N LYS A 25 2.15 0.80 -5.97
CA LYS A 25 1.06 0.85 -4.97
C LYS A 25 1.56 1.19 -3.57
N GLU A 26 1.13 2.34 -3.04
CA GLU A 26 1.42 2.71 -1.66
C GLU A 26 0.27 2.28 -0.73
N LEU A 27 0.61 1.61 0.38
CA LEU A 27 -0.39 1.21 1.38
C LEU A 27 0.24 1.07 2.77
N ASN A 28 -0.53 1.37 3.81
CA ASN A 28 -0.03 1.31 5.19
C ASN A 28 -0.55 0.05 5.93
N ALA A 29 0.37 -0.67 6.55
CA ALA A 29 0.03 -1.92 7.26
C ALA A 29 1.05 -2.22 8.37
N ILE A 30 0.96 -3.42 8.96
CA ILE A 30 1.90 -3.83 10.01
C ILE A 30 3.06 -4.65 9.41
N ARG A 31 2.73 -5.80 8.82
CA ARG A 31 3.73 -6.72 8.25
C ARG A 31 3.48 -6.92 6.74
N GLU A 32 4.47 -7.46 6.02
CA GLU A 32 4.36 -7.65 4.55
C GLU A 32 3.16 -8.54 4.19
N GLU A 33 2.87 -9.52 5.04
CA GLU A 33 1.74 -10.42 4.84
C GLU A 33 0.40 -9.67 4.80
N GLU A 34 0.33 -8.54 5.49
CA GLU A 34 -0.85 -7.65 5.43
C GLU A 34 -1.02 -7.11 4.01
N ILE A 35 0.08 -6.65 3.43
CA ILE A 35 0.11 -6.07 2.08
C ILE A 35 -0.58 -6.97 1.05
N TYR A 36 -0.22 -8.26 1.06
CA TYR A 36 -0.80 -9.23 0.13
C TYR A 36 -2.34 -9.25 0.23
N GLU A 37 -2.85 -9.45 1.43
CA GLU A 37 -4.30 -9.47 1.66
C GLU A 37 -4.98 -8.15 1.25
N ARG A 38 -4.35 -7.03 1.57
CA ARG A 38 -4.91 -5.71 1.23
C ARG A 38 -4.98 -5.50 -0.29
N LEU A 39 -3.90 -5.82 -0.99
CA LEU A 39 -3.84 -5.64 -2.45
C LEU A 39 -4.78 -6.61 -3.18
N TYR A 40 -4.80 -7.87 -2.77
CA TYR A 40 -5.71 -8.86 -3.39
C TYR A 40 -7.18 -8.51 -3.12
N SER A 41 -7.44 -7.78 -2.04
CA SER A 41 -8.77 -7.24 -1.77
C SER A 41 -9.08 -6.06 -2.69
N GLU A 42 -8.18 -5.07 -2.71
CA GLU A 42 -8.35 -3.86 -3.51
C GLU A 42 -8.43 -4.16 -5.02
N PHE A 43 -7.39 -4.81 -5.55
CA PHE A 43 -7.34 -5.18 -6.97
C PHE A 43 -8.57 -5.99 -7.39
N GLY A 44 -9.16 -6.72 -6.45
CA GLY A 44 -10.39 -7.45 -6.73
C GLY A 44 -11.61 -6.53 -6.81
N SER A 45 -11.77 -5.67 -5.80
CA SER A 45 -12.93 -4.78 -5.70
C SER A 45 -12.93 -3.67 -6.79
N LYS A 46 -11.90 -2.83 -6.81
CA LYS A 46 -11.85 -1.69 -7.74
C LYS A 46 -11.18 -2.05 -9.08
N HIS A 47 -10.06 -2.76 -9.01
CA HIS A 47 -9.23 -2.99 -10.21
C HIS A 47 -9.73 -4.18 -11.05
N ARG A 48 -10.58 -5.01 -10.48
CA ARG A 48 -11.21 -6.14 -11.21
C ARG A 48 -10.19 -7.16 -11.72
N VAL A 49 -9.00 -7.18 -11.12
CA VAL A 49 -7.94 -8.11 -11.53
C VAL A 49 -7.64 -9.13 -10.42
N PRO A 50 -7.68 -10.44 -10.75
CA PRO A 50 -7.47 -11.52 -9.76
C PRO A 50 -6.01 -11.67 -9.28
N ARG A 51 -5.85 -12.35 -8.13
CA ARG A 51 -4.54 -12.54 -7.49
C ARG A 51 -3.49 -13.13 -8.46
N SER A 52 -3.91 -14.06 -9.32
CA SER A 52 -2.99 -14.73 -10.25
C SER A 52 -2.40 -13.76 -11.29
N LYS A 53 -3.10 -12.65 -11.50
CA LYS A 53 -2.66 -11.64 -12.48
C LYS A 53 -2.00 -10.43 -11.80
N VAL A 54 -1.96 -10.45 -10.46
CA VAL A 54 -1.29 -9.38 -9.69
C VAL A 54 -0.05 -9.93 -8.97
N LYS A 55 1.12 -9.34 -9.23
CA LYS A 55 2.37 -9.85 -8.65
C LYS A 55 3.32 -8.72 -8.20
N ILE A 56 4.05 -8.94 -7.11
CA ILE A 56 4.90 -7.91 -6.49
C ILE A 56 6.40 -8.13 -6.79
N GLU A 57 7.14 -7.03 -6.89
CA GLU A 57 8.60 -7.08 -7.09
C GLU A 57 9.36 -6.50 -5.88
N GLU A 58 9.18 -5.21 -5.63
CA GLU A 58 9.98 -4.48 -4.62
C GLU A 58 9.11 -3.79 -3.57
N ILE A 59 9.18 -4.25 -2.32
CA ILE A 59 8.46 -3.63 -1.21
C ILE A 59 9.40 -2.72 -0.37
N GLU A 60 9.09 -1.43 -0.30
CA GLU A 60 9.89 -0.47 0.48
C GLU A 60 9.14 0.00 1.74
N GLU A 61 9.85 0.07 2.86
CA GLU A 61 9.25 0.45 4.15
C GLU A 61 9.61 1.91 4.49
N ILE A 62 8.60 2.79 4.53
CA ILE A 62 8.84 4.24 4.69
C ILE A 62 8.04 4.86 5.86
N SER A 63 8.35 6.13 6.16
CA SER A 63 7.73 6.84 7.29
C SER A 63 6.47 7.63 6.87
N PRO A 64 5.58 7.96 7.84
CA PRO A 64 4.28 8.61 7.57
C PRO A 64 4.34 9.89 6.69
N GLU A 65 5.34 10.75 6.89
CA GLU A 65 5.41 12.01 6.14
C GLU A 65 6.17 11.84 4.80
N GLU A 66 6.45 10.59 4.43
CA GLU A 66 7.10 10.30 3.13
C GLU A 66 6.08 9.73 2.13
N VAL A 67 4.80 9.78 2.48
CA VAL A 67 3.74 9.18 1.68
C VAL A 67 3.23 10.13 0.58
N GLN A 68 3.14 9.60 -0.64
CA GLN A 68 2.62 10.38 -1.78
C GLN A 68 1.12 10.10 -1.99
N ASP A 69 0.67 8.92 -1.56
CA ASP A 69 -0.74 8.53 -1.67
C ASP A 69 -1.60 9.28 -0.64
N PRO A 70 -2.68 9.96 -1.09
CA PRO A 70 -3.57 10.74 -0.20
C PRO A 70 -4.33 9.87 0.80
N VAL A 71 -4.81 8.71 0.36
CA VAL A 71 -5.62 7.82 1.21
C VAL A 71 -4.76 7.22 2.35
N VAL A 72 -3.60 6.68 1.97
CA VAL A 72 -2.66 6.11 2.93
C VAL A 72 -2.20 7.15 3.95
N LYS A 73 -1.73 8.30 3.47
CA LYS A 73 -1.23 9.36 4.34
C LYS A 73 -2.32 9.80 5.35
N ALA A 74 -3.56 9.89 4.88
CA ALA A 74 -4.69 10.25 5.74
C ALA A 74 -4.96 9.17 6.80
N LEU A 75 -4.90 7.90 6.38
CA LEU A 75 -5.19 6.76 7.26
C LEU A 75 -4.16 6.68 8.41
N VAL A 76 -2.95 7.19 8.17
CA VAL A 76 -1.92 7.20 9.21
C VAL A 76 -2.06 8.41 10.16
N GLN A 77 -2.20 9.60 9.59
CA GLN A 77 -2.25 10.85 10.39
C GLN A 77 -3.43 10.87 11.39
N ARG A 78 -4.44 10.05 11.15
CA ARG A 78 -5.63 10.01 12.03
C ARG A 78 -5.29 9.53 13.45
N LEU A 79 -4.11 8.94 13.63
CA LEU A 79 -3.66 8.50 14.97
C LEU A 79 -2.37 9.23 15.41
N GLU A 80 -1.92 10.19 14.62
CA GLU A 80 -0.69 10.94 14.91
C GLU A 80 -0.95 12.12 15.85
N HIS A 81 0.06 12.46 16.64
CA HIS A 81 -0.04 13.55 17.62
C HIS A 81 0.58 14.85 17.07
N HIS A 82 0.06 15.99 17.51
CA HIS A 82 0.64 17.29 17.17
C HIS A 82 1.76 17.65 18.17
N HIS A 83 3.01 17.52 17.72
CA HIS A 83 4.18 17.72 18.58
C HIS A 83 4.21 19.14 19.18
N HIS A 84 3.78 20.13 18.40
CA HIS A 84 3.61 21.51 18.92
C HIS A 84 2.12 21.86 19.00
N HIS A 85 1.70 22.44 20.13
CA HIS A 85 0.28 22.79 20.33
C HIS A 85 -0.16 23.93 19.39
N HIS A 86 -1.01 23.58 18.42
CA HIS A 86 -1.58 24.58 17.49
C HIS A 86 -2.96 24.12 16.99
N MET A 1 0.80 1.15 23.26
CA MET A 1 1.65 -0.03 23.55
C MET A 1 1.92 -0.86 22.29
N LYS A 2 0.89 -1.10 21.48
CA LYS A 2 1.04 -1.89 20.25
C LYS A 2 1.96 -1.20 19.22
N MET A 3 2.37 -1.95 18.21
CA MET A 3 3.19 -1.39 17.13
C MET A 3 2.32 -0.60 16.14
N LYS A 4 2.69 0.66 15.90
CA LYS A 4 1.91 1.53 14.99
C LYS A 4 2.12 1.10 13.53
N THR A 5 1.08 1.22 12.71
CA THR A 5 1.13 0.77 11.31
C THR A 5 2.28 1.40 10.51
N LYS A 6 3.05 0.58 9.81
CA LYS A 6 4.14 1.04 8.96
C LYS A 6 3.72 1.05 7.49
N ILE A 7 4.19 2.03 6.73
CA ILE A 7 3.84 2.15 5.32
C ILE A 7 4.92 1.54 4.43
N PHE A 8 4.51 0.74 3.45
CA PHE A 8 5.44 0.06 2.55
C PHE A 8 5.26 0.53 1.10
N ARG A 9 6.35 0.97 0.49
CA ARG A 9 6.33 1.36 -0.92
C ARG A 9 6.63 0.14 -1.80
N VAL A 10 5.60 -0.38 -2.46
CA VAL A 10 5.70 -1.58 -3.28
C VAL A 10 5.96 -1.26 -4.77
N LYS A 11 6.95 -1.95 -5.34
CA LYS A 11 7.32 -1.79 -6.75
C LYS A 11 7.18 -3.13 -7.50
N GLY A 12 6.15 -3.26 -8.32
CA GLY A 12 5.92 -4.52 -9.03
C GLY A 12 5.11 -4.38 -10.31
N LYS A 13 4.55 -5.49 -10.78
CA LYS A 13 3.76 -5.50 -12.03
C LYS A 13 2.53 -6.39 -11.89
N PHE A 14 1.42 -6.01 -12.53
CA PHE A 14 0.21 -6.84 -12.51
C PHE A 14 -0.23 -7.26 -13.92
N LEU A 15 -0.50 -8.56 -14.08
CA LEU A 15 -0.93 -9.12 -15.36
C LEU A 15 -2.41 -8.80 -15.63
N MET A 16 -2.64 -7.70 -16.36
CA MET A 16 -3.99 -7.28 -16.72
C MET A 16 -4.20 -7.32 -18.24
N GLY A 17 -5.25 -8.02 -18.67
CA GLY A 17 -5.52 -8.16 -20.10
C GLY A 17 -4.40 -8.90 -20.84
N ASP A 18 -3.80 -9.86 -20.14
CA ASP A 18 -2.67 -10.64 -20.67
C ASP A 18 -1.42 -9.76 -20.90
N LYS A 19 -1.41 -8.58 -20.28
CA LYS A 19 -0.29 -7.64 -20.38
C LYS A 19 0.28 -7.30 -18.99
N LEU A 20 1.57 -7.00 -18.92
CA LEU A 20 2.22 -6.66 -17.66
C LEU A 20 2.30 -5.13 -17.45
N GLN A 21 1.47 -4.61 -16.57
CA GLN A 21 1.50 -3.18 -16.22
C GLN A 21 2.32 -2.94 -14.94
N PRO A 22 3.48 -2.26 -15.05
CA PRO A 22 4.31 -1.90 -13.89
C PRO A 22 3.65 -0.82 -13.01
N PHE A 23 3.44 -1.11 -11.73
CA PHE A 23 2.81 -0.17 -10.80
C PHE A 23 3.76 0.24 -9.66
N THR A 24 3.40 1.31 -8.96
CA THR A 24 4.13 1.77 -7.76
C THR A 24 3.12 2.19 -6.68
N LYS A 25 3.12 1.48 -5.56
CA LYS A 25 2.13 1.71 -4.50
C LYS A 25 2.76 2.00 -3.13
N GLU A 26 2.02 2.71 -2.29
CA GLU A 26 2.39 2.92 -0.88
C GLU A 26 1.17 2.64 0.00
N LEU A 27 1.29 1.70 0.93
CA LEU A 27 0.15 1.30 1.78
C LEU A 27 0.57 1.07 3.23
N ASN A 28 -0.37 1.30 4.16
CA ASN A 28 -0.11 1.07 5.58
C ASN A 28 -0.41 -0.39 5.98
N ALA A 29 0.48 -0.98 6.76
CA ALA A 29 0.32 -2.38 7.21
C ALA A 29 1.17 -2.67 8.46
N ILE A 30 1.16 -3.92 8.90
CA ILE A 30 1.98 -4.34 10.05
C ILE A 30 3.28 -5.01 9.56
N ARG A 31 3.15 -5.96 8.64
CA ARG A 31 4.28 -6.70 8.09
C ARG A 31 4.06 -7.05 6.61
N GLU A 32 5.07 -7.63 5.98
CA GLU A 32 4.99 -8.00 4.56
C GLU A 32 3.78 -8.89 4.24
N GLU A 33 3.51 -9.85 5.12
CA GLU A 33 2.33 -10.74 4.98
C GLU A 33 1.02 -9.95 4.81
N GLU A 34 0.98 -8.74 5.36
CA GLU A 34 -0.18 -7.86 5.19
C GLU A 34 -0.20 -7.24 3.79
N ILE A 35 0.96 -6.75 3.35
CA ILE A 35 1.10 -6.03 2.06
C ILE A 35 0.37 -6.74 0.92
N TYR A 36 0.69 -8.02 0.71
CA TYR A 36 0.10 -8.81 -0.36
C TYR A 36 -1.44 -8.74 -0.35
N GLU A 37 -2.06 -9.17 0.75
CA GLU A 37 -3.53 -9.21 0.84
C GLU A 37 -4.15 -7.81 0.68
N ARG A 38 -3.53 -6.80 1.28
CA ARG A 38 -4.06 -5.43 1.21
C ARG A 38 -4.06 -4.90 -0.23
N LEU A 39 -2.96 -5.12 -0.96
CA LEU A 39 -2.88 -4.72 -2.37
C LEU A 39 -3.87 -5.51 -3.23
N TYR A 40 -3.95 -6.82 -3.01
CA TYR A 40 -4.91 -7.68 -3.71
C TYR A 40 -6.34 -7.18 -3.45
N SER A 41 -6.55 -6.59 -2.28
CA SER A 41 -7.84 -5.97 -1.94
C SER A 41 -8.07 -4.69 -2.75
N GLU A 42 -7.09 -3.78 -2.73
CA GLU A 42 -7.22 -2.51 -3.46
C GLU A 42 -7.38 -2.74 -4.98
N PHE A 43 -6.39 -3.38 -5.60
CA PHE A 43 -6.43 -3.68 -7.04
C PHE A 43 -7.70 -4.43 -7.41
N GLY A 44 -8.10 -5.38 -6.57
CA GLY A 44 -9.34 -6.12 -6.80
C GLY A 44 -10.59 -5.24 -6.72
N SER A 45 -10.56 -4.23 -5.86
CA SER A 45 -11.70 -3.32 -5.65
C SER A 45 -11.78 -2.23 -6.74
N LYS A 46 -10.74 -1.40 -6.86
CA LYS A 46 -10.75 -0.27 -7.79
C LYS A 46 -10.52 -0.72 -9.25
N HIS A 47 -9.67 -1.71 -9.47
CA HIS A 47 -9.26 -2.08 -10.83
C HIS A 47 -9.70 -3.49 -11.23
N ARG A 48 -10.37 -4.20 -10.30
CA ARG A 48 -10.91 -5.55 -10.57
C ARG A 48 -9.81 -6.57 -10.90
N VAL A 49 -8.58 -6.32 -10.45
CA VAL A 49 -7.45 -7.21 -10.75
C VAL A 49 -7.34 -8.36 -9.73
N PRO A 50 -7.42 -9.63 -10.19
CA PRO A 50 -7.33 -10.81 -9.30
C PRO A 50 -5.91 -11.02 -8.73
N ARG A 51 -5.85 -11.54 -7.50
CA ARG A 51 -4.57 -11.67 -6.77
C ARG A 51 -3.54 -12.53 -7.53
N SER A 52 -4.01 -13.57 -8.23
CA SER A 52 -3.12 -14.50 -8.95
C SER A 52 -2.43 -13.83 -10.15
N LYS A 53 -2.86 -12.62 -10.49
CA LYS A 53 -2.26 -11.86 -11.59
C LYS A 53 -1.33 -10.74 -11.09
N VAL A 54 -1.51 -10.34 -9.83
CA VAL A 54 -0.68 -9.28 -9.23
C VAL A 54 0.67 -9.82 -8.75
N LYS A 55 1.77 -9.19 -9.16
CA LYS A 55 3.12 -9.65 -8.81
C LYS A 55 3.93 -8.55 -8.12
N ILE A 56 4.31 -8.78 -6.86
CA ILE A 56 5.16 -7.84 -6.12
C ILE A 56 6.65 -8.14 -6.35
N GLU A 57 7.31 -7.29 -7.14
CA GLU A 57 8.72 -7.50 -7.50
C GLU A 57 9.69 -6.93 -6.45
N GLU A 58 9.31 -5.84 -5.80
CA GLU A 58 10.17 -5.19 -4.80
C GLU A 58 9.35 -4.51 -3.68
N ILE A 59 9.90 -4.45 -2.46
CA ILE A 59 9.21 -3.85 -1.31
C ILE A 59 10.15 -2.91 -0.52
N GLU A 60 9.67 -1.72 -0.19
CA GLU A 60 10.41 -0.76 0.64
C GLU A 60 9.61 -0.36 1.89
N GLU A 61 10.26 -0.33 3.05
CA GLU A 61 9.61 0.09 4.30
C GLU A 61 9.93 1.56 4.61
N ILE A 62 8.89 2.41 4.67
CA ILE A 62 9.07 3.85 4.86
C ILE A 62 8.28 4.39 6.06
N SER A 63 8.57 5.64 6.44
CA SER A 63 7.91 6.30 7.56
C SER A 63 6.56 6.92 7.14
N PRO A 64 5.51 6.81 7.97
CA PRO A 64 4.17 7.37 7.67
C PRO A 64 4.18 8.86 7.32
N GLU A 65 5.10 9.60 7.94
CA GLU A 65 5.20 11.05 7.75
C GLU A 65 5.87 11.43 6.41
N GLU A 66 6.38 10.45 5.68
CA GLU A 66 7.10 10.70 4.41
C GLU A 66 6.41 10.07 3.20
N VAL A 67 5.17 9.61 3.37
CA VAL A 67 4.44 8.93 2.28
C VAL A 67 3.96 9.90 1.20
N GLN A 68 4.07 9.50 -0.07
CA GLN A 68 3.62 10.35 -1.18
C GLN A 68 2.13 10.14 -1.49
N ASP A 69 1.64 8.92 -1.26
CA ASP A 69 0.22 8.59 -1.47
C ASP A 69 -0.68 9.39 -0.49
N PRO A 70 -1.64 10.17 -1.01
CA PRO A 70 -2.50 11.02 -0.17
C PRO A 70 -3.52 10.22 0.66
N VAL A 71 -4.05 9.14 0.08
CA VAL A 71 -5.08 8.32 0.74
C VAL A 71 -4.53 7.63 2.01
N VAL A 72 -3.41 6.93 1.84
CA VAL A 72 -2.77 6.23 2.96
C VAL A 72 -2.18 7.21 4.00
N LYS A 73 -1.46 8.23 3.52
CA LYS A 73 -0.86 9.21 4.43
C LYS A 73 -1.93 9.87 5.32
N ALA A 74 -3.07 10.22 4.73
CA ALA A 74 -4.19 10.80 5.49
C ALA A 74 -4.80 9.79 6.46
N LEU A 75 -4.86 8.53 6.04
CA LEU A 75 -5.40 7.44 6.87
C LEU A 75 -4.57 7.27 8.15
N VAL A 76 -3.26 7.38 8.02
CA VAL A 76 -2.35 7.19 9.15
C VAL A 76 -2.18 8.47 9.99
N GLN A 77 -1.93 9.60 9.32
CA GLN A 77 -1.70 10.87 10.03
C GLN A 77 -2.91 11.32 10.88
N ARG A 78 -4.06 10.69 10.69
CA ARG A 78 -5.24 11.01 11.52
C ARG A 78 -5.22 10.25 12.87
N LEU A 79 -4.47 9.15 12.93
CA LEU A 79 -4.25 8.44 14.20
C LEU A 79 -2.91 8.84 14.84
N GLU A 80 -1.99 9.31 13.99
CA GLU A 80 -0.70 9.83 14.46
C GLU A 80 -0.88 11.10 15.30
N HIS A 81 -0.19 11.15 16.45
CA HIS A 81 -0.32 12.28 17.38
C HIS A 81 0.69 13.40 17.09
N HIS A 82 1.44 13.26 16.00
CA HIS A 82 2.41 14.29 15.59
C HIS A 82 1.69 15.59 15.23
N HIS A 83 1.63 16.52 16.18
CA HIS A 83 0.82 17.73 16.04
C HIS A 83 1.29 18.66 14.90
N HIS A 84 0.68 18.49 13.73
CA HIS A 84 0.84 19.43 12.61
C HIS A 84 -0.52 19.88 12.07
N HIS A 85 -1.57 19.17 12.47
CA HIS A 85 -2.93 19.49 12.03
C HIS A 85 -3.92 19.42 13.20
N HIS A 86 -5.05 20.10 13.07
CA HIS A 86 -6.07 20.13 14.13
C HIS A 86 -6.94 18.85 14.09
N MET A 1 2.95 -4.59 21.99
CA MET A 1 1.61 -5.05 21.58
C MET A 1 0.93 -4.04 20.63
N LYS A 2 0.74 -2.79 21.09
CA LYS A 2 0.14 -1.75 20.25
C LYS A 2 1.21 -1.04 19.39
N MET A 3 1.19 -1.30 18.09
CA MET A 3 2.14 -0.68 17.16
C MET A 3 1.39 0.13 16.08
N LYS A 4 1.99 1.23 15.62
CA LYS A 4 1.39 2.05 14.56
C LYS A 4 1.66 1.48 13.17
N THR A 5 0.79 1.80 12.21
CA THR A 5 0.89 1.25 10.86
C THR A 5 2.02 1.92 10.05
N LYS A 6 2.99 1.12 9.64
CA LYS A 6 4.14 1.60 8.87
C LYS A 6 3.85 1.57 7.37
N ILE A 7 4.36 2.53 6.62
CA ILE A 7 4.01 2.67 5.20
C ILE A 7 5.06 2.00 4.29
N PHE A 8 4.58 1.14 3.39
CA PHE A 8 5.46 0.42 2.48
C PHE A 8 5.25 0.86 1.02
N ARG A 9 6.32 1.28 0.38
CA ARG A 9 6.31 1.61 -1.05
C ARG A 9 6.53 0.34 -1.90
N VAL A 10 5.42 -0.29 -2.29
CA VAL A 10 5.46 -1.55 -3.04
C VAL A 10 5.61 -1.33 -4.55
N LYS A 11 6.34 -2.24 -5.19
CA LYS A 11 6.65 -2.16 -6.62
C LYS A 11 6.43 -3.53 -7.30
N GLY A 12 5.69 -3.54 -8.42
CA GLY A 12 5.44 -4.79 -9.13
C GLY A 12 4.64 -4.61 -10.40
N LYS A 13 3.95 -5.68 -10.83
CA LYS A 13 3.13 -5.67 -12.05
C LYS A 13 1.77 -6.35 -11.82
N PHE A 14 0.71 -5.82 -12.44
CA PHE A 14 -0.61 -6.45 -12.38
C PHE A 14 -1.11 -6.82 -13.79
N LEU A 15 -1.78 -7.96 -13.90
CA LEU A 15 -2.27 -8.46 -15.18
C LEU A 15 -3.55 -7.74 -15.61
N MET A 16 -3.44 -6.92 -16.65
CA MET A 16 -4.60 -6.25 -17.25
C MET A 16 -4.52 -6.39 -18.78
N GLY A 17 -5.60 -6.91 -19.38
CA GLY A 17 -5.61 -7.13 -20.83
C GLY A 17 -4.58 -8.16 -21.29
N ASP A 18 -4.37 -9.20 -20.47
CA ASP A 18 -3.38 -10.25 -20.74
C ASP A 18 -1.93 -9.72 -20.78
N LYS A 19 -1.74 -8.50 -20.28
CA LYS A 19 -0.40 -7.88 -20.20
C LYS A 19 -0.09 -7.46 -18.76
N LEU A 20 1.18 -7.49 -18.38
CA LEU A 20 1.61 -7.05 -17.05
C LEU A 20 1.95 -5.55 -17.04
N GLN A 21 1.10 -4.75 -16.41
CA GLN A 21 1.36 -3.31 -16.25
C GLN A 21 1.98 -3.03 -14.88
N PRO A 22 3.10 -2.26 -14.84
CA PRO A 22 3.81 -1.96 -13.59
C PRO A 22 3.05 -0.97 -12.68
N PHE A 23 3.14 -1.18 -11.36
CA PHE A 23 2.50 -0.28 -10.40
C PHE A 23 3.46 0.10 -9.26
N THR A 24 3.11 1.18 -8.57
CA THR A 24 3.86 1.64 -7.39
C THR A 24 2.89 2.11 -6.30
N LYS A 25 2.71 1.29 -5.28
CA LYS A 25 1.70 1.55 -4.24
C LYS A 25 2.33 1.93 -2.90
N GLU A 26 2.02 3.13 -2.42
CA GLU A 26 2.40 3.56 -1.07
C GLU A 26 1.23 3.31 -0.11
N LEU A 27 1.28 2.20 0.62
CA LEU A 27 0.17 1.81 1.50
C LEU A 27 0.64 1.56 2.93
N ASN A 28 -0.26 1.73 3.89
CA ASN A 28 0.07 1.52 5.31
C ASN A 28 -0.27 0.09 5.76
N ALA A 29 0.69 -0.55 6.41
CA ALA A 29 0.52 -1.91 6.93
C ALA A 29 1.39 -2.14 8.18
N ILE A 30 1.28 -3.32 8.77
CA ILE A 30 2.13 -3.70 9.91
C ILE A 30 3.30 -4.58 9.45
N ARG A 31 3.07 -5.38 8.41
CA ARG A 31 4.07 -6.30 7.87
C ARG A 31 3.72 -6.73 6.44
N GLU A 32 4.61 -7.48 5.80
CA GLU A 32 4.38 -7.97 4.43
C GLU A 32 3.04 -8.71 4.28
N GLU A 33 2.74 -9.56 5.27
CA GLU A 33 1.51 -10.35 5.28
C GLU A 33 0.26 -9.46 5.33
N GLU A 34 0.42 -8.23 5.82
CA GLU A 34 -0.65 -7.23 5.78
C GLU A 34 -0.73 -6.59 4.38
N ILE A 35 0.44 -6.27 3.83
CA ILE A 35 0.55 -5.64 2.51
C ILE A 35 -0.18 -6.44 1.43
N TYR A 36 0.14 -7.74 1.35
CA TYR A 36 -0.44 -8.62 0.33
C TYR A 36 -1.97 -8.51 0.30
N GLU A 37 -2.60 -8.74 1.45
CA GLU A 37 -4.06 -8.70 1.55
C GLU A 37 -4.63 -7.32 1.21
N ARG A 38 -3.99 -6.26 1.70
CA ARG A 38 -4.45 -4.89 1.42
C ARG A 38 -4.41 -4.60 -0.09
N LEU A 39 -3.33 -4.99 -0.76
CA LEU A 39 -3.21 -4.83 -2.21
C LEU A 39 -4.25 -5.68 -2.95
N TYR A 40 -4.35 -6.96 -2.59
CA TYR A 40 -5.32 -7.86 -3.23
C TYR A 40 -6.76 -7.40 -2.99
N SER A 41 -6.97 -6.60 -1.94
CA SER A 41 -8.26 -5.93 -1.71
C SER A 41 -8.52 -4.90 -2.81
N GLU A 42 -7.55 -4.00 -3.03
CA GLU A 42 -7.64 -3.01 -4.10
C GLU A 42 -7.75 -3.68 -5.49
N PHE A 43 -6.71 -4.41 -5.87
CA PHE A 43 -6.67 -5.07 -7.17
C PHE A 43 -7.86 -6.01 -7.37
N GLY A 44 -8.21 -6.75 -6.32
CA GLY A 44 -9.35 -7.66 -6.41
C GLY A 44 -10.70 -6.95 -6.55
N SER A 45 -10.87 -5.82 -5.87
CA SER A 45 -12.16 -5.09 -5.88
C SER A 45 -12.24 -4.05 -7.01
N LYS A 46 -11.51 -2.94 -6.86
CA LYS A 46 -11.62 -1.80 -7.79
C LYS A 46 -10.88 -2.04 -9.12
N HIS A 47 -10.05 -3.08 -9.18
CA HIS A 47 -9.40 -3.48 -10.44
C HIS A 47 -9.94 -4.81 -10.97
N ARG A 48 -10.43 -5.67 -10.07
CA ARG A 48 -10.97 -7.00 -10.42
C ARG A 48 -9.90 -7.90 -11.06
N VAL A 49 -8.74 -7.97 -10.40
CA VAL A 49 -7.63 -8.83 -10.84
C VAL A 49 -7.27 -9.85 -9.74
N PRO A 50 -7.25 -11.16 -10.07
CA PRO A 50 -6.94 -12.23 -9.08
C PRO A 50 -5.49 -12.17 -8.56
N ARG A 51 -5.27 -12.68 -7.35
CA ARG A 51 -3.99 -12.53 -6.65
C ARG A 51 -2.80 -13.17 -7.42
N SER A 52 -3.05 -14.27 -8.12
CA SER A 52 -1.99 -14.94 -8.90
C SER A 52 -1.58 -14.12 -10.12
N LYS A 53 -2.40 -13.13 -10.47
CA LYS A 53 -2.13 -12.25 -11.61
C LYS A 53 -1.50 -10.92 -11.15
N VAL A 54 -1.31 -10.76 -9.84
CA VAL A 54 -0.65 -9.59 -9.28
C VAL A 54 0.71 -9.97 -8.66
N LYS A 55 1.79 -9.50 -9.28
CA LYS A 55 3.14 -9.89 -8.87
C LYS A 55 3.89 -8.73 -8.18
N ILE A 56 4.42 -8.99 -6.99
CA ILE A 56 5.21 -8.01 -6.24
C ILE A 56 6.72 -8.28 -6.39
N GLU A 57 7.42 -7.30 -6.97
CA GLU A 57 8.87 -7.43 -7.22
C GLU A 57 9.69 -6.85 -6.04
N GLU A 58 9.29 -5.68 -5.54
CA GLU A 58 10.07 -4.94 -4.54
C GLU A 58 9.18 -4.32 -3.46
N ILE A 59 9.69 -4.23 -2.22
CA ILE A 59 8.95 -3.64 -1.10
C ILE A 59 9.84 -2.69 -0.27
N GLU A 60 9.56 -1.38 -0.35
CA GLU A 60 10.30 -0.37 0.40
C GLU A 60 9.46 0.15 1.58
N GLU A 61 10.10 0.80 2.57
CA GLU A 61 9.39 1.34 3.74
C GLU A 61 9.72 2.82 3.96
N ILE A 62 8.70 3.64 4.22
CA ILE A 62 8.86 5.10 4.35
C ILE A 62 8.04 5.69 5.52
N SER A 63 8.40 6.90 5.94
CA SER A 63 7.72 7.59 7.04
C SER A 63 6.32 8.10 6.62
N PRO A 64 5.35 8.14 7.57
CA PRO A 64 3.96 8.57 7.29
C PRO A 64 3.86 9.95 6.63
N GLU A 65 4.70 10.89 7.06
CA GLU A 65 4.68 12.25 6.50
C GLU A 65 5.25 12.31 5.07
N GLU A 66 6.05 11.30 4.70
CA GLU A 66 6.69 11.27 3.37
C GLU A 66 5.77 10.72 2.28
N VAL A 67 4.69 10.04 2.70
CA VAL A 67 3.77 9.39 1.76
C VAL A 67 3.16 10.40 0.76
N GLN A 68 3.23 10.07 -0.52
CA GLN A 68 2.63 10.92 -1.57
C GLN A 68 1.11 10.72 -1.63
N ASP A 69 0.68 9.48 -1.40
CA ASP A 69 -0.75 9.13 -1.46
C ASP A 69 -1.56 9.81 -0.33
N PRO A 70 -2.55 10.66 -0.69
CA PRO A 70 -3.35 11.40 0.30
C PRO A 70 -4.25 10.50 1.16
N VAL A 71 -4.73 9.40 0.59
CA VAL A 71 -5.63 8.49 1.30
C VAL A 71 -4.88 7.75 2.43
N VAL A 72 -3.72 7.20 2.09
CA VAL A 72 -2.86 6.51 3.07
C VAL A 72 -2.25 7.49 4.08
N LYS A 73 -1.72 8.60 3.58
CA LYS A 73 -1.11 9.64 4.44
C LYS A 73 -2.06 10.04 5.59
N ALA A 74 -3.31 10.34 5.24
CA ALA A 74 -4.32 10.72 6.24
C ALA A 74 -4.68 9.54 7.16
N LEU A 75 -4.68 8.33 6.60
CA LEU A 75 -5.04 7.12 7.36
C LEU A 75 -4.06 6.89 8.53
N VAL A 76 -2.79 7.20 8.32
CA VAL A 76 -1.77 7.04 9.36
C VAL A 76 -1.70 8.25 10.29
N GLN A 77 -1.63 9.44 9.71
CA GLN A 77 -1.47 10.68 10.49
C GLN A 77 -2.66 10.94 11.44
N ARG A 78 -3.84 10.39 11.11
CA ARG A 78 -5.03 10.58 11.94
C ARG A 78 -4.88 9.97 13.34
N LEU A 79 -4.37 8.74 13.41
CA LEU A 79 -4.30 8.01 14.69
C LEU A 79 -3.15 8.49 15.57
N GLU A 80 -2.16 9.14 14.98
CA GLU A 80 -1.01 9.66 15.73
C GLU A 80 -1.31 11.03 16.35
N HIS A 81 -0.29 11.59 17.02
CA HIS A 81 -0.45 12.83 17.77
C HIS A 81 0.09 14.04 16.99
N HIS A 82 -0.42 15.23 17.30
CA HIS A 82 0.06 16.46 16.70
C HIS A 82 1.06 17.16 17.63
N HIS A 83 2.35 17.08 17.30
CA HIS A 83 3.40 17.69 18.13
C HIS A 83 3.20 19.20 18.24
N HIS A 84 2.54 19.79 17.24
CA HIS A 84 2.07 21.17 17.32
C HIS A 84 0.63 21.25 16.76
N HIS A 85 -0.13 22.23 17.22
CA HIS A 85 -1.56 22.32 16.90
C HIS A 85 -1.84 22.39 15.38
N HIS A 86 -2.56 21.39 14.88
CA HIS A 86 -3.05 21.37 13.49
C HIS A 86 -4.09 20.27 13.28
N MET A 1 2.60 -7.09 17.40
CA MET A 1 2.37 -6.26 16.18
C MET A 1 1.45 -5.06 16.47
N LYS A 2 1.11 -4.82 17.73
CA LYS A 2 0.27 -3.67 18.10
C LYS A 2 1.06 -2.36 18.00
N MET A 3 1.09 -1.79 16.79
CA MET A 3 1.79 -0.52 16.54
C MET A 3 1.11 0.29 15.44
N LYS A 4 1.62 1.49 15.17
CA LYS A 4 1.04 2.37 14.15
C LYS A 4 1.27 1.82 12.74
N THR A 5 0.23 1.87 11.91
CA THR A 5 0.31 1.41 10.52
C THR A 5 1.26 2.29 9.69
N LYS A 6 2.40 1.75 9.30
CA LYS A 6 3.37 2.47 8.47
C LYS A 6 2.95 2.42 6.99
N ILE A 7 3.52 3.29 6.17
CA ILE A 7 3.20 3.29 4.75
C ILE A 7 4.34 2.67 3.93
N PHE A 8 4.00 1.72 3.07
CA PHE A 8 4.98 1.06 2.22
C PHE A 8 4.70 1.33 0.73
N ARG A 9 5.73 1.78 0.01
CA ARG A 9 5.61 2.02 -1.43
C ARG A 9 6.03 0.76 -2.21
N VAL A 10 5.06 -0.11 -2.45
CA VAL A 10 5.31 -1.40 -3.10
C VAL A 10 5.43 -1.26 -4.63
N LYS A 11 6.43 -1.91 -5.19
CA LYS A 11 6.66 -1.91 -6.64
C LYS A 11 6.51 -3.34 -7.20
N GLY A 12 5.76 -3.47 -8.30
CA GLY A 12 5.57 -4.80 -8.90
C GLY A 12 4.85 -4.74 -10.24
N LYS A 13 4.35 -5.90 -10.68
CA LYS A 13 3.64 -6.03 -11.95
C LYS A 13 2.43 -6.96 -11.80
N PHE A 14 1.23 -6.48 -12.14
CA PHE A 14 0.02 -7.32 -12.05
C PHE A 14 -0.50 -7.72 -13.44
N LEU A 15 -0.79 -9.02 -13.61
CA LEU A 15 -1.29 -9.56 -14.87
C LEU A 15 -2.77 -9.19 -15.06
N MET A 16 -3.03 -8.19 -15.90
CA MET A 16 -4.39 -7.76 -16.22
C MET A 16 -4.63 -7.82 -17.73
N GLY A 17 -5.63 -8.59 -18.15
CA GLY A 17 -5.91 -8.76 -19.58
C GLY A 17 -4.74 -9.42 -20.34
N ASP A 18 -4.17 -10.47 -19.74
CA ASP A 18 -3.02 -11.19 -20.33
C ASP A 18 -1.79 -10.29 -20.54
N LYS A 19 -1.79 -9.13 -19.89
CA LYS A 19 -0.65 -8.19 -19.97
C LYS A 19 -0.14 -7.81 -18.57
N LEU A 20 1.17 -7.62 -18.44
CA LEU A 20 1.76 -7.22 -17.16
C LEU A 20 1.82 -5.68 -17.02
N GLN A 21 1.03 -5.13 -16.11
CA GLN A 21 1.07 -3.69 -15.82
C GLN A 21 1.90 -3.42 -14.56
N PRO A 22 3.02 -2.69 -14.67
CA PRO A 22 3.87 -2.34 -13.51
C PRO A 22 3.18 -1.30 -12.60
N PHE A 23 3.01 -1.64 -11.33
CA PHE A 23 2.33 -0.76 -10.38
C PHE A 23 3.30 -0.19 -9.32
N THR A 24 2.99 1.01 -8.84
CA THR A 24 3.71 1.63 -7.73
C THR A 24 2.71 2.02 -6.63
N LYS A 25 2.44 1.08 -5.72
CA LYS A 25 1.37 1.25 -4.73
C LYS A 25 1.89 1.73 -3.38
N GLU A 26 1.55 2.97 -3.02
CA GLU A 26 1.78 3.48 -1.67
C GLU A 26 0.57 3.13 -0.79
N LEU A 27 0.74 2.19 0.15
CA LEU A 27 -0.38 1.78 1.01
C LEU A 27 0.08 1.60 2.47
N ASN A 28 -0.85 1.71 3.40
CA ASN A 28 -0.53 1.60 4.83
C ASN A 28 -0.76 0.17 5.37
N ALA A 29 0.18 -0.32 6.17
CA ALA A 29 0.08 -1.64 6.79
C ALA A 29 0.99 -1.75 8.02
N ILE A 30 0.70 -2.71 8.90
CA ILE A 30 1.52 -2.95 10.09
C ILE A 30 2.81 -3.70 9.71
N ARG A 31 2.66 -4.86 9.09
CA ARG A 31 3.80 -5.69 8.64
C ARG A 31 3.63 -6.07 7.16
N GLU A 32 4.74 -6.42 6.50
CA GLU A 32 4.71 -6.77 5.07
C GLU A 32 3.68 -7.86 4.75
N GLU A 33 3.49 -8.79 5.68
CA GLU A 33 2.49 -9.86 5.54
C GLU A 33 1.09 -9.30 5.27
N GLU A 34 0.78 -8.16 5.90
CA GLU A 34 -0.51 -7.49 5.69
C GLU A 34 -0.63 -6.94 4.26
N ILE A 35 0.47 -6.33 3.79
CA ILE A 35 0.51 -5.68 2.47
C ILE A 35 -0.02 -6.59 1.35
N TYR A 36 0.46 -7.84 1.32
CA TYR A 36 0.09 -8.81 0.30
C TYR A 36 -1.44 -8.94 0.20
N GLU A 37 -2.09 -9.18 1.34
CA GLU A 37 -3.54 -9.35 1.40
C GLU A 37 -4.29 -8.04 1.09
N ARG A 38 -3.69 -6.91 1.47
CA ARG A 38 -4.26 -5.59 1.16
C ARG A 38 -4.33 -5.37 -0.36
N LEU A 39 -3.22 -5.65 -1.06
CA LEU A 39 -3.14 -5.49 -2.51
C LEU A 39 -4.09 -6.45 -3.25
N TYR A 40 -4.11 -7.72 -2.83
CA TYR A 40 -5.02 -8.71 -3.43
C TYR A 40 -6.47 -8.18 -3.47
N SER A 41 -6.88 -7.54 -2.37
CA SER A 41 -8.22 -6.95 -2.26
C SER A 41 -8.46 -5.87 -3.32
N GLU A 42 -7.56 -4.88 -3.37
CA GLU A 42 -7.73 -3.73 -4.26
C GLU A 42 -7.67 -4.12 -5.74
N PHE A 43 -6.63 -4.86 -6.14
CA PHE A 43 -6.48 -5.28 -7.55
C PHE A 43 -7.72 -6.06 -8.01
N GLY A 44 -8.19 -6.99 -7.18
CA GLY A 44 -9.42 -7.71 -7.48
C GLY A 44 -10.64 -6.80 -7.50
N SER A 45 -10.65 -5.80 -6.64
CA SER A 45 -11.79 -4.87 -6.51
C SER A 45 -11.94 -3.97 -7.76
N LYS A 46 -10.94 -3.12 -8.02
CA LYS A 46 -11.03 -2.12 -9.10
C LYS A 46 -10.55 -2.65 -10.48
N HIS A 47 -9.88 -3.81 -10.52
CA HIS A 47 -9.38 -4.33 -11.81
C HIS A 47 -9.70 -5.82 -12.01
N ARG A 48 -10.52 -6.40 -11.12
CA ARG A 48 -10.92 -7.81 -11.22
C ARG A 48 -9.71 -8.77 -11.26
N VAL A 49 -8.55 -8.32 -10.81
CA VAL A 49 -7.32 -9.13 -10.85
C VAL A 49 -7.27 -10.16 -9.70
N PRO A 50 -7.12 -11.45 -10.02
CA PRO A 50 -6.97 -12.51 -9.01
C PRO A 50 -5.62 -12.42 -8.27
N ARG A 51 -5.60 -12.87 -7.03
CA ARG A 51 -4.39 -12.83 -6.18
C ARG A 51 -3.19 -13.55 -6.85
N SER A 52 -3.48 -14.57 -7.65
CA SER A 52 -2.44 -15.36 -8.33
C SER A 52 -1.79 -14.56 -9.47
N LYS A 53 -2.53 -13.62 -10.05
CA LYS A 53 -2.04 -12.82 -11.18
C LYS A 53 -1.16 -11.64 -10.73
N VAL A 54 -1.05 -11.43 -9.42
CA VAL A 54 -0.25 -10.34 -8.87
C VAL A 54 1.20 -10.77 -8.61
N LYS A 55 2.16 -9.99 -9.13
CA LYS A 55 3.59 -10.26 -8.91
C LYS A 55 4.29 -9.06 -8.25
N ILE A 56 4.68 -9.21 -6.98
CA ILE A 56 5.37 -8.15 -6.25
C ILE A 56 6.90 -8.26 -6.37
N GLU A 57 7.55 -7.14 -6.69
CA GLU A 57 9.01 -7.12 -6.89
C GLU A 57 9.75 -6.62 -5.63
N GLU A 58 9.47 -5.39 -5.21
CA GLU A 58 10.18 -4.76 -4.08
C GLU A 58 9.23 -3.91 -3.20
N ILE A 59 9.36 -4.04 -1.87
CA ILE A 59 8.54 -3.26 -0.94
C ILE A 59 9.39 -2.20 -0.19
N GLU A 60 9.24 -0.94 -0.60
CA GLU A 60 9.94 0.19 0.04
C GLU A 60 9.15 0.72 1.25
N GLU A 61 9.87 1.16 2.28
CA GLU A 61 9.24 1.71 3.49
C GLU A 61 9.32 3.24 3.52
N ILE A 62 8.18 3.91 3.55
CA ILE A 62 8.14 5.39 3.59
C ILE A 62 7.32 5.89 4.79
N SER A 63 7.55 7.14 5.18
CA SER A 63 6.80 7.76 6.29
C SER A 63 5.60 8.57 5.76
N PRO A 64 4.62 8.92 6.63
CA PRO A 64 3.37 9.60 6.22
C PRO A 64 3.58 10.85 5.34
N GLU A 65 4.56 11.69 5.66
CA GLU A 65 4.79 12.92 4.88
C GLU A 65 5.66 12.67 3.63
N GLU A 66 6.05 11.42 3.42
CA GLU A 66 6.77 11.01 2.20
C GLU A 66 5.79 10.43 1.16
N VAL A 67 4.57 10.13 1.60
CA VAL A 67 3.54 9.55 0.73
C VAL A 67 2.99 10.57 -0.26
N GLN A 68 2.94 10.20 -1.54
CA GLN A 68 2.38 11.09 -2.57
C GLN A 68 0.87 10.87 -2.73
N ASP A 69 0.42 9.65 -2.45
CA ASP A 69 -1.01 9.32 -2.48
C ASP A 69 -1.76 10.05 -1.35
N PRO A 70 -2.72 10.93 -1.70
CA PRO A 70 -3.47 11.74 -0.70
C PRO A 70 -4.37 10.88 0.20
N VAL A 71 -4.93 9.80 -0.35
CA VAL A 71 -5.87 8.95 0.38
C VAL A 71 -5.18 8.18 1.52
N VAL A 72 -4.06 7.53 1.19
CA VAL A 72 -3.28 6.78 2.18
C VAL A 72 -2.61 7.73 3.19
N LYS A 73 -2.03 8.81 2.67
CA LYS A 73 -1.42 9.84 3.52
C LYS A 73 -2.43 10.37 4.57
N ALA A 74 -3.61 10.74 4.10
CA ALA A 74 -4.68 11.24 4.99
C ALA A 74 -5.19 10.14 5.94
N LEU A 75 -5.19 8.89 5.46
CA LEU A 75 -5.65 7.74 6.26
C LEU A 75 -4.81 7.60 7.55
N VAL A 76 -3.52 7.89 7.45
CA VAL A 76 -2.62 7.84 8.61
C VAL A 76 -2.62 9.16 9.39
N GLN A 77 -2.55 10.29 8.68
CA GLN A 77 -2.49 11.61 9.32
C GLN A 77 -3.70 11.89 10.24
N ARG A 78 -4.83 11.22 9.96
CA ARG A 78 -6.03 11.39 10.80
C ARG A 78 -5.82 10.85 12.23
N LEU A 79 -5.03 9.78 12.36
CA LEU A 79 -4.75 9.19 13.68
C LEU A 79 -3.46 9.77 14.29
N GLU A 80 -2.65 10.43 13.46
CA GLU A 80 -1.41 11.06 13.92
C GLU A 80 -1.68 12.26 14.85
N HIS A 81 -1.75 12.00 16.14
CA HIS A 81 -1.89 13.05 17.15
C HIS A 81 -0.50 13.50 17.65
N HIS A 82 -0.44 14.53 18.50
CA HIS A 82 0.83 15.05 19.04
C HIS A 82 1.63 15.78 17.95
N HIS A 83 0.94 16.55 17.11
CA HIS A 83 1.58 17.26 15.99
C HIS A 83 2.60 18.30 16.45
N HIS A 84 2.29 19.06 17.50
CA HIS A 84 3.17 20.15 17.95
C HIS A 84 3.09 20.37 19.46
N HIS A 85 4.24 20.21 20.14
CA HIS A 85 4.36 20.43 21.58
C HIS A 85 4.87 21.86 21.90
N HIS A 86 3.95 22.76 22.27
CA HIS A 86 4.28 24.18 22.50
C HIS A 86 4.80 24.88 21.22
N MET A 1 3.43 -5.42 21.09
CA MET A 1 3.50 -5.64 19.62
C MET A 1 2.44 -4.82 18.86
N LYS A 2 1.64 -4.04 19.56
CA LYS A 2 0.67 -3.16 18.92
C LYS A 2 1.36 -1.91 18.31
N MET A 3 1.65 -1.97 17.02
CA MET A 3 2.27 -0.84 16.32
C MET A 3 1.26 -0.12 15.41
N LYS A 4 1.69 0.94 14.75
CA LYS A 4 0.80 1.74 13.90
C LYS A 4 0.97 1.41 12.42
N THR A 5 -0.10 1.58 11.64
CA THR A 5 -0.06 1.32 10.20
C THR A 5 0.98 2.19 9.47
N LYS A 6 2.01 1.55 8.94
CA LYS A 6 3.06 2.23 8.18
C LYS A 6 2.75 2.24 6.68
N ILE A 7 3.19 3.27 5.97
CA ILE A 7 2.88 3.38 4.54
C ILE A 7 3.99 2.75 3.70
N PHE A 8 3.63 1.74 2.90
CA PHE A 8 4.59 1.02 2.08
C PHE A 8 4.48 1.38 0.59
N ARG A 9 5.56 1.93 0.04
CA ARG A 9 5.66 2.17 -1.40
C ARG A 9 6.01 0.86 -2.13
N VAL A 10 4.98 0.14 -2.56
CA VAL A 10 5.15 -1.18 -3.18
C VAL A 10 5.36 -1.09 -4.70
N LYS A 11 6.45 -1.67 -5.17
CA LYS A 11 6.76 -1.78 -6.59
C LYS A 11 6.47 -3.22 -7.09
N GLY A 12 5.65 -3.35 -8.13
CA GLY A 12 5.33 -4.69 -8.64
C GLY A 12 4.68 -4.66 -10.02
N LYS A 13 4.16 -5.80 -10.47
CA LYS A 13 3.49 -5.90 -11.78
C LYS A 13 2.14 -6.62 -11.65
N PHE A 14 1.13 -6.13 -12.36
CA PHE A 14 -0.17 -6.84 -12.42
C PHE A 14 -0.47 -7.30 -13.86
N LEU A 15 -0.91 -8.55 -13.99
CA LEU A 15 -1.19 -9.14 -15.30
C LEU A 15 -2.55 -8.67 -15.84
N MET A 16 -2.51 -7.81 -16.84
CA MET A 16 -3.72 -7.31 -17.50
C MET A 16 -3.60 -7.49 -19.02
N GLY A 17 -4.53 -8.25 -19.61
CA GLY A 17 -4.47 -8.54 -21.04
C GLY A 17 -3.21 -9.31 -21.44
N ASP A 18 -2.85 -10.31 -20.61
CA ASP A 18 -1.63 -11.12 -20.82
C ASP A 18 -0.35 -10.26 -20.89
N LYS A 19 -0.44 -9.05 -20.35
CA LYS A 19 0.72 -8.14 -20.28
C LYS A 19 0.94 -7.65 -18.83
N LEU A 20 2.20 -7.56 -18.44
CA LEU A 20 2.57 -7.16 -17.07
C LEU A 20 2.80 -5.65 -16.96
N GLN A 21 1.90 -4.94 -16.29
CA GLN A 21 2.05 -3.51 -16.05
C GLN A 21 2.73 -3.25 -14.68
N PRO A 22 3.95 -2.69 -14.68
CA PRO A 22 4.69 -2.39 -13.43
C PRO A 22 4.08 -1.21 -12.66
N PHE A 23 3.38 -1.50 -11.57
CA PHE A 23 2.69 -0.48 -10.78
C PHE A 23 3.51 -0.04 -9.54
N THR A 24 3.27 1.18 -9.08
CA THR A 24 3.83 1.70 -7.83
C THR A 24 2.70 2.03 -6.84
N LYS A 25 2.41 1.12 -5.94
CA LYS A 25 1.31 1.28 -4.99
C LYS A 25 1.80 1.73 -3.60
N GLU A 26 1.63 3.01 -3.30
CA GLU A 26 1.84 3.51 -1.94
C GLU A 26 0.57 3.31 -1.10
N LEU A 27 0.59 2.34 -0.20
CA LEU A 27 -0.59 2.02 0.62
C LEU A 27 -0.24 1.87 2.10
N ASN A 28 -1.25 1.98 2.96
CA ASN A 28 -1.07 1.85 4.40
C ASN A 28 -1.19 0.39 4.86
N ALA A 29 -0.26 -0.06 5.70
CA ALA A 29 -0.28 -1.43 6.22
C ALA A 29 0.55 -1.56 7.52
N ILE A 30 0.14 -2.46 8.40
CA ILE A 30 0.88 -2.70 9.65
C ILE A 30 2.21 -3.42 9.34
N ARG A 31 2.20 -4.24 8.30
CA ARG A 31 3.37 -5.06 7.92
C ARG A 31 3.22 -5.61 6.50
N GLU A 32 4.29 -6.19 5.95
CA GLU A 32 4.28 -6.80 4.61
C GLU A 32 3.12 -7.80 4.45
N GLU A 33 2.90 -8.60 5.49
CA GLU A 33 1.81 -9.59 5.50
C GLU A 33 0.44 -8.97 5.18
N GLU A 34 0.24 -7.71 5.55
CA GLU A 34 -1.03 -7.02 5.27
C GLU A 34 -1.11 -6.59 3.80
N ILE A 35 0.02 -6.09 3.28
CA ILE A 35 0.09 -5.52 1.93
C ILE A 35 -0.55 -6.42 0.86
N TYR A 36 -0.14 -7.69 0.85
CA TYR A 36 -0.63 -8.66 -0.13
C TYR A 36 -2.16 -8.69 -0.21
N GLU A 37 -2.82 -8.95 0.92
CA GLU A 37 -4.29 -9.02 0.96
C GLU A 37 -4.94 -7.66 0.61
N ARG A 38 -4.31 -6.57 1.04
CA ARG A 38 -4.82 -5.22 0.73
C ARG A 38 -4.80 -4.96 -0.79
N LEU A 39 -3.71 -5.36 -1.45
CA LEU A 39 -3.59 -5.22 -2.90
C LEU A 39 -4.56 -6.17 -3.63
N TYR A 40 -4.64 -7.43 -3.18
CA TYR A 40 -5.59 -8.39 -3.76
C TYR A 40 -7.02 -7.84 -3.69
N SER A 41 -7.34 -7.17 -2.58
CA SER A 41 -8.65 -6.55 -2.39
C SER A 41 -8.85 -5.35 -3.32
N GLU A 42 -7.88 -4.41 -3.33
CA GLU A 42 -7.99 -3.21 -4.15
C GLU A 42 -8.04 -3.55 -5.65
N PHE A 43 -7.03 -4.25 -6.15
CA PHE A 43 -7.01 -4.69 -7.55
C PHE A 43 -8.23 -5.55 -7.86
N GLY A 44 -8.65 -6.37 -6.91
CA GLY A 44 -9.86 -7.17 -7.04
C GLY A 44 -11.13 -6.32 -7.08
N SER A 45 -11.02 -5.06 -6.70
CA SER A 45 -12.16 -4.12 -6.74
C SER A 45 -12.14 -3.27 -8.02
N LYS A 46 -11.15 -2.38 -8.15
CA LYS A 46 -11.08 -1.44 -9.28
C LYS A 46 -10.90 -2.16 -10.64
N HIS A 47 -10.12 -3.23 -10.68
CA HIS A 47 -9.89 -3.97 -11.93
C HIS A 47 -10.42 -5.43 -11.85
N ARG A 48 -10.86 -5.84 -10.67
CA ARG A 48 -11.36 -7.21 -10.44
C ARG A 48 -10.30 -8.27 -10.81
N VAL A 49 -9.04 -7.99 -10.43
CA VAL A 49 -7.91 -8.89 -10.69
C VAL A 49 -7.72 -9.91 -9.55
N PRO A 50 -7.58 -11.21 -9.88
CA PRO A 50 -7.29 -12.26 -8.88
C PRO A 50 -5.81 -12.26 -8.42
N ARG A 51 -5.54 -12.87 -7.26
CA ARG A 51 -4.22 -12.82 -6.63
C ARG A 51 -3.10 -13.42 -7.51
N SER A 52 -3.42 -14.47 -8.27
CA SER A 52 -2.43 -15.13 -9.15
C SER A 52 -1.91 -14.17 -10.24
N LYS A 53 -2.60 -13.06 -10.45
CA LYS A 53 -2.20 -12.09 -11.46
C LYS A 53 -1.46 -10.89 -10.85
N VAL A 54 -1.25 -10.92 -9.53
CA VAL A 54 -0.57 -9.82 -8.81
C VAL A 54 0.82 -10.24 -8.31
N LYS A 55 1.86 -9.54 -8.77
CA LYS A 55 3.24 -9.84 -8.39
C LYS A 55 3.94 -8.61 -7.76
N ILE A 56 4.53 -8.80 -6.59
CA ILE A 56 5.25 -7.74 -5.88
C ILE A 56 6.77 -7.88 -6.04
N GLU A 57 7.42 -6.85 -6.57
CA GLU A 57 8.88 -6.85 -6.76
C GLU A 57 9.61 -6.33 -5.51
N GLU A 58 9.30 -5.09 -5.11
CA GLU A 58 10.02 -4.41 -4.02
C GLU A 58 9.04 -3.71 -3.06
N ILE A 59 9.43 -3.57 -1.79
CA ILE A 59 8.60 -2.91 -0.78
C ILE A 59 9.40 -1.87 0.02
N GLU A 60 8.94 -0.60 -0.01
CA GLU A 60 9.58 0.50 0.73
C GLU A 60 8.69 1.00 1.89
N GLU A 61 9.31 1.30 3.03
CA GLU A 61 8.57 1.77 4.22
C GLU A 61 8.79 3.27 4.46
N ILE A 62 7.76 4.09 4.24
CA ILE A 62 7.88 5.56 4.37
C ILE A 62 7.03 6.13 5.53
N SER A 63 7.30 7.39 5.87
CA SER A 63 6.63 8.08 7.00
C SER A 63 5.23 8.59 6.62
N PRO A 64 4.32 8.73 7.62
CA PRO A 64 2.91 9.15 7.40
C PRO A 64 2.75 10.46 6.61
N GLU A 65 3.49 11.50 7.01
CA GLU A 65 3.39 12.81 6.36
C GLU A 65 4.22 12.88 5.05
N GLU A 66 4.83 11.77 4.66
CA GLU A 66 5.68 11.72 3.46
C GLU A 66 5.06 10.89 2.34
N VAL A 67 3.74 10.68 2.40
CA VAL A 67 3.03 9.89 1.39
C VAL A 67 2.64 10.74 0.16
N GLN A 68 2.99 10.25 -1.03
CA GLN A 68 2.66 10.96 -2.27
C GLN A 68 1.16 10.93 -2.58
N ASP A 69 0.50 9.82 -2.25
CA ASP A 69 -0.93 9.67 -2.53
C ASP A 69 -1.80 10.36 -1.45
N PRO A 70 -2.69 11.27 -1.87
CA PRO A 70 -3.53 12.04 -0.92
C PRO A 70 -4.58 11.18 -0.18
N VAL A 71 -5.10 10.15 -0.86
CA VAL A 71 -6.14 9.29 -0.29
C VAL A 71 -5.57 8.38 0.81
N VAL A 72 -4.50 7.66 0.49
CA VAL A 72 -3.82 6.80 1.45
C VAL A 72 -3.28 7.62 2.64
N LYS A 73 -2.70 8.78 2.35
CA LYS A 73 -2.23 9.68 3.40
C LYS A 73 -3.40 10.10 4.32
N ALA A 74 -4.57 10.33 3.73
CA ALA A 74 -5.78 10.65 4.50
C ALA A 74 -6.19 9.49 5.41
N LEU A 75 -5.93 8.26 4.95
CA LEU A 75 -6.24 7.05 5.74
C LEU A 75 -5.31 6.95 6.97
N VAL A 76 -4.23 7.74 6.96
CA VAL A 76 -3.31 7.79 8.10
C VAL A 76 -3.54 9.07 8.96
N GLN A 77 -3.78 10.19 8.29
CA GLN A 77 -4.04 11.47 8.98
C GLN A 77 -5.19 11.34 9.99
N ARG A 78 -6.14 10.46 9.69
CA ARG A 78 -7.30 10.22 10.57
C ARG A 78 -6.88 9.74 11.99
N LEU A 79 -5.71 9.11 12.09
CA LEU A 79 -5.19 8.63 13.38
C LEU A 79 -3.99 9.45 13.86
N GLU A 80 -3.60 10.43 13.05
CA GLU A 80 -2.42 11.27 13.34
C GLU A 80 -2.61 12.07 14.65
N HIS A 81 -1.51 12.49 15.25
CA HIS A 81 -1.52 13.13 16.56
C HIS A 81 -0.59 14.37 16.60
N HIS A 82 -1.17 15.54 16.87
CA HIS A 82 -0.40 16.78 16.97
C HIS A 82 -0.03 17.06 18.43
N HIS A 83 1.18 17.57 18.66
CA HIS A 83 1.66 17.83 20.03
C HIS A 83 0.94 19.02 20.67
N HIS A 84 1.05 19.14 21.99
CA HIS A 84 0.50 20.26 22.74
C HIS A 84 1.12 21.59 22.30
N HIS A 85 2.36 21.51 21.81
CA HIS A 85 3.03 22.67 21.22
C HIS A 85 2.31 23.13 19.94
N HIS A 86 2.33 24.42 19.66
CA HIS A 86 1.68 24.98 18.47
C HIS A 86 2.49 24.67 17.18
N MET A 1 7.22 3.08 22.76
CA MET A 1 6.88 1.68 22.36
C MET A 1 5.89 1.63 21.18
N LYS A 2 4.95 2.58 21.13
CA LYS A 2 3.94 2.61 20.06
C LYS A 2 4.56 3.05 18.71
N MET A 3 5.01 2.06 17.93
CA MET A 3 5.49 2.29 16.57
C MET A 3 4.31 2.45 15.60
N LYS A 4 4.44 3.35 14.62
CA LYS A 4 3.36 3.58 13.65
C LYS A 4 3.32 2.50 12.57
N THR A 5 2.27 2.52 11.75
CA THR A 5 2.13 1.56 10.65
C THR A 5 3.16 1.85 9.54
N LYS A 6 4.21 1.04 9.48
CA LYS A 6 5.28 1.22 8.48
C LYS A 6 4.74 1.09 7.05
N ILE A 7 5.16 2.01 6.17
CA ILE A 7 4.66 2.02 4.80
C ILE A 7 5.64 1.30 3.85
N PHE A 8 5.10 0.50 2.94
CA PHE A 8 5.92 -0.23 1.98
C PHE A 8 5.60 0.20 0.54
N ARG A 9 6.56 0.87 -0.11
CA ARG A 9 6.44 1.19 -1.53
C ARG A 9 6.66 -0.08 -2.38
N VAL A 10 5.55 -0.73 -2.74
CA VAL A 10 5.60 -1.99 -3.46
C VAL A 10 5.56 -1.78 -4.99
N LYS A 11 6.60 -2.26 -5.67
CA LYS A 11 6.66 -2.27 -7.12
C LYS A 11 6.16 -3.63 -7.66
N GLY A 12 5.26 -3.59 -8.63
CA GLY A 12 4.74 -4.82 -9.20
C GLY A 12 4.16 -4.63 -10.59
N LYS A 13 3.54 -5.68 -11.13
CA LYS A 13 2.92 -5.63 -12.46
C LYS A 13 1.58 -6.38 -12.46
N PHE A 14 0.49 -5.67 -12.79
CA PHE A 14 -0.85 -6.27 -12.79
C PHE A 14 -1.30 -6.62 -14.22
N LEU A 15 -2.01 -7.73 -14.36
CA LEU A 15 -2.49 -8.19 -15.67
C LEU A 15 -3.74 -7.40 -16.12
N MET A 16 -3.66 -6.82 -17.32
CA MET A 16 -4.79 -6.10 -17.92
C MET A 16 -4.81 -6.34 -19.44
N GLY A 17 -5.78 -7.14 -19.90
CA GLY A 17 -5.86 -7.47 -21.32
C GLY A 17 -4.70 -8.35 -21.78
N ASP A 18 -4.37 -9.36 -20.96
CA ASP A 18 -3.27 -10.30 -21.24
C ASP A 18 -1.89 -9.60 -21.31
N LYS A 19 -1.79 -8.38 -20.77
CA LYS A 19 -0.51 -7.65 -20.70
C LYS A 19 -0.21 -7.24 -19.25
N LEU A 20 1.08 -7.15 -18.91
CA LEU A 20 1.51 -6.76 -17.56
C LEU A 20 1.87 -5.27 -17.48
N GLN A 21 1.12 -4.52 -16.68
CA GLN A 21 1.38 -3.09 -16.46
C GLN A 21 2.03 -2.84 -15.09
N PRO A 22 3.23 -2.22 -15.06
CA PRO A 22 3.96 -1.91 -13.82
C PRO A 22 3.26 -0.83 -12.95
N PHE A 23 3.00 -1.17 -11.69
CA PHE A 23 2.40 -0.23 -10.73
C PHE A 23 3.33 0.05 -9.55
N THR A 24 3.19 1.23 -8.92
CA THR A 24 3.93 1.57 -7.71
C THR A 24 2.96 1.86 -6.55
N LYS A 25 2.69 0.86 -5.72
CA LYS A 25 1.73 1.00 -4.63
C LYS A 25 2.39 1.34 -3.29
N GLU A 26 2.13 2.54 -2.79
CA GLU A 26 2.61 2.95 -1.47
C GLU A 26 1.53 2.70 -0.42
N LEU A 27 1.62 1.60 0.32
CA LEU A 27 0.59 1.23 1.31
C LEU A 27 1.20 0.92 2.68
N ASN A 28 0.45 1.20 3.73
CA ASN A 28 0.92 0.98 5.11
C ASN A 28 0.57 -0.43 5.61
N ALA A 29 1.51 -1.07 6.30
CA ALA A 29 1.32 -2.40 6.86
C ALA A 29 2.28 -2.68 8.02
N ILE A 30 1.86 -3.52 8.96
CA ILE A 30 2.73 -3.94 10.07
C ILE A 30 3.90 -4.79 9.53
N ARG A 31 3.56 -5.73 8.65
CA ARG A 31 4.54 -6.61 8.01
C ARG A 31 4.18 -6.84 6.53
N GLU A 32 5.13 -7.37 5.76
CA GLU A 32 4.96 -7.55 4.31
C GLU A 32 3.79 -8.50 3.96
N GLU A 33 3.51 -9.46 4.85
CA GLU A 33 2.40 -10.40 4.65
C GLU A 33 1.05 -9.67 4.49
N GLU A 34 0.87 -8.58 5.24
CA GLU A 34 -0.38 -7.82 5.23
C GLU A 34 -0.62 -7.16 3.86
N ILE A 35 0.48 -6.77 3.21
CA ILE A 35 0.45 -6.12 1.90
C ILE A 35 -0.35 -6.93 0.88
N TYR A 36 -0.05 -8.23 0.79
CA TYR A 36 -0.69 -9.13 -0.16
C TYR A 36 -2.23 -9.06 -0.09
N GLU A 37 -2.77 -9.32 1.09
CA GLU A 37 -4.22 -9.34 1.29
C GLU A 37 -4.88 -8.00 0.90
N ARG A 38 -4.25 -6.89 1.29
CA ARG A 38 -4.78 -5.55 1.03
C ARG A 38 -4.74 -5.19 -0.47
N LEU A 39 -3.60 -5.43 -1.13
CA LEU A 39 -3.46 -5.10 -2.56
C LEU A 39 -4.48 -5.85 -3.43
N TYR A 40 -4.61 -7.15 -3.22
CA TYR A 40 -5.55 -7.97 -4.01
C TYR A 40 -6.99 -7.42 -3.89
N SER A 41 -7.33 -6.94 -2.70
CA SER A 41 -8.64 -6.29 -2.47
C SER A 41 -8.77 -5.00 -3.29
N GLU A 42 -7.75 -4.16 -3.21
CA GLU A 42 -7.77 -2.86 -3.90
C GLU A 42 -7.83 -3.02 -5.43
N PHE A 43 -6.92 -3.82 -5.98
CA PHE A 43 -6.90 -4.06 -7.43
C PHE A 43 -8.20 -4.70 -7.92
N GLY A 44 -8.79 -5.57 -7.11
CA GLY A 44 -10.10 -6.12 -7.41
C GLY A 44 -11.20 -5.05 -7.36
N SER A 45 -10.98 -4.01 -6.55
CA SER A 45 -11.94 -2.91 -6.42
C SER A 45 -11.86 -1.91 -7.58
N LYS A 46 -10.64 -1.39 -7.87
CA LYS A 46 -10.47 -0.37 -8.91
C LYS A 46 -10.27 -0.96 -10.33
N HIS A 47 -9.48 -2.03 -10.45
CA HIS A 47 -9.19 -2.60 -11.79
C HIS A 47 -9.88 -3.97 -12.01
N ARG A 48 -10.56 -4.48 -10.98
CA ARG A 48 -11.24 -5.79 -11.05
C ARG A 48 -10.24 -6.93 -11.31
N VAL A 49 -8.97 -6.71 -11.00
CA VAL A 49 -7.91 -7.71 -11.24
C VAL A 49 -7.80 -8.70 -10.06
N PRO A 50 -7.96 -10.01 -10.34
CA PRO A 50 -7.85 -11.07 -9.31
C PRO A 50 -6.40 -11.31 -8.86
N ARG A 51 -6.22 -11.84 -7.65
CA ARG A 51 -4.89 -12.07 -7.08
C ARG A 51 -4.04 -13.01 -7.95
N SER A 52 -4.70 -13.92 -8.66
CA SER A 52 -4.01 -14.84 -9.58
C SER A 52 -3.37 -14.10 -10.76
N LYS A 53 -3.78 -12.84 -10.97
CA LYS A 53 -3.24 -12.02 -12.04
C LYS A 53 -2.43 -10.81 -11.51
N VAL A 54 -2.15 -10.79 -10.21
CA VAL A 54 -1.32 -9.74 -9.60
C VAL A 54 0.08 -10.27 -9.26
N LYS A 55 1.12 -9.59 -9.73
CA LYS A 55 2.50 -10.02 -9.50
C LYS A 55 3.31 -8.95 -8.73
N ILE A 56 3.70 -9.27 -7.50
CA ILE A 56 4.51 -8.34 -6.68
C ILE A 56 6.02 -8.54 -6.94
N GLU A 57 6.66 -7.51 -7.49
CA GLU A 57 8.07 -7.60 -7.91
C GLU A 57 9.05 -7.24 -6.78
N GLU A 58 8.85 -6.08 -6.15
CA GLU A 58 9.76 -5.61 -5.10
C GLU A 58 9.02 -4.79 -4.03
N ILE A 59 9.55 -4.77 -2.81
CA ILE A 59 8.94 -4.05 -1.68
C ILE A 59 9.98 -3.16 -0.96
N GLU A 60 9.68 -1.86 -0.85
CA GLU A 60 10.59 -0.90 -0.20
C GLU A 60 9.95 -0.28 1.06
N GLU A 61 10.58 -0.46 2.22
CA GLU A 61 10.06 0.05 3.49
C GLU A 61 10.43 1.55 3.67
N ILE A 62 9.42 2.42 3.64
CA ILE A 62 9.64 3.88 3.68
C ILE A 62 8.89 4.56 4.84
N SER A 63 9.28 5.79 5.14
CA SER A 63 8.66 6.57 6.22
C SER A 63 7.38 7.29 5.74
N PRO A 64 6.43 7.57 6.64
CA PRO A 64 5.13 8.20 6.29
C PRO A 64 5.26 9.45 5.41
N GLU A 65 6.23 10.31 5.70
CA GLU A 65 6.43 11.54 4.92
C GLU A 65 6.95 11.26 3.49
N GLU A 66 7.54 10.08 3.29
CA GLU A 66 8.05 9.69 1.97
C GLU A 66 6.96 9.04 1.11
N VAL A 67 5.73 9.01 1.64
CA VAL A 67 4.58 8.46 0.90
C VAL A 67 3.89 9.55 0.09
N GLN A 68 3.99 9.46 -1.23
CA GLN A 68 3.41 10.46 -2.12
C GLN A 68 1.90 10.29 -2.28
N ASP A 69 1.40 9.07 -2.05
CA ASP A 69 -0.04 8.81 -2.08
C ASP A 69 -0.73 9.55 -0.90
N PRO A 70 -1.54 10.60 -1.21
CA PRO A 70 -2.18 11.43 -0.18
C PRO A 70 -3.22 10.67 0.67
N VAL A 71 -3.79 9.61 0.11
CA VAL A 71 -4.80 8.81 0.82
C VAL A 71 -4.16 7.89 1.87
N VAL A 72 -3.16 7.12 1.43
CA VAL A 72 -2.43 6.24 2.35
C VAL A 72 -1.67 7.06 3.42
N LYS A 73 -0.98 8.10 2.98
CA LYS A 73 -0.28 9.00 3.90
C LYS A 73 -1.27 9.60 4.92
N ALA A 74 -2.50 9.88 4.47
CA ALA A 74 -3.55 10.36 5.36
C ALA A 74 -4.00 9.27 6.34
N LEU A 75 -4.07 8.03 5.86
CA LEU A 75 -4.45 6.87 6.68
C LEU A 75 -3.42 6.62 7.80
N VAL A 76 -2.16 6.94 7.53
CA VAL A 76 -1.10 6.83 8.53
C VAL A 76 -1.08 8.05 9.46
N GLN A 77 -0.96 9.24 8.88
CA GLN A 77 -0.82 10.48 9.65
C GLN A 77 -2.09 10.85 10.43
N ARG A 78 -3.21 10.18 10.16
CA ARG A 78 -4.48 10.46 10.87
C ARG A 78 -4.34 10.22 12.38
N LEU A 79 -3.62 9.17 12.77
CA LEU A 79 -3.42 8.85 14.20
C LEU A 79 -2.36 9.76 14.82
N GLU A 80 -1.63 10.50 13.99
CA GLU A 80 -0.65 11.48 14.47
C GLU A 80 -1.27 12.89 14.57
N HIS A 81 -2.10 13.24 13.58
CA HIS A 81 -2.77 14.55 13.57
C HIS A 81 -3.77 14.68 14.72
N HIS A 82 -3.28 15.21 15.84
CA HIS A 82 -4.09 15.32 17.06
C HIS A 82 -4.49 16.77 17.36
N HIS A 83 -5.79 17.00 17.51
CA HIS A 83 -6.28 18.31 17.98
C HIS A 83 -6.57 18.22 19.48
N HIS A 84 -5.51 18.17 20.27
CA HIS A 84 -5.62 17.88 21.70
C HIS A 84 -4.49 18.56 22.49
N HIS A 85 -4.79 19.72 23.06
CA HIS A 85 -3.78 20.51 23.79
C HIS A 85 -3.79 20.18 25.30
N HIS A 86 -4.77 19.39 25.73
CA HIS A 86 -4.87 19.00 27.14
C HIS A 86 -4.77 17.47 27.34
#